data_6CM2
#
_entry.id   6CM2
#
_cell.length_a   87.492
_cell.length_b   146.536
_cell.length_c   98.552
_cell.angle_alpha   90.00
_cell.angle_beta   114.61
_cell.angle_gamma   90.00
#
_symmetry.space_group_name_H-M   'P 1 21 1'
#
loop_
_entity.id
_entity.type
_entity.pdbx_description
1 polymer 'Deoxynucleoside triphosphate triphosphohydrolase SAMHD1'
2 non-polymer 6-amino-3-{2-deoxy-5-O-[(R)-hydroxy{[(S)-hydroxy(phosphonooxy)phosphoryl]oxy}phosphoryl]-beta-D-erythro-pentofuranosyl}-3,4-dihydro-1,3,5-triazin-2(1H)-one
3 non-polymer "GUANOSINE-5'-TRIPHOSPHATE"
4 non-polymer 'MAGNESIUM ION'
5 water water
#
_entity_poly.entity_id   1
_entity_poly.type   'polypeptide(L)'
_entity_poly.pdbx_seq_one_letter_code
;DTMKVINDPIHGHIELHPLLVRIIDTPQFQRLRYIKQLGGGYYVFPGASHNRFEHSLGVGYLAGCLVHALGEKQPELQIS
ERDVLCVQIAGLCRNLGHGPFSHMFDGRFIPLARPEVKWTHEQGSVMMFEHLINSNGIKPVMEQYGLIPEEDICFIKEQI
VGPLESPVEDSLWPYKGRPENKSFLYEIVSNKRNGIDVDKWDYFARDCHHLGIQNNFDYKRFIKFARVCEVDNELRICAR
DKEVGNLYDMFHTRNSLHRRAYQHKVGNIIDTMITDAFLKADDYIEITGAGGKKYRISTAIDDMEAYTKLTDNIFLEILY
STDPKLKDAREILKQIEYRNLFKYVGETQPTGQIKIKREDYESLPKEVASAKPKVLLDVKLKAEDFIVDVINMDYGMQEK
NPIDHVSFYCKTAPNRAIRITKNQVSQLLPEKFAEQLIRVYCKKVDRKSLYAARQYFVQWCADRNFTKPQDGDVIAPLIT
PQKKEWNDSTSVQNPTRLREASKSRVQLFKDDPM
;
_entity_poly.pdbx_strand_id   D,C,B,A
#
loop_
_chem_comp.id
_chem_comp.type
_chem_comp.name
_chem_comp.formula
F6G non-polymer 6-amino-3-{2-deoxy-5-O-[(R)-hydroxy{[(S)-hydroxy(phosphonooxy)phosphoryl]oxy}phosphoryl]-beta-D-erythro-pentofuranosyl}-3,4-dihydro-1,3,5-triazin-2(1H)-one 'C8 H17 N4 O13 P3'
GTP non-polymer GUANOSINE-5'-TRIPHOSPHATE 'C10 H16 N5 O14 P3'
MG non-polymer 'MAGNESIUM ION' 'Mg 2'
#
# COMPACT_ATOMS: atom_id res chain seq x y z
N ASP A 1 13.62 8.75 -32.22
CA ASP A 1 12.28 8.38 -31.69
C ASP A 1 12.41 8.21 -30.17
N THR A 2 11.41 8.75 -29.48
CA THR A 2 11.35 8.74 -28.02
C THR A 2 10.43 7.59 -27.49
N MET A 3 10.52 7.41 -26.18
CA MET A 3 9.95 6.29 -25.47
C MET A 3 8.46 6.55 -25.13
N LYS A 4 7.60 5.53 -25.28
CA LYS A 4 6.29 5.58 -24.62
C LYS A 4 6.39 5.24 -23.13
N VAL A 5 5.70 6.05 -22.33
CA VAL A 5 5.50 5.75 -20.93
C VAL A 5 4.12 5.11 -20.82
N ILE A 6 4.06 4.07 -20.01
CA ILE A 6 2.81 3.41 -19.59
C ILE A 6 2.77 3.41 -18.05
N ASN A 7 1.60 3.69 -17.46
CA ASN A 7 1.45 3.64 -15.99
C ASN A 7 0.87 2.27 -15.62
N ASP A 8 1.69 1.51 -14.92
CA ASP A 8 1.29 0.22 -14.40
C ASP A 8 1.11 0.32 -12.85
N PRO A 9 -0.06 -0.12 -12.34
CA PRO A 9 -0.20 -0.14 -10.85
C PRO A 9 0.91 -0.89 -10.04
N ILE A 10 1.57 -1.89 -10.58
CA ILE A 10 2.64 -2.64 -9.89
C ILE A 10 4.00 -1.94 -9.94
N HIS A 11 4.43 -1.54 -11.13
CA HIS A 11 5.79 -1.03 -11.37
C HIS A 11 5.85 0.47 -11.54
N GLY A 12 4.73 1.13 -11.66
CA GLY A 12 4.73 2.56 -11.94
C GLY A 12 4.91 2.81 -13.43
N HIS A 13 5.58 3.91 -13.69
CA HIS A 13 5.73 4.43 -15.02
C HIS A 13 6.87 3.74 -15.73
N ILE A 14 6.51 2.90 -16.69
CA ILE A 14 7.43 2.06 -17.39
C ILE A 14 7.59 2.77 -18.73
N GLU A 15 8.86 2.86 -19.15
CA GLU A 15 9.28 3.31 -20.45
C GLU A 15 9.40 2.17 -21.46
N LEU A 16 8.80 2.32 -22.62
CA LEU A 16 8.82 1.29 -23.62
C LEU A 16 9.49 1.80 -24.87
N HIS A 17 10.46 1.05 -25.35
CA HIS A 17 11.21 1.41 -26.55
C HIS A 17 10.30 1.26 -27.78
N PRO A 18 10.53 2.08 -28.83
CA PRO A 18 9.59 2.00 -29.98
C PRO A 18 9.48 0.60 -30.64
N LEU A 19 10.55 -0.17 -30.64
CA LEU A 19 10.49 -1.52 -31.14
C LEU A 19 9.47 -2.36 -30.32
N LEU A 20 9.56 -2.25 -29.00
CA LEU A 20 8.60 -2.92 -28.08
C LEU A 20 7.20 -2.45 -28.35
N VAL A 21 6.99 -1.16 -28.61
CA VAL A 21 5.65 -0.69 -28.94
C VAL A 21 5.08 -1.31 -30.17
N ARG A 22 5.95 -1.43 -31.17
CA ARG A 22 5.58 -2.09 -32.44
C ARG A 22 5.15 -3.56 -32.22
N ILE A 23 5.84 -4.31 -31.36
CA ILE A 23 5.46 -5.71 -31.08
C ILE A 23 4.11 -5.82 -30.33
N ILE A 24 3.92 -4.89 -29.41
CA ILE A 24 2.73 -4.82 -28.58
C ILE A 24 1.46 -4.51 -29.38
N ASP A 25 1.52 -3.52 -30.28
CA ASP A 25 0.43 -3.11 -31.15
C ASP A 25 0.22 -4.02 -32.35
N THR A 26 -0.07 -5.28 -32.08
CA THR A 26 -0.39 -6.28 -33.07
C THR A 26 -1.54 -7.12 -32.54
N PRO A 27 -2.35 -7.69 -33.44
CA PRO A 27 -3.40 -8.58 -32.95
C PRO A 27 -2.90 -9.72 -32.06
N GLN A 28 -1.67 -10.19 -32.31
CA GLN A 28 -1.13 -11.37 -31.64
C GLN A 28 -0.75 -11.05 -30.22
N PHE A 29 -0.36 -9.80 -29.94
CA PHE A 29 -0.05 -9.40 -28.56
C PHE A 29 -1.30 -8.94 -27.83
N GLN A 30 -2.13 -8.15 -28.53
CA GLN A 30 -3.29 -7.53 -27.94
C GLN A 30 -4.28 -8.60 -27.52
N ARG A 31 -4.26 -9.73 -28.20
CA ARG A 31 -4.98 -10.94 -27.77
C ARG A 31 -4.95 -11.19 -26.24
N LEU A 32 -3.80 -10.95 -25.61
CA LEU A 32 -3.63 -11.27 -24.23
C LEU A 32 -4.54 -10.45 -23.32
N ARG A 33 -5.11 -9.37 -23.84
CA ARG A 33 -6.13 -8.63 -23.09
C ARG A 33 -7.38 -9.42 -22.78
N TYR A 34 -7.61 -10.53 -23.51
CA TYR A 34 -8.86 -11.29 -23.43
C TYR A 34 -8.62 -12.68 -22.84
N ILE A 35 -7.52 -12.80 -22.11
CA ILE A 35 -7.17 -14.01 -21.40
C ILE A 35 -6.79 -13.69 -19.95
N LYS A 36 -7.61 -14.13 -19.02
CA LYS A 36 -7.39 -13.92 -17.58
C LYS A 36 -6.20 -14.67 -17.08
N GLN A 37 -5.35 -13.98 -16.34
CA GLN A 37 -4.15 -14.55 -15.76
C GLN A 37 -4.43 -15.79 -14.99
N LEU A 38 -5.48 -15.74 -14.14
CA LEU A 38 -5.73 -16.79 -13.14
C LEU A 38 -6.90 -17.72 -13.49
N GLY A 39 -7.39 -17.61 -14.73
CA GLY A 39 -8.45 -18.46 -15.23
C GLY A 39 -9.71 -18.28 -14.45
N GLY A 40 -10.26 -19.42 -13.99
CA GLY A 40 -11.43 -19.50 -13.09
C GLY A 40 -11.29 -18.86 -11.71
N GLY A 41 -10.07 -18.50 -11.32
CA GLY A 41 -9.81 -17.77 -10.10
C GLY A 41 -10.65 -16.52 -9.87
N TYR A 42 -10.97 -15.77 -10.91
CA TYR A 42 -11.82 -14.55 -10.84
C TYR A 42 -13.22 -14.88 -10.27
N TYR A 43 -13.65 -16.14 -10.44
CA TYR A 43 -14.95 -16.56 -9.95
C TYR A 43 -14.91 -16.89 -8.45
N VAL A 44 -13.73 -16.71 -7.82
CA VAL A 44 -13.49 -16.86 -6.39
C VAL A 44 -12.88 -15.63 -5.72
N PHE A 45 -11.95 -14.98 -6.43
CA PHE A 45 -11.35 -13.78 -5.98
C PHE A 45 -11.78 -12.70 -6.92
N PRO A 46 -12.81 -11.94 -6.55
CA PRO A 46 -13.37 -10.96 -7.55
C PRO A 46 -12.44 -9.86 -7.95
N GLY A 47 -11.35 -9.69 -7.22
CA GLY A 47 -10.31 -8.78 -7.62
C GLY A 47 -9.43 -9.27 -8.75
N ALA A 48 -9.43 -10.58 -9.02
CA ALA A 48 -8.51 -11.16 -9.95
C ALA A 48 -9.08 -11.05 -11.39
N SER A 49 -9.34 -9.84 -11.85
CA SER A 49 -9.84 -9.60 -13.24
C SER A 49 -8.68 -9.36 -14.25
N HIS A 50 -7.44 -9.36 -13.75
CA HIS A 50 -6.28 -9.15 -14.56
C HIS A 50 -6.02 -10.23 -15.60
N ASN A 51 -5.45 -9.77 -16.71
CA ASN A 51 -5.24 -10.54 -17.91
C ASN A 51 -3.75 -10.66 -18.19
N ARG A 52 -3.41 -11.57 -19.08
CA ARG A 52 -2.04 -11.87 -19.40
C ARG A 52 -1.30 -10.69 -20.00
N PHE A 53 -2.03 -9.79 -20.66
CA PHE A 53 -1.46 -8.62 -21.27
C PHE A 53 -0.60 -7.77 -20.31
N GLU A 54 -1.24 -7.21 -19.29
CA GLU A 54 -0.53 -6.41 -18.30
C GLU A 54 0.59 -7.21 -17.60
N HIS A 55 0.37 -8.49 -17.33
CA HIS A 55 1.44 -9.29 -16.78
C HIS A 55 2.63 -9.34 -17.76
N SER A 56 2.37 -9.47 -19.07
CA SER A 56 3.45 -9.51 -20.02
C SER A 56 4.25 -8.20 -20.05
N LEU A 57 3.57 -7.05 -20.06
CA LEU A 57 4.28 -5.79 -19.97
C LEU A 57 5.23 -5.78 -18.79
N GLY A 58 4.73 -6.27 -17.65
CA GLY A 58 5.48 -6.33 -16.43
C GLY A 58 6.70 -7.22 -16.52
N VAL A 59 6.56 -8.40 -17.12
CA VAL A 59 7.74 -9.28 -17.28
C VAL A 59 8.85 -8.66 -18.16
N GLY A 60 8.47 -8.06 -19.26
CA GLY A 60 9.40 -7.33 -20.10
C GLY A 60 10.06 -6.20 -19.34
N TYR A 61 9.29 -5.50 -18.52
CA TYR A 61 9.87 -4.41 -17.72
C TYR A 61 10.94 -4.95 -16.79
N LEU A 62 10.61 -5.99 -16.04
CA LEU A 62 11.53 -6.50 -15.07
C LEU A 62 12.74 -7.16 -15.76
N ALA A 63 12.54 -7.84 -16.87
CA ALA A 63 13.67 -8.38 -17.60
C ALA A 63 14.70 -7.27 -17.96
N GLY A 64 14.24 -6.12 -18.43
CA GLY A 64 15.11 -4.95 -18.61
C GLY A 64 15.78 -4.37 -17.37
N CYS A 65 15.08 -4.38 -16.22
CA CYS A 65 15.67 -3.93 -14.95
C CYS A 65 16.82 -4.83 -14.58
N LEU A 66 16.61 -6.13 -14.68
CA LEU A 66 17.65 -7.03 -14.26
C LEU A 66 18.88 -6.87 -15.20
N VAL A 67 18.67 -6.88 -16.52
CA VAL A 67 19.81 -6.76 -17.45
C VAL A 67 20.51 -5.39 -17.33
N HIS A 68 19.73 -4.31 -17.16
CA HIS A 68 20.34 -2.96 -17.01
C HIS A 68 21.19 -2.91 -15.75
N ALA A 69 20.67 -3.42 -14.62
CA ALA A 69 21.39 -3.44 -13.35
C ALA A 69 22.70 -4.22 -13.41
N LEU A 70 22.73 -5.37 -14.06
CA LEU A 70 23.94 -6.15 -14.19
C LEU A 70 24.97 -5.36 -15.02
N GLY A 71 24.52 -4.75 -16.11
CA GLY A 71 25.31 -3.87 -16.99
C GLY A 71 25.95 -2.70 -16.28
N GLU A 72 25.18 -1.97 -15.51
CA GLU A 72 25.73 -0.81 -14.79
C GLU A 72 26.84 -1.20 -13.81
N LYS A 73 26.62 -2.24 -13.00
CA LYS A 73 27.59 -2.67 -11.97
C LYS A 73 28.85 -3.29 -12.58
N GLN A 74 28.67 -4.09 -13.64
CA GLN A 74 29.75 -4.85 -14.28
C GLN A 74 29.87 -4.53 -15.80
N PRO A 75 30.54 -3.39 -16.17
CA PRO A 75 30.68 -3.04 -17.61
C PRO A 75 31.52 -4.06 -18.39
N GLU A 76 32.41 -4.73 -17.69
CA GLU A 76 33.21 -5.80 -18.26
C GLU A 76 32.38 -6.94 -18.90
N LEU A 77 31.05 -7.02 -18.67
CA LEU A 77 30.26 -8.06 -19.34
C LEU A 77 29.93 -7.73 -20.78
N GLN A 78 30.12 -6.49 -21.18
CA GLN A 78 29.83 -6.04 -22.57
C GLN A 78 28.36 -6.23 -22.91
N ILE A 79 27.46 -5.92 -22.00
CA ILE A 79 26.01 -5.99 -22.32
C ILE A 79 25.73 -4.82 -23.27
N SER A 80 25.24 -5.13 -24.47
CA SER A 80 24.90 -4.12 -25.48
C SER A 80 23.44 -3.72 -25.37
N GLU A 81 23.08 -2.54 -25.88
CA GLU A 81 21.64 -2.18 -26.09
C GLU A 81 20.94 -3.30 -26.85
N ARG A 82 21.61 -3.95 -27.80
CA ARG A 82 21.00 -5.10 -28.48
C ARG A 82 20.47 -6.16 -27.47
N ASP A 83 21.36 -6.61 -26.61
CA ASP A 83 21.06 -7.65 -25.62
C ASP A 83 19.86 -7.27 -24.72
N VAL A 84 19.87 -6.04 -24.21
CA VAL A 84 18.77 -5.46 -23.42
C VAL A 84 17.45 -5.55 -24.17
N LEU A 85 17.41 -5.11 -25.42
CA LEU A 85 16.19 -5.20 -26.18
C LEU A 85 15.73 -6.60 -26.40
N CYS A 86 16.64 -7.52 -26.66
CA CYS A 86 16.23 -8.89 -26.92
C CYS A 86 15.69 -9.54 -25.67
N VAL A 87 16.28 -9.24 -24.53
CA VAL A 87 15.83 -9.79 -23.25
C VAL A 87 14.48 -9.19 -22.90
N GLN A 88 14.32 -7.91 -23.13
CA GLN A 88 13.01 -7.31 -22.93
C GLN A 88 11.98 -7.95 -23.84
N ILE A 89 12.30 -8.14 -25.12
CA ILE A 89 11.33 -8.78 -26.01
C ILE A 89 10.95 -10.22 -25.56
N ALA A 90 11.93 -10.97 -25.15
CA ALA A 90 11.68 -12.32 -24.64
C ALA A 90 10.75 -12.24 -23.44
N GLY A 91 11.03 -11.30 -22.56
CA GLY A 91 10.14 -11.04 -21.40
C GLY A 91 8.70 -10.70 -21.78
N LEU A 92 8.49 -9.78 -22.73
CA LEU A 92 7.16 -9.47 -23.23
C LEU A 92 6.43 -10.62 -23.87
N CYS A 93 7.14 -11.50 -24.56
CA CYS A 93 6.48 -12.49 -25.44
C CYS A 93 6.42 -13.93 -24.91
N ARG A 94 6.98 -14.12 -23.74
CA ARG A 94 6.90 -15.33 -22.96
C ARG A 94 5.52 -15.94 -22.78
N ASN A 95 4.53 -15.10 -22.57
CA ASN A 95 3.11 -15.50 -22.39
C ASN A 95 2.24 -15.49 -23.68
N LEU A 96 2.82 -15.26 -24.85
CA LEU A 96 2.04 -15.19 -26.08
C LEU A 96 1.25 -16.45 -26.36
N GLY A 97 1.64 -17.59 -25.81
CA GLY A 97 1.03 -18.87 -26.17
C GLY A 97 -0.05 -19.37 -25.25
N HIS A 98 -0.37 -18.60 -24.19
CA HIS A 98 -1.52 -18.95 -23.41
C HIS A 98 -2.82 -18.94 -24.22
N GLY A 99 -3.69 -19.86 -23.80
CA GLY A 99 -5.03 -20.02 -24.35
C GLY A 99 -6.07 -19.56 -23.39
N PRO A 100 -7.34 -19.74 -23.72
CA PRO A 100 -8.41 -19.31 -22.84
C PRO A 100 -8.30 -19.82 -21.39
N PHE A 101 -8.50 -18.92 -20.40
CA PHE A 101 -8.36 -19.18 -18.98
C PHE A 101 -6.96 -19.72 -18.60
N SER A 102 -5.94 -19.32 -19.36
CA SER A 102 -4.57 -19.58 -19.06
C SER A 102 -4.33 -21.06 -18.78
N HIS A 103 -3.89 -21.43 -17.57
CA HIS A 103 -3.37 -22.78 -17.32
C HIS A 103 -4.46 -23.83 -17.42
N MET A 104 -5.74 -23.43 -17.26
CA MET A 104 -6.84 -24.28 -17.62
C MET A 104 -6.72 -24.95 -19.01
N PHE A 105 -6.23 -24.19 -20.01
CA PHE A 105 -6.30 -24.63 -21.38
C PHE A 105 -5.30 -25.72 -21.71
N ASP A 106 -4.04 -25.47 -21.38
CA ASP A 106 -2.98 -26.48 -21.57
C ASP A 106 -2.88 -27.47 -20.41
N GLY A 107 -3.35 -27.11 -19.21
CA GLY A 107 -3.38 -28.02 -18.04
C GLY A 107 -4.57 -28.99 -17.93
N ARG A 108 -5.77 -28.57 -18.35
CA ARG A 108 -6.95 -29.46 -18.34
C ARG A 108 -7.51 -29.76 -19.72
N PHE A 109 -7.76 -28.74 -20.54
CA PHE A 109 -8.59 -28.94 -21.75
C PHE A 109 -7.87 -29.70 -22.88
N ILE A 110 -6.70 -29.25 -23.25
CA ILE A 110 -6.02 -29.90 -24.36
C ILE A 110 -5.72 -31.40 -24.01
N PRO A 111 -5.15 -31.67 -22.81
CA PRO A 111 -4.97 -33.10 -22.47
C PRO A 111 -6.23 -33.99 -22.61
N LEU A 112 -7.43 -33.43 -22.44
CA LEU A 112 -8.63 -34.23 -22.54
C LEU A 112 -9.19 -34.24 -23.92
N ALA A 113 -8.96 -33.16 -24.70
CA ALA A 113 -9.48 -33.07 -26.07
C ALA A 113 -8.61 -33.83 -27.06
N ARG A 114 -7.32 -33.54 -27.00
CA ARG A 114 -6.29 -34.14 -27.86
C ARG A 114 -5.27 -34.87 -26.96
N PRO A 115 -5.66 -36.02 -26.37
CA PRO A 115 -4.71 -36.75 -25.52
C PRO A 115 -3.41 -37.15 -26.19
N GLU A 116 -3.42 -37.45 -27.49
CA GLU A 116 -2.21 -37.87 -28.21
C GLU A 116 -1.15 -36.76 -28.38
N VAL A 117 -1.55 -35.57 -28.84
CA VAL A 117 -0.59 -34.46 -29.07
C VAL A 117 -0.05 -33.95 -27.74
N LYS A 118 1.15 -33.36 -27.73
CA LYS A 118 1.72 -32.78 -26.51
C LYS A 118 1.95 -31.30 -26.74
N TRP A 119 1.16 -30.47 -26.06
CA TRP A 119 1.10 -29.03 -26.28
C TRP A 119 1.41 -28.31 -24.99
N THR A 120 2.35 -27.36 -25.02
CA THR A 120 2.62 -26.48 -23.89
C THR A 120 2.45 -25.03 -24.35
N HIS A 121 2.12 -24.14 -23.42
CA HIS A 121 2.01 -22.73 -23.74
C HIS A 121 3.39 -22.10 -24.06
N GLU A 122 4.50 -22.64 -23.50
CA GLU A 122 5.86 -22.26 -23.94
C GLU A 122 6.08 -22.46 -25.45
N GLN A 123 5.73 -23.62 -26.01
CA GLN A 123 5.82 -23.83 -27.49
C GLN A 123 4.82 -22.97 -28.22
N GLY A 124 3.68 -22.74 -27.61
CA GLY A 124 2.70 -21.85 -28.19
C GLY A 124 3.27 -20.46 -28.29
N SER A 125 4.03 -20.01 -27.27
CA SER A 125 4.60 -18.67 -27.31
C SER A 125 5.61 -18.50 -28.45
N VAL A 126 6.37 -19.56 -28.71
CA VAL A 126 7.39 -19.54 -29.77
C VAL A 126 6.69 -19.48 -31.14
N MET A 127 5.68 -20.34 -31.35
CA MET A 127 4.86 -20.31 -32.57
C MET A 127 4.05 -19.02 -32.74
N MET A 128 3.55 -18.45 -31.64
CA MET A 128 2.84 -17.19 -31.76
C MET A 128 3.78 -16.01 -32.01
N PHE A 129 5.02 -16.08 -31.48
CA PHE A 129 6.02 -15.03 -31.69
C PHE A 129 6.40 -14.95 -33.18
N GLU A 130 6.66 -16.10 -33.77
CA GLU A 130 6.96 -16.20 -35.17
C GLU A 130 5.84 -15.62 -36.04
N HIS A 131 4.60 -16.04 -35.81
CA HIS A 131 3.46 -15.50 -36.53
C HIS A 131 3.32 -13.97 -36.30
N LEU A 132 3.60 -13.46 -35.10
CA LEU A 132 3.59 -12.00 -34.82
C LEU A 132 4.56 -11.26 -35.68
N ILE A 133 5.80 -11.76 -35.67
CA ILE A 133 6.90 -11.14 -36.41
C ILE A 133 6.62 -11.14 -37.92
N ASN A 134 6.23 -12.29 -38.42
CA ASN A 134 6.04 -12.47 -39.84
C ASN A 134 4.86 -11.75 -40.39
N SER A 135 3.71 -11.81 -39.72
CA SER A 135 2.51 -11.09 -40.13
C SER A 135 2.58 -9.59 -39.96
N ASN A 136 3.49 -9.06 -39.17
CA ASN A 136 3.48 -7.60 -38.91
C ASN A 136 4.68 -6.78 -39.41
N GLY A 137 5.62 -7.40 -40.12
CA GLY A 137 6.77 -6.65 -40.64
C GLY A 137 7.74 -6.17 -39.59
N ILE A 138 8.00 -7.00 -38.58
CA ILE A 138 8.83 -6.56 -37.44
C ILE A 138 10.32 -6.66 -37.74
N LYS A 139 10.71 -7.69 -38.50
CA LYS A 139 12.13 -7.84 -38.95
C LYS A 139 12.79 -6.55 -39.43
N PRO A 140 12.23 -5.83 -40.44
CA PRO A 140 12.83 -4.51 -40.82
C PRO A 140 12.94 -3.48 -39.70
N VAL A 141 12.00 -3.50 -38.77
CA VAL A 141 11.98 -2.54 -37.67
C VAL A 141 13.08 -2.93 -36.70
N MET A 142 13.23 -4.25 -36.45
CA MET A 142 14.37 -4.76 -35.68
C MET A 142 15.68 -4.18 -36.18
N GLU A 143 15.89 -4.28 -37.50
CA GLU A 143 17.13 -3.85 -38.15
C GLU A 143 17.36 -2.37 -38.02
N GLN A 144 16.29 -1.58 -38.16
CA GLN A 144 16.31 -0.14 -37.89
C GLN A 144 16.84 0.21 -36.47
N TYR A 145 16.74 -0.69 -35.49
CA TYR A 145 17.36 -0.45 -34.15
C TYR A 145 18.54 -1.37 -33.84
N GLY A 146 19.26 -1.79 -34.87
CA GLY A 146 20.50 -2.55 -34.69
C GLY A 146 20.38 -3.97 -34.15
N LEU A 147 19.23 -4.61 -34.32
CA LEU A 147 19.14 -6.03 -34.04
C LEU A 147 19.35 -6.75 -35.32
N ILE A 148 19.88 -7.95 -35.21
CA ILE A 148 20.09 -8.81 -36.34
C ILE A 148 19.06 -9.94 -36.34
N PRO A 149 18.05 -9.80 -37.17
CA PRO A 149 16.99 -10.77 -37.16
C PRO A 149 17.38 -12.23 -36.97
N GLU A 150 18.34 -12.76 -37.72
CA GLU A 150 18.51 -14.21 -37.71
C GLU A 150 19.07 -14.69 -36.37
N GLU A 151 20.13 -14.04 -35.85
CA GLU A 151 20.65 -14.28 -34.47
C GLU A 151 19.59 -13.98 -33.38
N ASP A 152 19.03 -12.79 -33.41
CA ASP A 152 18.28 -12.28 -32.27
C ASP A 152 16.93 -12.96 -32.12
N ILE A 153 16.27 -13.31 -33.22
CA ILE A 153 15.03 -14.08 -33.15
C ILE A 153 15.29 -15.44 -32.54
N CYS A 154 16.36 -16.07 -32.97
CA CYS A 154 16.78 -17.31 -32.38
C CYS A 154 16.98 -17.09 -30.89
N PHE A 155 17.79 -16.13 -30.48
CA PHE A 155 17.99 -15.81 -29.08
C PHE A 155 16.71 -15.62 -28.23
N ILE A 156 15.75 -14.91 -28.82
CA ILE A 156 14.48 -14.63 -28.18
C ILE A 156 13.67 -15.88 -27.92
N LYS A 157 13.48 -16.72 -28.94
CA LYS A 157 12.84 -18.02 -28.77
C LYS A 157 13.58 -18.90 -27.77
N GLU A 158 14.90 -18.81 -27.77
CA GLU A 158 15.66 -19.68 -26.90
C GLU A 158 15.48 -19.28 -25.44
N GLN A 159 15.34 -17.99 -25.19
CA GLN A 159 15.11 -17.52 -23.84
C GLN A 159 13.74 -17.97 -23.32
N ILE A 160 12.81 -18.26 -24.23
CA ILE A 160 11.46 -18.68 -23.89
C ILE A 160 11.35 -20.19 -23.74
N VAL A 161 11.78 -20.94 -24.73
CA VAL A 161 11.57 -22.38 -24.66
C VAL A 161 12.86 -23.14 -24.31
N GLY A 162 14.00 -22.45 -24.25
CA GLY A 162 15.27 -23.12 -24.05
C GLY A 162 15.79 -23.58 -25.41
N PRO A 163 16.81 -24.45 -25.42
CA PRO A 163 17.46 -24.87 -26.68
C PRO A 163 16.49 -25.50 -27.68
N LEU A 164 16.66 -25.20 -28.97
CA LEU A 164 15.80 -25.74 -30.05
C LEU A 164 16.28 -27.05 -30.75
N GLU A 165 17.42 -27.65 -30.36
CA GLU A 165 17.75 -29.04 -30.76
C GLU A 165 16.79 -30.04 -30.03
N LEU A 172 29.47 -28.97 -25.80
CA LEU A 172 28.04 -29.01 -25.53
C LEU A 172 27.49 -27.74 -24.80
N TRP A 173 27.77 -26.56 -25.36
CA TRP A 173 26.99 -25.33 -25.06
C TRP A 173 25.85 -25.30 -26.06
N PRO A 174 24.58 -25.45 -25.62
CA PRO A 174 23.50 -25.76 -26.60
C PRO A 174 22.82 -24.58 -27.31
N TYR A 175 23.22 -23.36 -27.00
CA TYR A 175 22.50 -22.21 -27.43
C TYR A 175 23.21 -21.58 -28.63
N LYS A 176 22.42 -21.23 -29.66
CA LYS A 176 22.88 -20.54 -30.88
C LYS A 176 22.75 -19.02 -30.85
N GLY A 177 21.80 -18.45 -30.11
CA GLY A 177 21.57 -17.01 -30.12
C GLY A 177 22.66 -16.16 -29.49
N ARG A 178 23.35 -16.70 -28.49
CA ARG A 178 24.44 -15.96 -27.87
C ARG A 178 25.51 -16.96 -27.42
N PRO A 179 26.77 -16.52 -27.31
CA PRO A 179 27.86 -17.37 -26.80
C PRO A 179 27.80 -17.63 -25.31
N GLU A 180 28.62 -18.57 -24.85
CA GLU A 180 28.82 -18.86 -23.42
C GLU A 180 29.21 -17.66 -22.51
N ASN A 181 29.89 -16.66 -23.08
CA ASN A 181 30.25 -15.46 -22.32
C ASN A 181 29.05 -14.52 -22.00
N LYS A 182 27.89 -14.76 -22.63
CA LYS A 182 26.60 -14.11 -22.27
C LYS A 182 25.56 -15.12 -21.68
N SER A 183 26.04 -16.21 -21.08
CA SER A 183 25.18 -17.27 -20.55
C SER A 183 24.14 -16.77 -19.53
N PHE A 184 24.61 -15.91 -18.63
CA PHE A 184 23.74 -15.19 -17.70
C PHE A 184 22.45 -14.58 -18.31
N LEU A 185 22.46 -14.18 -19.59
CA LEU A 185 21.26 -13.63 -20.19
C LEU A 185 20.15 -14.63 -20.33
N TYR A 186 20.47 -15.92 -20.33
CA TYR A 186 19.49 -17.01 -20.40
C TYR A 186 18.75 -17.36 -19.09
N GLU A 187 19.16 -16.69 -18.03
CA GLU A 187 18.64 -16.91 -16.69
C GLU A 187 17.66 -15.82 -16.26
N ILE A 188 17.40 -14.82 -17.11
CA ILE A 188 16.56 -13.69 -16.72
C ILE A 188 15.08 -13.97 -16.92
N VAL A 189 14.68 -14.40 -18.11
CA VAL A 189 13.26 -14.54 -18.46
C VAL A 189 12.67 -15.87 -18.08
N SER A 190 13.39 -16.94 -18.37
CA SER A 190 12.93 -18.27 -18.04
C SER A 190 14.17 -19.11 -17.69
N ASN A 191 14.39 -19.19 -16.38
CA ASN A 191 15.52 -19.85 -15.81
C ASN A 191 15.24 -21.34 -15.68
N LYS A 192 15.90 -22.12 -16.53
CA LYS A 192 15.67 -23.58 -16.59
C LYS A 192 16.44 -24.31 -15.51
N ARG A 193 17.49 -23.69 -14.95
CA ARG A 193 18.32 -24.32 -13.91
C ARG A 193 17.58 -24.39 -12.58
N ASN A 194 17.03 -23.27 -12.11
CA ASN A 194 16.41 -23.18 -10.77
C ASN A 194 15.07 -22.45 -10.69
N GLY A 195 14.54 -21.88 -11.78
CA GLY A 195 13.25 -21.20 -11.74
C GLY A 195 13.23 -19.79 -11.13
N ILE A 196 14.39 -19.19 -10.84
CA ILE A 196 14.46 -17.86 -10.26
C ILE A 196 14.55 -16.88 -11.44
N ASP A 197 13.42 -16.28 -11.79
CA ASP A 197 13.30 -15.43 -12.96
C ASP A 197 12.20 -14.37 -12.84
N VAL A 198 12.18 -13.47 -13.82
CA VAL A 198 11.38 -12.31 -13.65
C VAL A 198 9.88 -12.52 -13.84
N ASP A 199 9.50 -13.64 -14.42
CA ASP A 199 8.07 -13.89 -14.62
C ASP A 199 7.38 -14.09 -13.24
N LYS A 200 8.01 -14.90 -12.39
CA LYS A 200 7.59 -15.09 -11.02
C LYS A 200 7.57 -13.77 -10.32
N TRP A 201 8.61 -12.98 -10.46
CA TRP A 201 8.63 -11.76 -9.70
C TRP A 201 7.39 -10.89 -10.05
N ASP A 202 7.00 -10.83 -11.33
CA ASP A 202 5.85 -10.01 -11.73
C ASP A 202 4.56 -10.64 -11.24
N TYR A 203 4.35 -11.96 -11.35
CA TYR A 203 3.08 -12.50 -10.93
C TYR A 203 2.90 -12.49 -9.40
N PHE A 204 3.98 -12.58 -8.63
CA PHE A 204 3.87 -12.47 -7.19
C PHE A 204 3.27 -11.09 -6.86
N ALA A 205 3.88 -10.03 -7.33
CA ALA A 205 3.40 -8.70 -6.99
C ALA A 205 2.04 -8.44 -7.55
N ARG A 206 1.84 -8.85 -8.81
CA ARG A 206 0.57 -8.52 -9.53
C ARG A 206 -0.61 -9.32 -9.01
N ASP A 207 -0.43 -10.63 -8.90
CA ASP A 207 -1.49 -11.50 -8.37
C ASP A 207 -1.95 -11.08 -6.95
N CYS A 208 -0.96 -10.79 -6.09
CA CYS A 208 -1.21 -10.34 -4.71
C CYS A 208 -2.05 -9.05 -4.63
N HIS A 209 -1.66 -8.07 -5.43
CA HIS A 209 -2.36 -6.79 -5.59
C HIS A 209 -3.81 -6.99 -5.97
N HIS A 210 -4.09 -7.93 -6.86
CA HIS A 210 -5.43 -8.24 -7.30
C HIS A 210 -6.20 -9.20 -6.41
N LEU A 211 -5.52 -10.13 -5.78
CA LEU A 211 -6.19 -11.19 -5.00
C LEU A 211 -6.59 -10.69 -3.65
N GLY A 212 -5.91 -9.65 -3.16
CA GLY A 212 -6.05 -9.17 -1.81
C GLY A 212 -5.24 -9.96 -0.80
N ILE A 213 -4.12 -10.52 -1.20
CA ILE A 213 -3.20 -11.21 -0.33
C ILE A 213 -1.90 -10.47 -0.49
N GLN A 214 -1.15 -10.32 0.56
CA GLN A 214 0.08 -9.54 0.50
C GLN A 214 1.28 -10.46 0.16
N ASN A 215 2.22 -9.89 -0.61
CA ASN A 215 3.47 -10.52 -1.09
C ASN A 215 4.67 -10.32 -0.10
N ASN A 216 5.36 -11.39 0.28
CA ASN A 216 6.54 -11.37 1.20
C ASN A 216 7.89 -11.17 0.46
N PHE A 217 7.93 -11.35 -0.87
CA PHE A 217 9.18 -11.43 -1.58
C PHE A 217 9.58 -10.09 -2.21
N ASP A 218 10.82 -9.65 -1.93
CA ASP A 218 11.32 -8.37 -2.43
C ASP A 218 12.27 -8.57 -3.62
N TYR A 219 11.72 -8.46 -4.82
CA TYR A 219 12.44 -8.69 -6.06
C TYR A 219 13.45 -7.56 -6.29
N LYS A 220 13.18 -6.36 -5.77
CA LYS A 220 14.12 -5.24 -5.98
C LYS A 220 15.38 -5.42 -5.12
N ARG A 221 15.24 -6.02 -3.95
CA ARG A 221 16.39 -6.31 -3.14
C ARG A 221 17.25 -7.33 -3.87
N PHE A 222 16.63 -8.36 -4.42
CA PHE A 222 17.36 -9.37 -5.15
C PHE A 222 18.18 -8.83 -6.34
N ILE A 223 17.56 -7.98 -7.17
CA ILE A 223 18.26 -7.29 -8.25
C ILE A 223 19.44 -6.48 -7.71
N LYS A 224 19.29 -5.66 -6.67
CA LYS A 224 20.45 -4.94 -6.12
C LYS A 224 21.67 -5.84 -5.75
N PHE A 225 21.42 -7.00 -5.15
CA PHE A 225 22.49 -7.91 -4.79
C PHE A 225 23.00 -8.84 -5.91
N ALA A 226 22.38 -8.82 -7.10
CA ALA A 226 22.80 -9.79 -8.14
C ALA A 226 24.10 -9.35 -8.81
N ARG A 227 24.94 -10.33 -9.10
CA ARG A 227 26.24 -10.18 -9.79
C ARG A 227 26.39 -11.40 -10.70
N VAL A 228 27.16 -11.25 -11.78
CA VAL A 228 27.55 -12.38 -12.63
C VAL A 228 28.95 -12.78 -12.16
N CYS A 229 29.16 -14.08 -12.02
CA CYS A 229 30.44 -14.70 -11.66
C CYS A 229 30.66 -15.96 -12.51
N GLU A 230 31.90 -16.36 -12.64
CA GLU A 230 32.27 -17.60 -13.34
C GLU A 230 31.85 -18.84 -12.52
N VAL A 231 31.05 -19.73 -13.10
CA VAL A 231 30.70 -21.04 -12.45
C VAL A 231 30.92 -22.15 -13.46
N ASP A 232 31.65 -23.19 -13.08
CA ASP A 232 32.11 -24.30 -13.99
C ASP A 232 32.46 -23.83 -15.41
N ASN A 233 33.17 -22.72 -15.54
CA ASN A 233 33.46 -22.07 -16.86
C ASN A 233 32.21 -21.62 -17.67
N GLU A 234 31.36 -20.86 -16.99
CA GLU A 234 30.18 -20.21 -17.56
C GLU A 234 29.97 -18.95 -16.75
N LEU A 235 29.63 -17.84 -17.39
CA LEU A 235 29.20 -16.68 -16.61
C LEU A 235 27.74 -16.84 -16.19
N ARG A 236 27.51 -16.91 -14.87
CA ARG A 236 26.16 -17.03 -14.30
C ARG A 236 25.85 -15.90 -13.33
N ILE A 237 24.55 -15.67 -13.14
CA ILE A 237 24.03 -14.74 -12.13
C ILE A 237 24.19 -15.45 -10.77
N CYS A 238 24.75 -14.72 -9.79
CA CYS A 238 24.92 -15.22 -8.42
C CYS A 238 24.22 -14.30 -7.47
N ALA A 239 23.67 -14.87 -6.42
CA ALA A 239 23.05 -14.10 -5.35
C ALA A 239 24.06 -13.92 -4.21
N ARG A 240 23.88 -12.88 -3.43
CA ARG A 240 24.70 -12.70 -2.24
C ARG A 240 24.40 -13.82 -1.23
N ASP A 241 25.46 -14.33 -0.60
CA ASP A 241 25.34 -15.47 0.25
C ASP A 241 24.22 -15.33 1.25
N LYS A 242 24.20 -14.24 1.98
CA LYS A 242 23.30 -14.08 3.12
C LYS A 242 21.81 -13.80 2.68
N GLU A 243 21.58 -13.63 1.39
CA GLU A 243 20.22 -13.67 0.80
C GLU A 243 19.68 -15.08 0.56
N VAL A 244 20.40 -16.11 0.97
CA VAL A 244 19.92 -17.46 0.74
C VAL A 244 18.56 -17.75 1.37
N GLY A 245 18.35 -17.27 2.57
CA GLY A 245 17.05 -17.34 3.24
C GLY A 245 15.87 -16.74 2.47
N ASN A 246 16.09 -15.59 1.82
CA ASN A 246 15.07 -14.94 0.98
C ASN A 246 14.68 -15.78 -0.24
N LEU A 247 15.63 -16.52 -0.79
CA LEU A 247 15.35 -17.41 -1.91
C LEU A 247 14.47 -18.58 -1.49
N TYR A 248 14.78 -19.18 -0.33
CA TYR A 248 13.89 -20.18 0.26
C TYR A 248 12.51 -19.58 0.53
N ASP A 249 12.48 -18.35 1.04
CA ASP A 249 11.21 -17.66 1.29
C ASP A 249 10.42 -17.44 -0.02
N MET A 250 11.14 -17.15 -1.10
CA MET A 250 10.53 -16.99 -2.41
C MET A 250 9.73 -18.22 -2.85
N PHE A 251 10.29 -19.43 -2.69
CA PHE A 251 9.58 -20.65 -3.10
C PHE A 251 8.49 -20.96 -2.14
N HIS A 252 8.72 -20.65 -0.88
CA HIS A 252 7.69 -20.75 0.12
C HIS A 252 6.46 -19.87 -0.23
N THR A 253 6.71 -18.65 -0.66
CA THR A 253 5.63 -17.74 -1.12
C THR A 253 4.83 -18.27 -2.33
N ARG A 254 5.55 -18.81 -3.30
CA ARG A 254 4.94 -19.51 -4.42
C ARG A 254 3.99 -20.65 -4.04
N ASN A 255 4.44 -21.51 -3.15
CA ASN A 255 3.65 -22.63 -2.65
C ASN A 255 2.43 -22.15 -1.90
N SER A 256 2.62 -21.11 -1.14
CA SER A 256 1.58 -20.47 -0.40
C SER A 256 0.51 -19.86 -1.28
N LEU A 257 0.90 -19.21 -2.35
CA LEU A 257 -0.05 -18.66 -3.36
C LEU A 257 -0.80 -19.78 -4.09
N HIS A 258 -0.10 -20.88 -4.36
CA HIS A 258 -0.73 -22.05 -4.93
C HIS A 258 -1.79 -22.61 -3.94
N ARG A 259 -1.44 -22.68 -2.64
CA ARG A 259 -2.38 -23.14 -1.61
C ARG A 259 -3.59 -22.24 -1.45
N ARG A 260 -3.36 -20.95 -1.33
CA ARG A 260 -4.45 -20.05 -1.06
C ARG A 260 -5.32 -19.76 -2.26
N ALA A 261 -4.74 -19.68 -3.46
CA ALA A 261 -5.42 -19.06 -4.61
C ALA A 261 -5.41 -19.92 -5.86
N TYR A 262 -4.23 -20.31 -6.34
CA TYR A 262 -4.17 -20.90 -7.64
C TYR A 262 -4.79 -22.29 -7.68
N GLN A 263 -4.78 -23.00 -6.56
CA GLN A 263 -5.40 -24.30 -6.43
C GLN A 263 -6.55 -24.24 -5.43
N HIS A 264 -7.26 -23.12 -5.35
CA HIS A 264 -8.39 -23.03 -4.50
C HIS A 264 -9.37 -24.08 -4.96
N LYS A 265 -10.01 -24.75 -4.01
CA LYS A 265 -10.81 -25.91 -4.33
C LYS A 265 -12.00 -25.59 -5.24
N VAL A 266 -12.60 -24.43 -5.05
CA VAL A 266 -13.69 -24.01 -5.90
C VAL A 266 -13.21 -23.42 -7.23
N GLY A 267 -12.09 -22.68 -7.20
CA GLY A 267 -11.48 -22.19 -8.42
C GLY A 267 -11.21 -23.34 -9.41
N ASN A 268 -10.65 -24.45 -8.91
CA ASN A 268 -10.27 -25.61 -9.74
C ASN A 268 -11.47 -26.31 -10.31
N ILE A 269 -12.56 -26.34 -9.57
CA ILE A 269 -13.77 -27.04 -10.00
C ILE A 269 -14.45 -26.16 -11.03
N ILE A 270 -14.39 -24.84 -10.88
CA ILE A 270 -14.94 -23.95 -11.92
C ILE A 270 -14.16 -24.14 -13.24
N ASP A 271 -12.83 -24.22 -13.15
CA ASP A 271 -11.99 -24.52 -14.30
C ASP A 271 -12.38 -25.85 -14.93
N THR A 272 -12.63 -26.85 -14.08
CA THR A 272 -13.08 -28.17 -14.53
C THR A 272 -14.44 -28.12 -15.21
N MET A 273 -15.36 -27.35 -14.65
CA MET A 273 -16.67 -27.18 -15.29
C MET A 273 -16.58 -26.44 -16.64
N ILE A 274 -15.72 -25.44 -16.71
CA ILE A 274 -15.50 -24.72 -17.95
C ILE A 274 -14.91 -25.64 -19.03
N THR A 275 -13.92 -26.44 -18.63
CA THR A 275 -13.31 -27.39 -19.50
C THR A 275 -14.32 -28.41 -20.01
N ASP A 276 -15.23 -28.83 -19.14
CA ASP A 276 -16.31 -29.74 -19.56
C ASP A 276 -17.27 -29.11 -20.57
N ALA A 277 -17.59 -27.83 -20.40
CA ALA A 277 -18.40 -27.11 -21.37
C ALA A 277 -17.70 -27.01 -22.75
N PHE A 278 -16.39 -26.74 -22.74
CA PHE A 278 -15.61 -26.63 -23.95
C PHE A 278 -15.53 -27.96 -24.67
N LEU A 279 -15.39 -29.05 -23.94
CA LEU A 279 -15.40 -30.39 -24.59
C LEU A 279 -16.71 -30.67 -25.31
N LYS A 280 -17.81 -30.32 -24.67
CA LYS A 280 -19.16 -30.44 -25.21
C LYS A 280 -19.44 -29.50 -26.40
N ALA A 281 -18.63 -28.45 -26.53
CA ALA A 281 -18.82 -27.41 -27.51
C ALA A 281 -17.88 -27.62 -28.69
N ASP A 282 -16.82 -28.39 -28.48
CA ASP A 282 -15.68 -28.44 -29.35
C ASP A 282 -16.00 -28.75 -30.83
N ASP A 283 -16.89 -29.73 -31.07
CA ASP A 283 -17.33 -30.07 -32.42
C ASP A 283 -17.98 -28.92 -33.18
N TYR A 284 -18.65 -28.02 -32.46
CA TYR A 284 -19.59 -27.12 -33.06
C TYR A 284 -19.13 -25.68 -33.20
N ILE A 285 -18.12 -25.27 -32.43
CA ILE A 285 -17.56 -23.92 -32.49
C ILE A 285 -16.57 -23.95 -33.64
N GLU A 286 -16.68 -23.00 -34.57
CA GLU A 286 -15.76 -22.91 -35.70
C GLU A 286 -14.93 -21.63 -35.62
N ILE A 287 -13.62 -21.79 -35.71
CA ILE A 287 -12.69 -20.67 -35.72
C ILE A 287 -11.93 -20.63 -37.04
N THR A 288 -12.01 -19.50 -37.72
CA THR A 288 -11.46 -19.38 -39.07
C THR A 288 -9.97 -19.09 -38.99
N GLY A 289 -9.14 -19.92 -39.63
CA GLY A 289 -7.68 -19.69 -39.74
C GLY A 289 -7.14 -19.27 -41.12
N ALA A 290 -5.92 -19.65 -41.43
CA ALA A 290 -5.24 -19.24 -42.67
C ALA A 290 -6.08 -19.71 -43.87
N GLY A 291 -6.39 -18.76 -44.77
CA GLY A 291 -7.17 -19.02 -45.98
C GLY A 291 -8.52 -19.66 -45.80
N GLY A 292 -9.29 -19.20 -44.81
CA GLY A 292 -10.63 -19.76 -44.51
C GLY A 292 -10.78 -21.24 -44.08
N LYS A 293 -9.67 -21.94 -43.78
CA LYS A 293 -9.78 -23.28 -43.17
C LYS A 293 -10.42 -23.15 -41.77
N LYS A 294 -11.30 -24.09 -41.43
CA LYS A 294 -12.08 -24.04 -40.18
C LYS A 294 -11.47 -24.96 -39.12
N TYR A 295 -11.36 -24.43 -37.91
CA TYR A 295 -10.77 -25.16 -36.81
C TYR A 295 -11.74 -25.18 -35.65
N ARG A 296 -11.50 -26.14 -34.77
CA ARG A 296 -12.18 -26.27 -33.48
C ARG A 296 -11.37 -25.65 -32.34
N ILE A 297 -11.96 -25.57 -31.15
CA ILE A 297 -11.26 -25.01 -29.97
C ILE A 297 -10.01 -25.86 -29.80
N SER A 298 -10.19 -27.18 -29.86
CA SER A 298 -9.07 -28.14 -29.78
C SER A 298 -8.03 -28.09 -30.88
N THR A 299 -8.41 -27.71 -32.11
CA THR A 299 -7.45 -27.68 -33.26
C THR A 299 -6.89 -26.31 -33.63
N ALA A 300 -7.37 -25.23 -33.00
CA ALA A 300 -6.81 -23.93 -33.31
C ALA A 300 -5.37 -23.83 -32.90
N ILE A 301 -4.90 -24.73 -32.04
CA ILE A 301 -3.45 -24.74 -31.72
C ILE A 301 -2.52 -25.15 -32.89
N ASP A 302 -3.08 -25.73 -33.94
CA ASP A 302 -2.33 -26.07 -35.16
C ASP A 302 -2.08 -24.89 -36.12
N ASP A 303 -2.95 -23.86 -36.14
CA ASP A 303 -2.81 -22.70 -37.01
C ASP A 303 -2.90 -21.41 -36.19
N MET A 304 -1.85 -20.61 -36.22
CA MET A 304 -1.75 -19.45 -35.35
C MET A 304 -2.71 -18.33 -35.68
N GLU A 305 -3.24 -18.33 -36.90
CA GLU A 305 -4.24 -17.34 -37.29
C GLU A 305 -5.54 -17.67 -36.58
N ALA A 306 -5.92 -18.93 -36.50
CA ALA A 306 -7.05 -19.33 -35.67
C ALA A 306 -6.81 -19.03 -34.14
N TYR A 307 -5.64 -19.40 -33.63
CA TYR A 307 -5.33 -19.30 -32.20
C TYR A 307 -5.35 -17.86 -31.71
N THR A 308 -4.98 -16.92 -32.58
CA THR A 308 -5.11 -15.50 -32.34
C THR A 308 -6.51 -15.12 -31.86
N LYS A 309 -7.49 -15.74 -32.48
CA LYS A 309 -8.90 -15.51 -32.15
C LYS A 309 -9.45 -16.45 -31.09
N LEU A 310 -8.63 -17.26 -30.45
CA LEU A 310 -9.11 -18.12 -29.35
C LEU A 310 -8.79 -17.49 -27.95
N THR A 311 -9.79 -16.86 -27.32
CA THR A 311 -9.61 -16.18 -26.04
C THR A 311 -10.76 -16.59 -25.12
N ASP A 312 -10.86 -15.93 -23.96
CA ASP A 312 -11.94 -16.15 -22.97
C ASP A 312 -13.34 -15.92 -23.59
N ASN A 313 -13.44 -15.17 -24.69
CA ASN A 313 -14.64 -15.01 -25.52
C ASN A 313 -15.42 -16.29 -25.82
N ILE A 314 -14.69 -17.41 -25.91
CA ILE A 314 -15.29 -18.71 -26.07
C ILE A 314 -16.34 -18.99 -24.97
N PHE A 315 -16.01 -18.63 -23.75
CA PHE A 315 -16.96 -18.81 -22.65
C PHE A 315 -18.33 -18.17 -23.01
N LEU A 316 -18.31 -16.90 -23.40
CA LEU A 316 -19.54 -16.15 -23.67
C LEU A 316 -20.25 -16.54 -24.96
N GLU A 317 -19.52 -16.95 -25.99
CA GLU A 317 -20.14 -17.39 -27.25
C GLU A 317 -20.96 -18.67 -26.97
N ILE A 318 -20.42 -19.56 -26.14
CA ILE A 318 -21.18 -20.70 -25.65
C ILE A 318 -22.35 -20.27 -24.74
N LEU A 319 -22.10 -19.38 -23.79
CA LEU A 319 -23.15 -18.96 -22.85
C LEU A 319 -24.33 -18.29 -23.56
N TYR A 320 -24.04 -17.48 -24.58
CA TYR A 320 -25.06 -16.69 -25.29
C TYR A 320 -25.65 -17.38 -26.51
N SER A 321 -25.24 -18.63 -26.77
CA SER A 321 -25.69 -19.35 -27.97
C SER A 321 -27.14 -19.77 -27.81
N THR A 322 -27.85 -19.93 -28.91
CA THR A 322 -29.23 -20.48 -28.90
C THR A 322 -29.34 -21.82 -29.66
N ASP A 323 -28.31 -22.20 -30.40
CA ASP A 323 -28.32 -23.49 -31.12
C ASP A 323 -28.45 -24.74 -30.19
N PRO A 324 -29.45 -25.62 -30.45
CA PRO A 324 -29.59 -26.95 -29.77
C PRO A 324 -28.32 -27.86 -29.72
N LYS A 325 -27.46 -27.75 -30.72
CA LYS A 325 -26.15 -28.39 -30.67
C LYS A 325 -25.28 -28.04 -29.48
N LEU A 326 -25.43 -26.82 -28.95
CA LEU A 326 -24.60 -26.29 -27.84
C LEU A 326 -25.34 -26.31 -26.54
N LYS A 327 -26.59 -26.80 -26.53
CA LYS A 327 -27.40 -26.90 -25.31
C LYS A 327 -26.64 -27.45 -24.11
N ASP A 328 -25.99 -28.61 -24.28
CA ASP A 328 -25.23 -29.23 -23.21
C ASP A 328 -24.07 -28.35 -22.68
N ALA A 329 -23.30 -27.77 -23.58
CA ALA A 329 -22.25 -26.83 -23.18
C ALA A 329 -22.80 -25.62 -22.43
N ARG A 330 -23.92 -25.11 -22.92
CA ARG A 330 -24.51 -23.92 -22.44
C ARG A 330 -25.13 -24.17 -21.05
N GLU A 331 -25.70 -25.37 -20.79
CA GLU A 331 -26.23 -25.71 -19.46
C GLU A 331 -25.17 -25.78 -18.41
N ILE A 332 -23.99 -26.32 -18.72
CA ILE A 332 -22.94 -26.36 -17.75
C ILE A 332 -22.48 -24.93 -17.35
N LEU A 333 -22.36 -24.00 -18.31
CA LEU A 333 -21.95 -22.64 -18.02
C LEU A 333 -23.02 -21.88 -17.24
N LYS A 334 -24.27 -22.21 -17.50
CA LYS A 334 -25.39 -21.64 -16.73
C LYS A 334 -25.35 -22.08 -15.28
N GLN A 335 -24.98 -23.33 -15.02
CA GLN A 335 -24.83 -23.77 -13.66
C GLN A 335 -23.71 -22.97 -12.96
N ILE A 336 -22.69 -22.51 -13.70
CA ILE A 336 -21.66 -21.69 -13.09
C ILE A 336 -22.31 -20.41 -12.63
N GLU A 337 -23.13 -19.80 -13.49
CA GLU A 337 -23.81 -18.53 -13.19
C GLU A 337 -24.73 -18.59 -12.00
N TYR A 338 -25.49 -19.69 -11.91
CA TYR A 338 -26.38 -19.97 -10.77
C TYR A 338 -25.67 -20.48 -9.55
N ARG A 339 -24.37 -20.69 -9.67
CA ARG A 339 -23.57 -21.25 -8.60
C ARG A 339 -24.02 -22.65 -8.15
N ASN A 340 -24.52 -23.46 -9.07
N ASN A 340 -24.47 -23.46 -9.10
CA ASN A 340 -24.85 -24.85 -8.76
CA ASN A 340 -24.84 -24.86 -8.88
C ASN A 340 -23.64 -25.65 -9.23
C ASN A 340 -23.61 -25.65 -9.27
N LEU A 341 -22.56 -25.54 -8.47
CA LEU A 341 -21.28 -26.16 -8.79
C LEU A 341 -21.25 -27.57 -8.30
N PHE A 342 -20.36 -28.38 -8.87
CA PHE A 342 -20.02 -29.68 -8.30
C PHE A 342 -19.49 -29.40 -6.90
N LYS A 343 -19.78 -30.31 -5.95
CA LYS A 343 -19.60 -30.05 -4.52
C LYS A 343 -18.35 -30.75 -4.07
N TYR A 344 -17.50 -29.97 -3.40
CA TYR A 344 -16.28 -30.44 -2.79
C TYR A 344 -16.59 -31.41 -1.68
N VAL A 345 -15.90 -32.55 -1.70
CA VAL A 345 -16.14 -33.58 -0.71
C VAL A 345 -15.06 -33.52 0.36
N GLY A 346 -13.81 -33.42 -0.06
CA GLY A 346 -12.72 -33.33 0.89
C GLY A 346 -11.38 -33.56 0.22
N GLU A 347 -10.35 -33.55 1.04
CA GLU A 347 -8.98 -33.55 0.56
C GLU A 347 -8.19 -34.49 1.41
N THR A 348 -7.26 -35.21 0.79
CA THR A 348 -6.35 -36.08 1.51
C THR A 348 -5.00 -36.03 0.81
N GLN A 349 -4.03 -36.69 1.42
CA GLN A 349 -2.71 -36.89 0.76
C GLN A 349 -2.21 -38.29 0.92
N PRO A 350 -1.35 -38.73 0.00
CA PRO A 350 -0.74 -40.04 0.20
C PRO A 350 0.39 -40.04 1.24
N THR A 351 0.43 -41.12 2.03
CA THR A 351 1.41 -41.41 3.09
C THR A 351 2.53 -42.31 2.54
N GLY A 352 3.68 -42.32 3.22
CA GLY A 352 4.85 -43.08 2.78
C GLY A 352 5.53 -42.23 1.73
N GLN A 353 6.19 -42.87 0.77
CA GLN A 353 6.54 -42.19 -0.48
C GLN A 353 5.89 -42.94 -1.63
N ILE A 354 4.63 -43.31 -1.43
CA ILE A 354 3.75 -43.64 -2.54
C ILE A 354 3.44 -42.29 -3.23
N LYS A 355 3.43 -42.33 -4.56
CA LYS A 355 2.89 -41.25 -5.35
C LYS A 355 1.97 -41.80 -6.43
N ILE A 356 0.92 -41.06 -6.72
CA ILE A 356 -0.05 -41.45 -7.71
C ILE A 356 0.43 -41.01 -9.08
N LYS A 357 0.68 -41.99 -9.95
CA LYS A 357 1.23 -41.74 -11.30
C LYS A 357 0.11 -41.21 -12.18
N ARG A 358 0.44 -40.44 -13.21
CA ARG A 358 -0.56 -39.77 -14.08
C ARG A 358 -1.46 -40.74 -14.89
N GLU A 359 -1.01 -41.98 -15.03
CA GLU A 359 -1.76 -43.05 -15.71
C GLU A 359 -2.89 -43.66 -14.88
N ASP A 360 -2.75 -43.62 -13.54
CA ASP A 360 -3.83 -44.00 -12.59
C ASP A 360 -4.97 -42.96 -12.37
N TYR A 361 -4.80 -41.70 -12.80
CA TYR A 361 -5.78 -40.65 -12.52
C TYR A 361 -7.19 -41.00 -12.99
N GLU A 362 -7.31 -41.61 -14.18
CA GLU A 362 -8.62 -42.02 -14.74
C GLU A 362 -9.36 -43.07 -13.82
N SER A 363 -8.60 -43.95 -13.18
CA SER A 363 -9.19 -45.03 -12.38
C SER A 363 -9.73 -44.54 -11.02
N LEU A 364 -9.29 -43.38 -10.56
CA LEU A 364 -9.59 -42.90 -9.21
C LEU A 364 -11.07 -42.64 -8.83
N PRO A 365 -11.89 -42.09 -9.76
CA PRO A 365 -13.32 -42.03 -9.45
C PRO A 365 -13.98 -43.40 -9.26
N LYS A 366 -13.59 -44.39 -10.07
CA LYS A 366 -14.06 -45.76 -9.89
C LYS A 366 -13.57 -46.36 -8.55
N GLU A 367 -12.37 -46.03 -8.10
CA GLU A 367 -11.95 -46.53 -6.80
C GLU A 367 -12.81 -45.98 -5.66
N VAL A 368 -13.22 -44.71 -5.77
CA VAL A 368 -14.01 -44.09 -4.75
C VAL A 368 -15.40 -44.71 -4.70
N ALA A 369 -15.98 -44.96 -5.86
CA ALA A 369 -17.31 -45.60 -5.92
C ALA A 369 -17.32 -47.06 -5.42
N SER A 370 -16.15 -47.71 -5.45
CA SER A 370 -15.99 -49.12 -5.09
C SER A 370 -15.78 -49.35 -3.62
N ALA A 371 -15.55 -48.28 -2.87
CA ALA A 371 -15.51 -48.37 -1.41
C ALA A 371 -16.87 -48.76 -0.83
N LYS A 372 -16.80 -49.53 0.26
CA LYS A 372 -17.97 -50.08 0.94
C LYS A 372 -17.95 -49.57 2.39
N PRO A 373 -18.37 -48.32 2.63
CA PRO A 373 -18.51 -47.89 4.02
C PRO A 373 -19.65 -48.63 4.72
N LYS A 374 -19.42 -49.15 5.93
CA LYS A 374 -20.49 -49.85 6.67
C LYS A 374 -21.45 -48.82 7.31
N VAL A 375 -22.43 -48.34 6.51
CA VAL A 375 -23.41 -47.33 6.93
C VAL A 375 -24.64 -47.41 6.05
N LEU A 376 -25.80 -47.06 6.60
CA LEU A 376 -27.04 -46.88 5.84
C LEU A 376 -26.82 -45.74 4.84
N LEU A 377 -26.87 -46.06 3.54
CA LEU A 377 -26.90 -45.02 2.51
C LEU A 377 -28.24 -45.08 1.78
N ASP A 378 -28.91 -43.92 1.64
CA ASP A 378 -30.19 -43.80 0.93
C ASP A 378 -30.04 -43.91 -0.58
N VAL A 379 -28.88 -43.50 -1.12
CA VAL A 379 -28.54 -43.71 -2.53
C VAL A 379 -27.17 -44.35 -2.68
N LYS A 380 -26.97 -45.08 -3.77
CA LYS A 380 -25.63 -45.53 -4.14
C LYS A 380 -25.06 -44.57 -5.20
N LEU A 381 -23.77 -44.28 -5.11
CA LEU A 381 -23.14 -43.41 -6.10
C LEU A 381 -22.30 -44.29 -7.01
N LYS A 382 -22.23 -43.87 -8.26
CA LYS A 382 -21.40 -44.53 -9.26
C LYS A 382 -20.15 -43.67 -9.55
N ALA A 383 -19.18 -44.24 -10.27
CA ALA A 383 -17.91 -43.57 -10.59
C ALA A 383 -18.07 -42.20 -11.27
N GLU A 384 -19.06 -42.11 -12.16
CA GLU A 384 -19.24 -40.89 -12.91
C GLU A 384 -19.85 -39.78 -12.07
N ASP A 385 -20.25 -40.08 -10.83
CA ASP A 385 -20.68 -39.06 -9.87
C ASP A 385 -19.50 -38.34 -9.18
N PHE A 386 -18.28 -38.91 -9.29
CA PHE A 386 -17.07 -38.42 -8.62
C PHE A 386 -16.05 -37.79 -9.54
N ILE A 387 -15.48 -36.68 -9.07
CA ILE A 387 -14.32 -36.07 -9.72
C ILE A 387 -13.15 -36.14 -8.71
N VAL A 388 -12.01 -36.62 -9.18
CA VAL A 388 -10.83 -36.75 -8.34
C VAL A 388 -9.71 -35.93 -8.97
N ASP A 389 -9.23 -34.92 -8.28
CA ASP A 389 -8.27 -33.92 -8.84
C ASP A 389 -6.99 -34.14 -8.07
N VAL A 390 -5.92 -34.55 -8.75
CA VAL A 390 -4.64 -34.79 -8.11
C VAL A 390 -3.67 -33.65 -8.44
N ILE A 391 -3.07 -33.07 -7.43
CA ILE A 391 -2.29 -31.84 -7.66
C ILE A 391 -0.89 -32.01 -7.13
N ASN A 392 0.08 -31.80 -8.00
CA ASN A 392 1.50 -31.87 -7.61
C ASN A 392 1.98 -30.52 -7.13
N MET A 393 2.39 -30.45 -5.86
CA MET A 393 2.90 -29.23 -5.25
C MET A 393 4.37 -29.46 -5.09
N ASP A 394 5.15 -28.52 -5.62
CA ASP A 394 6.58 -28.58 -5.45
C ASP A 394 7.20 -27.17 -5.43
N TYR A 395 8.53 -27.14 -5.30
CA TYR A 395 9.36 -25.96 -5.44
C TYR A 395 9.91 -25.76 -6.88
N GLY A 396 9.16 -26.21 -7.90
CA GLY A 396 9.53 -26.05 -9.31
C GLY A 396 10.39 -27.10 -9.95
N MET A 397 10.89 -28.05 -9.20
CA MET A 397 11.86 -29.04 -9.70
C MET A 397 11.55 -30.42 -9.11
N GLN A 398 10.25 -30.74 -9.08
CA GLN A 398 9.76 -31.97 -8.49
C GLN A 398 10.41 -32.18 -7.10
N GLU A 399 11.18 -33.26 -6.92
N GLU A 399 11.12 -33.27 -6.85
CA GLU A 399 11.75 -33.67 -5.65
CA GLU A 399 11.64 -33.56 -5.51
C GLU A 399 12.95 -32.83 -5.18
C GLU A 399 12.95 -32.79 -5.15
N LYS A 400 13.57 -32.13 -6.13
CA LYS A 400 14.78 -31.36 -5.89
C LYS A 400 14.59 -30.00 -5.18
N ASN A 401 15.66 -29.61 -4.50
CA ASN A 401 15.80 -28.36 -3.83
C ASN A 401 16.37 -27.41 -4.84
N PRO A 402 15.58 -26.44 -5.28
CA PRO A 402 16.18 -25.59 -6.30
C PRO A 402 17.32 -24.70 -5.78
N ILE A 403 17.40 -24.45 -4.45
CA ILE A 403 18.53 -23.68 -3.92
C ILE A 403 19.88 -24.44 -4.00
N ASP A 404 19.84 -25.76 -4.23
CA ASP A 404 21.05 -26.50 -4.59
C ASP A 404 21.57 -26.17 -5.97
N HIS A 405 20.73 -25.59 -6.83
CA HIS A 405 21.15 -25.17 -8.16
C HIS A 405 21.25 -23.64 -8.30
N VAL A 406 21.61 -22.99 -7.19
CA VAL A 406 21.88 -21.54 -7.18
C VAL A 406 23.30 -21.32 -6.70
N SER A 407 23.99 -20.37 -7.32
CA SER A 407 25.31 -19.94 -6.93
C SER A 407 25.25 -18.62 -6.13
N PHE A 408 26.19 -18.46 -5.23
CA PHE A 408 26.27 -17.29 -4.38
C PHE A 408 27.69 -16.67 -4.39
N TYR A 409 27.82 -15.46 -3.85
CA TYR A 409 29.12 -14.83 -3.66
C TYR A 409 29.13 -14.26 -2.30
N CYS A 410 30.30 -14.00 -1.73
N CYS A 410 30.31 -13.97 -1.77
CA CYS A 410 30.38 -13.40 -0.39
CA CYS A 410 30.45 -13.42 -0.41
C CYS A 410 31.04 -12.08 -0.48
C CYS A 410 31.03 -12.05 -0.50
N LYS A 411 30.86 -11.25 0.54
CA LYS A 411 31.32 -9.86 0.50
C LYS A 411 32.84 -9.71 0.40
N THR A 412 33.61 -10.64 0.98
CA THR A 412 35.07 -10.51 0.98
C THR A 412 35.75 -10.88 -0.36
N ALA A 413 35.11 -11.73 -1.19
CA ALA A 413 35.58 -12.02 -2.57
C ALA A 413 34.40 -12.07 -3.56
N PRO A 414 33.92 -10.91 -4.01
CA PRO A 414 32.69 -10.91 -4.82
C PRO A 414 32.77 -11.53 -6.23
N ASN A 415 33.91 -12.05 -6.64
CA ASN A 415 34.00 -12.68 -7.96
C ASN A 415 34.13 -14.16 -7.86
N ARG A 416 34.04 -14.71 -6.64
CA ARG A 416 34.15 -16.16 -6.37
C ARG A 416 32.79 -16.79 -6.08
N ALA A 417 32.30 -17.60 -7.00
CA ALA A 417 31.05 -18.33 -6.79
C ALA A 417 31.21 -19.42 -5.73
N ILE A 418 30.16 -19.63 -4.94
CA ILE A 418 30.12 -20.70 -4.00
C ILE A 418 28.75 -21.30 -3.97
N ARG A 419 28.68 -22.46 -3.33
CA ARG A 419 27.47 -23.18 -3.07
C ARG A 419 27.19 -23.12 -1.57
N ILE A 420 25.89 -23.13 -1.24
CA ILE A 420 25.38 -23.20 0.11
C ILE A 420 24.37 -24.34 0.09
N THR A 421 24.42 -25.17 1.13
CA THR A 421 23.57 -26.34 1.27
C THR A 421 22.58 -25.98 2.33
N LYS A 422 21.50 -26.71 2.33
CA LYS A 422 20.38 -26.51 3.23
C LYS A 422 20.78 -26.49 4.71
N ASN A 423 21.70 -27.37 5.14
CA ASN A 423 22.23 -27.39 6.55
C ASN A 423 23.03 -26.16 6.94
N GLN A 424 23.59 -25.45 5.95
CA GLN A 424 24.23 -24.20 6.22
C GLN A 424 23.22 -23.07 6.43
N VAL A 425 21.93 -23.31 6.20
CA VAL A 425 20.97 -22.21 6.27
C VAL A 425 20.16 -22.30 7.56
N SER A 426 19.41 -23.39 7.75
CA SER A 426 18.43 -23.46 8.82
C SER A 426 17.89 -24.86 8.93
N GLN A 427 17.68 -25.31 10.16
CA GLN A 427 17.00 -26.56 10.43
C GLN A 427 15.47 -26.38 10.36
N LEU A 428 14.96 -25.14 10.21
CA LEU A 428 13.51 -24.91 10.11
C LEU A 428 12.95 -24.99 8.67
N LEU A 429 13.70 -25.58 7.74
CA LEU A 429 13.33 -25.53 6.34
C LEU A 429 12.51 -26.79 6.02
N PRO A 430 11.88 -26.84 4.83
CA PRO A 430 11.20 -28.06 4.44
C PRO A 430 12.19 -29.25 4.36
N GLU A 431 11.78 -30.43 4.81
CA GLU A 431 12.60 -31.64 4.63
C GLU A 431 12.35 -32.27 3.26
N LYS A 432 11.18 -32.02 2.66
CA LYS A 432 10.84 -32.48 1.31
C LYS A 432 10.41 -31.30 0.46
N PHE A 433 10.43 -31.46 -0.87
CA PHE A 433 10.21 -30.38 -1.81
C PHE A 433 9.07 -30.64 -2.79
N ALA A 434 8.36 -31.75 -2.59
CA ALA A 434 7.29 -32.17 -3.47
C ALA A 434 6.26 -32.98 -2.70
N GLU A 435 4.99 -32.86 -3.06
CA GLU A 435 3.90 -33.61 -2.43
C GLU A 435 2.69 -33.56 -3.33
N GLN A 436 1.78 -34.46 -3.06
CA GLN A 436 0.53 -34.50 -3.79
C GLN A 436 -0.65 -34.20 -2.94
N LEU A 437 -1.64 -33.53 -3.51
CA LEU A 437 -2.89 -33.29 -2.87
C LEU A 437 -3.92 -34.00 -3.66
N ILE A 438 -4.92 -34.56 -3.00
CA ILE A 438 -6.02 -35.22 -3.70
C ILE A 438 -7.34 -34.64 -3.23
N ARG A 439 -8.08 -33.99 -4.14
CA ARG A 439 -9.39 -33.42 -3.83
C ARG A 439 -10.43 -34.28 -4.51
N VAL A 440 -11.57 -34.40 -3.87
CA VAL A 440 -12.61 -35.25 -4.36
C VAL A 440 -13.87 -34.40 -4.39
N TYR A 441 -14.61 -34.49 -5.49
CA TYR A 441 -15.86 -33.72 -5.66
C TYR A 441 -16.93 -34.66 -6.16
N CYS A 442 -18.17 -34.28 -5.90
CA CYS A 442 -19.33 -35.00 -6.32
C CYS A 442 -20.19 -34.21 -7.29
N LYS A 443 -20.54 -34.81 -8.43
CA LYS A 443 -21.46 -34.17 -9.38
C LYS A 443 -22.94 -34.14 -8.91
N LYS A 444 -23.33 -34.98 -7.95
CA LYS A 444 -24.69 -34.95 -7.41
C LYS A 444 -24.66 -34.17 -6.11
N VAL A 445 -25.46 -33.12 -6.05
CA VAL A 445 -25.27 -32.05 -5.06
C VAL A 445 -26.34 -31.96 -3.97
N ASP A 446 -27.39 -32.78 -4.07
CA ASP A 446 -28.43 -32.88 -3.02
C ASP A 446 -27.88 -33.49 -1.70
N ARG A 447 -28.56 -33.16 -0.60
CA ARG A 447 -28.15 -33.49 0.76
C ARG A 447 -27.82 -34.97 0.91
N LYS A 448 -28.64 -35.85 0.31
CA LYS A 448 -28.45 -37.29 0.47
C LYS A 448 -27.19 -37.79 -0.25
N SER A 449 -26.99 -37.35 -1.49
CA SER A 449 -25.87 -37.83 -2.34
C SER A 449 -24.51 -37.34 -1.79
N LEU A 450 -24.50 -36.11 -1.30
CA LEU A 450 -23.33 -35.52 -0.69
C LEU A 450 -23.00 -36.25 0.62
N TYR A 451 -24.05 -36.56 1.40
CA TYR A 451 -23.87 -37.41 2.61
C TYR A 451 -23.18 -38.73 2.26
N ALA A 452 -23.69 -39.41 1.25
CA ALA A 452 -23.08 -40.65 0.79
C ALA A 452 -21.64 -40.44 0.25
N ALA A 453 -21.38 -39.32 -0.43
CA ALA A 453 -20.05 -39.10 -1.02
C ALA A 453 -19.02 -38.97 0.08
N ARG A 454 -19.39 -38.36 1.17
CA ARG A 454 -18.50 -38.22 2.30
C ARG A 454 -18.08 -39.57 2.85
N GLN A 455 -19.02 -40.53 2.92
CA GLN A 455 -18.75 -41.88 3.46
C GLN A 455 -17.85 -42.73 2.50
N TYR A 456 -18.21 -42.77 1.22
CA TYR A 456 -17.35 -43.38 0.19
C TYR A 456 -15.98 -42.79 0.29
N PHE A 457 -15.93 -41.44 0.31
CA PHE A 457 -14.65 -40.70 0.38
C PHE A 457 -13.73 -41.06 1.56
N VAL A 458 -14.23 -40.85 2.78
CA VAL A 458 -13.44 -41.16 3.99
C VAL A 458 -13.07 -42.66 4.02
N GLN A 459 -13.98 -43.53 3.59
CA GLN A 459 -13.69 -44.98 3.55
C GLN A 459 -12.57 -45.28 2.57
N TRP A 460 -12.61 -44.65 1.40
CA TRP A 460 -11.52 -44.78 0.43
C TRP A 460 -10.16 -44.28 0.95
N CYS A 461 -10.16 -43.23 1.76
CA CYS A 461 -8.92 -42.73 2.42
C CYS A 461 -8.34 -43.77 3.39
N ALA A 462 -9.24 -44.38 4.17
CA ALA A 462 -8.91 -45.43 5.14
C ALA A 462 -8.33 -46.69 4.47
N ASP A 463 -9.05 -47.18 3.46
CA ASP A 463 -8.62 -48.33 2.66
C ASP A 463 -7.28 -48.10 2.00
N ARG A 464 -6.94 -46.85 1.69
CA ARG A 464 -5.68 -46.61 0.97
C ARG A 464 -4.55 -46.14 1.83
N ASN A 465 -4.77 -46.06 3.13
CA ASN A 465 -3.81 -45.47 4.04
C ASN A 465 -3.40 -44.03 3.74
N PHE A 466 -4.32 -43.26 3.15
CA PHE A 466 -4.11 -41.84 2.93
C PHE A 466 -4.30 -41.07 4.26
N THR A 467 -3.99 -39.79 4.26
CA THR A 467 -4.09 -39.00 5.50
C THR A 467 -5.56 -38.78 5.87
N LYS A 468 -5.81 -38.71 7.16
CA LYS A 468 -7.14 -38.48 7.69
C LYS A 468 -7.53 -37.05 7.27
N PRO A 469 -8.62 -36.92 6.51
CA PRO A 469 -9.10 -35.60 6.22
C PRO A 469 -9.31 -34.80 7.50
N GLN A 470 -9.06 -33.52 7.43
CA GLN A 470 -9.12 -32.67 8.60
C GLN A 470 -10.50 -32.75 9.31
N ASP A 471 -11.57 -32.80 8.51
CA ASP A 471 -12.94 -32.85 9.02
C ASP A 471 -13.50 -34.27 9.09
N GLY A 472 -12.67 -35.29 8.96
CA GLY A 472 -13.12 -36.68 8.89
C GLY A 472 -14.02 -37.16 10.00
N ASP A 473 -13.69 -36.81 11.24
CA ASP A 473 -14.54 -37.17 12.41
C ASP A 473 -15.93 -36.57 12.34
N VAL A 474 -16.05 -35.40 11.70
CA VAL A 474 -17.28 -34.72 11.61
C VAL A 474 -18.14 -35.17 10.43
N ILE A 475 -17.57 -35.40 9.26
CA ILE A 475 -18.36 -35.78 8.08
C ILE A 475 -18.58 -37.30 7.95
N ALA A 476 -17.79 -38.09 8.67
CA ALA A 476 -17.94 -39.55 8.62
C ALA A 476 -17.57 -40.19 9.98
N PRO A 477 -18.33 -39.87 11.04
CA PRO A 477 -18.02 -40.40 12.39
C PRO A 477 -18.27 -41.91 12.53
N LEU A 478 -19.07 -42.52 11.65
CA LEU A 478 -19.21 -44.00 11.67
C LEU A 478 -18.02 -44.70 11.02
N ILE A 479 -17.17 -43.96 10.29
CA ILE A 479 -16.11 -44.53 9.45
C ILE A 479 -14.71 -44.40 10.07
N THR A 480 -14.39 -43.27 10.67
CA THR A 480 -13.04 -43.02 11.19
C THR A 480 -12.61 -43.86 12.41
N PRO A 481 -13.56 -44.34 13.22
CA PRO A 481 -13.16 -45.26 14.28
C PRO A 481 -12.50 -46.56 13.81
N GLN A 482 -12.88 -47.11 12.66
CA GLN A 482 -12.28 -48.36 12.14
C GLN A 482 -10.72 -48.35 12.01
N LYS A 483 -10.14 -47.17 11.80
CA LYS A 483 -8.74 -47.02 11.45
C LYS A 483 -8.00 -46.56 12.70
N LYS A 484 -7.20 -47.45 13.27
CA LYS A 484 -6.63 -47.23 14.61
C LYS A 484 -5.71 -45.99 14.67
N GLU A 485 -5.00 -45.76 13.58
CA GLU A 485 -3.98 -44.70 13.47
C GLU A 485 -4.58 -43.29 13.49
N TRP A 486 -5.87 -43.19 13.17
CA TRP A 486 -6.57 -41.92 13.15
C TRP A 486 -7.06 -41.50 14.55
N ASN A 487 -7.28 -42.48 15.43
CA ASN A 487 -7.26 -42.35 16.92
C ASN A 487 -7.75 -43.65 17.56
N ASP B 1 35.55 -0.05 -5.31
CA ASP B 1 34.94 0.39 -4.03
C ASP B 1 33.39 0.37 -4.14
N THR B 2 32.75 -0.30 -3.17
CA THR B 2 31.31 -0.65 -3.20
C THR B 2 30.36 0.37 -2.51
N MET B 3 29.11 0.33 -2.99
CA MET B 3 28.00 1.13 -2.51
C MET B 3 27.31 0.41 -1.34
N LYS B 4 27.09 1.12 -0.24
CA LYS B 4 26.10 0.70 0.75
C LYS B 4 24.65 0.74 0.24
N VAL B 5 23.91 -0.31 0.56
CA VAL B 5 22.47 -0.34 0.35
C VAL B 5 21.75 -0.06 1.67
N ILE B 6 20.77 0.82 1.66
CA ILE B 6 19.89 1.03 2.82
C ILE B 6 18.44 0.82 2.44
N ASN B 7 17.66 0.17 3.30
CA ASN B 7 16.26 -0.06 2.99
C ASN B 7 15.39 0.97 3.65
N ASP B 8 14.66 1.72 2.84
CA ASP B 8 13.76 2.77 3.29
C ASP B 8 12.33 2.35 3.00
N PRO B 9 11.46 2.42 3.97
CA PRO B 9 10.06 2.14 3.64
C PRO B 9 9.45 2.96 2.49
N ILE B 10 9.92 4.17 2.21
CA ILE B 10 9.33 5.02 1.15
C ILE B 10 9.90 4.72 -0.20
N HIS B 11 11.21 4.60 -0.29
CA HIS B 11 11.90 4.48 -1.58
C HIS B 11 12.47 3.11 -1.87
N GLY B 12 12.40 2.17 -0.93
CA GLY B 12 13.02 0.86 -1.08
C GLY B 12 14.53 0.91 -0.91
N HIS B 13 15.24 0.08 -1.67
CA HIS B 13 16.67 -0.12 -1.48
C HIS B 13 17.42 0.97 -2.17
N ILE B 14 17.96 1.90 -1.40
CA ILE B 14 18.69 3.05 -1.89
C ILE B 14 20.20 2.72 -1.86
N GLU B 15 20.95 3.14 -2.87
CA GLU B 15 22.40 3.01 -2.89
C GLU B 15 23.09 4.29 -2.45
N LEU B 16 24.05 4.19 -1.52
CA LEU B 16 24.86 5.31 -1.09
C LEU B 16 26.34 5.17 -1.45
N HIS B 17 26.83 6.17 -2.16
CA HIS B 17 28.26 6.33 -2.47
C HIS B 17 29.11 6.49 -1.16
N PRO B 18 30.29 5.84 -1.07
CA PRO B 18 31.20 5.95 0.11
C PRO B 18 31.37 7.36 0.68
N LEU B 19 31.45 8.37 -0.18
CA LEU B 19 31.54 9.77 0.25
C LEU B 19 30.31 10.20 0.98
N LEU B 20 29.12 9.84 0.45
CA LEU B 20 27.84 10.09 1.19
C LEU B 20 27.84 9.39 2.52
N VAL B 21 28.37 8.18 2.56
CA VAL B 21 28.44 7.42 3.82
C VAL B 21 29.36 8.07 4.87
N ARG B 22 30.49 8.63 4.44
CA ARG B 22 31.37 9.36 5.37
C ARG B 22 30.70 10.64 5.91
N ILE B 23 29.90 11.31 5.09
CA ILE B 23 29.11 12.46 5.60
C ILE B 23 28.06 12.04 6.64
N ILE B 24 27.38 10.92 6.37
CA ILE B 24 26.24 10.47 7.20
C ILE B 24 26.74 10.00 8.58
N ASP B 25 27.92 9.39 8.59
CA ASP B 25 28.51 8.78 9.77
C ASP B 25 29.37 9.75 10.60
N THR B 26 28.73 10.85 10.94
CA THR B 26 29.28 11.91 11.73
C THR B 26 28.26 12.31 12.77
N PRO B 27 28.73 12.85 13.92
CA PRO B 27 27.79 13.39 14.95
C PRO B 27 26.80 14.46 14.41
N GLN B 28 27.26 15.26 13.46
CA GLN B 28 26.50 16.37 12.97
C GLN B 28 25.29 15.93 12.13
N PHE B 29 25.39 14.82 11.40
CA PHE B 29 24.27 14.28 10.61
C PHE B 29 23.42 13.33 11.46
N GLN B 30 24.08 12.47 12.25
CA GLN B 30 23.41 11.53 13.16
C GLN B 30 22.48 12.16 14.20
N ARG B 31 22.76 13.41 14.57
CA ARG B 31 21.84 14.13 15.44
C ARG B 31 20.44 14.27 14.87
N LEU B 32 20.29 14.19 13.56
CA LEU B 32 18.94 14.26 12.95
C LEU B 32 18.03 13.06 13.27
N ARG B 33 18.58 12.00 13.85
CA ARG B 33 17.78 10.90 14.41
C ARG B 33 17.01 11.28 15.66
N TYR B 34 17.34 12.38 16.28
CA TYR B 34 16.69 12.75 17.52
C TYR B 34 15.91 14.04 17.33
N ILE B 35 15.48 14.33 16.12
CA ILE B 35 14.60 15.48 15.86
C ILE B 35 13.39 15.05 15.02
N LYS B 36 12.21 15.11 15.59
CA LYS B 36 11.04 14.65 14.89
C LYS B 36 10.75 15.61 13.76
N GLN B 37 10.48 15.02 12.62
CA GLN B 37 10.03 15.68 11.41
C GLN B 37 8.84 16.61 11.65
N LEU B 38 7.81 16.14 12.34
CA LEU B 38 6.58 16.93 12.46
C LEU B 38 6.39 17.62 13.82
N GLY B 39 7.47 17.68 14.59
CA GLY B 39 7.45 18.25 15.93
C GLY B 39 6.36 17.67 16.80
N GLY B 40 5.48 18.56 17.24
CA GLY B 40 4.38 18.22 18.08
C GLY B 40 3.32 17.36 17.44
N GLY B 41 3.29 17.24 16.11
CA GLY B 41 2.36 16.37 15.42
C GLY B 41 2.29 14.93 15.87
N TYR B 42 3.40 14.35 16.33
CA TYR B 42 3.44 12.99 16.98
C TYR B 42 2.48 12.86 18.09
N TYR B 43 2.27 13.94 18.81
CA TYR B 43 1.34 13.98 19.93
C TYR B 43 -0.11 14.01 19.47
N VAL B 44 -0.39 14.13 18.17
CA VAL B 44 -1.76 13.97 17.61
C VAL B 44 -1.89 12.80 16.63
N PHE B 45 -0.84 12.57 15.86
CA PHE B 45 -0.81 11.45 14.93
C PHE B 45 0.25 10.45 15.45
N PRO B 46 -0.19 9.37 16.07
CA PRO B 46 0.78 8.47 16.68
C PRO B 46 1.72 7.73 15.72
N GLY B 47 1.40 7.66 14.43
CA GLY B 47 2.34 7.10 13.47
C GLY B 47 3.49 8.01 13.06
N ALA B 48 3.40 9.31 13.39
CA ALA B 48 4.37 10.31 12.98
C ALA B 48 5.55 10.41 13.96
N SER B 49 6.23 9.28 14.13
CA SER B 49 7.42 9.14 14.92
C SER B 49 8.67 9.41 14.10
N HIS B 50 8.55 9.60 12.78
CA HIS B 50 9.72 9.76 11.95
C HIS B 50 10.50 11.02 12.26
N ASN B 51 11.79 10.93 12.02
CA ASN B 51 12.75 11.95 12.30
C ASN B 51 13.38 12.52 11.03
N ARG B 52 14.15 13.59 11.21
CA ARG B 52 14.80 14.27 10.09
C ARG B 52 15.84 13.44 9.39
N PHE B 53 16.46 12.50 10.10
CA PHE B 53 17.48 11.66 9.54
C PHE B 53 16.98 10.92 8.31
N GLU B 54 15.89 10.17 8.43
CA GLU B 54 15.40 9.37 7.31
C GLU B 54 14.82 10.24 6.23
N HIS B 55 14.23 11.40 6.54
CA HIS B 55 13.85 12.35 5.50
C HIS B 55 15.06 12.82 4.68
N SER B 56 16.16 13.16 5.35
CA SER B 56 17.35 13.64 4.65
C SER B 56 17.88 12.57 3.73
N LEU B 57 17.88 11.31 4.15
CA LEU B 57 18.41 10.23 3.24
C LEU B 57 17.57 10.20 1.98
N GLY B 58 16.28 10.39 2.15
CA GLY B 58 15.36 10.39 1.03
C GLY B 58 15.53 11.56 0.07
N VAL B 59 15.75 12.76 0.61
CA VAL B 59 15.96 13.95 -0.22
C VAL B 59 17.21 13.72 -1.01
N GLY B 60 18.26 13.27 -0.34
CA GLY B 60 19.50 12.91 -1.03
C GLY B 60 19.27 11.88 -2.13
N TYR B 61 18.57 10.80 -1.83
CA TYR B 61 18.22 9.86 -2.90
C TYR B 61 17.42 10.52 -4.05
N LEU B 62 16.40 11.29 -3.75
CA LEU B 62 15.60 11.84 -4.85
C LEU B 62 16.33 12.88 -5.67
N ALA B 63 17.22 13.62 -5.05
CA ALA B 63 18.12 14.54 -5.78
C ALA B 63 18.99 13.83 -6.78
N GLY B 64 19.56 12.73 -6.35
CA GLY B 64 20.24 11.81 -7.27
C GLY B 64 19.38 11.23 -8.37
N CYS B 65 18.13 10.85 -8.09
CA CYS B 65 17.24 10.37 -9.14
C CYS B 65 16.98 11.42 -10.19
N LEU B 66 16.71 12.64 -9.79
CA LEU B 66 16.32 13.64 -10.80
C LEU B 66 17.50 14.01 -11.67
N VAL B 67 18.66 14.21 -11.05
CA VAL B 67 19.89 14.48 -11.79
C VAL B 67 20.32 13.32 -12.69
N HIS B 68 20.21 12.07 -12.26
CA HIS B 68 20.47 10.92 -13.16
C HIS B 68 19.49 10.84 -14.30
N ALA B 69 18.21 11.10 -14.06
CA ALA B 69 17.22 11.01 -15.12
C ALA B 69 17.56 12.04 -16.21
N LEU B 70 17.84 13.29 -15.79
CA LEU B 70 18.19 14.34 -16.76
C LEU B 70 19.46 13.97 -17.58
N GLY B 71 20.48 13.47 -16.90
CA GLY B 71 21.72 13.05 -17.54
C GLY B 71 21.59 11.95 -18.54
N GLU B 72 20.68 11.00 -18.30
CA GLU B 72 20.46 9.88 -19.21
C GLU B 72 19.70 10.26 -20.44
N LYS B 73 18.69 11.09 -20.29
CA LYS B 73 17.83 11.46 -21.40
C LYS B 73 18.52 12.52 -22.25
N GLN B 74 19.38 13.34 -21.63
CA GLN B 74 20.00 14.48 -22.33
C GLN B 74 21.52 14.59 -22.07
N PRO B 75 22.34 13.66 -22.65
CA PRO B 75 23.82 13.68 -22.54
C PRO B 75 24.50 15.02 -22.92
N GLU B 76 23.91 15.76 -23.86
CA GLU B 76 24.40 17.11 -24.22
C GLU B 76 24.57 18.12 -23.03
N LEU B 77 23.91 17.83 -21.91
CA LEU B 77 24.01 18.66 -20.71
C LEU B 77 25.34 18.48 -19.99
N GLN B 78 26.06 17.39 -20.27
CA GLN B 78 27.45 17.22 -19.78
C GLN B 78 27.46 17.12 -18.24
N ILE B 79 26.52 16.35 -17.70
CA ILE B 79 26.39 16.19 -16.25
C ILE B 79 27.44 15.15 -15.88
N SER B 80 28.31 15.51 -14.95
CA SER B 80 29.37 14.62 -14.47
C SER B 80 29.02 13.94 -13.16
N GLU B 81 29.73 12.87 -12.85
CA GLU B 81 29.75 12.24 -11.54
C GLU B 81 29.88 13.29 -10.42
N ARG B 82 30.78 14.23 -10.63
CA ARG B 82 31.06 15.22 -9.64
C ARG B 82 29.80 16.09 -9.30
N ASP B 83 29.08 16.51 -10.35
CA ASP B 83 27.80 17.21 -10.25
C ASP B 83 26.77 16.38 -9.54
N VAL B 84 26.69 15.10 -9.92
CA VAL B 84 25.75 14.18 -9.29
C VAL B 84 26.03 14.09 -7.78
N LEU B 85 27.28 13.84 -7.38
CA LEU B 85 27.58 13.80 -5.97
C LEU B 85 27.29 15.08 -5.21
N CYS B 86 27.51 16.27 -5.82
CA CYS B 86 27.30 17.51 -5.08
C CYS B 86 25.81 17.77 -4.92
N VAL B 87 25.02 17.43 -5.92
CA VAL B 87 23.54 17.50 -5.79
C VAL B 87 23.06 16.53 -4.72
N GLN B 88 23.55 15.30 -4.71
CA GLN B 88 23.20 14.35 -3.61
C GLN B 88 23.56 14.91 -2.24
N ILE B 89 24.74 15.54 -2.13
CA ILE B 89 25.25 16.04 -0.81
C ILE B 89 24.40 17.19 -0.37
N ALA B 90 24.04 18.06 -1.30
CA ALA B 90 23.15 19.18 -0.94
C ALA B 90 21.80 18.64 -0.48
N GLY B 91 21.30 17.59 -1.12
CA GLY B 91 20.03 17.04 -0.73
C GLY B 91 20.09 16.41 0.62
N LEU B 92 21.12 15.58 0.87
CA LEU B 92 21.36 14.99 2.23
C LEU B 92 21.48 15.99 3.35
N CYS B 93 22.03 17.16 3.04
CA CYS B 93 22.43 18.12 4.06
C CYS B 93 21.50 19.31 4.21
N ARG B 94 20.49 19.44 3.33
CA ARG B 94 19.63 20.61 3.44
C ARG B 94 18.83 20.70 4.70
N ASN B 95 18.70 19.60 5.43
CA ASN B 95 17.98 19.59 6.75
C ASN B 95 18.90 19.63 7.99
N LEU B 96 20.19 19.82 7.84
CA LEU B 96 21.15 19.80 8.99
C LEU B 96 20.88 20.84 10.00
N GLY B 97 20.27 21.95 9.61
CA GLY B 97 20.07 23.08 10.55
C GLY B 97 18.86 23.08 11.45
N HIS B 98 18.06 22.02 11.36
CA HIS B 98 16.84 21.94 12.13
C HIS B 98 17.17 21.76 13.59
N GLY B 99 16.36 22.41 14.41
CA GLY B 99 16.45 22.32 15.87
C GLY B 99 15.38 21.40 16.42
N PRO B 100 15.33 21.28 17.76
CA PRO B 100 14.36 20.49 18.44
C PRO B 100 12.93 20.73 17.90
N PHE B 101 12.22 19.63 17.67
CA PHE B 101 10.85 19.61 17.14
C PHE B 101 10.64 20.38 15.83
N SER B 102 11.71 20.37 15.05
CA SER B 102 11.76 20.94 13.73
C SER B 102 11.19 22.35 13.73
N HIS B 103 9.99 22.55 13.20
CA HIS B 103 9.55 23.88 12.85
C HIS B 103 9.11 24.64 14.05
N MET B 104 8.81 23.94 15.11
CA MET B 104 8.65 24.63 16.37
C MET B 104 9.88 25.51 16.74
N PHE B 105 11.10 24.98 16.60
CA PHE B 105 12.32 25.68 17.03
C PHE B 105 12.52 26.98 16.25
N ASP B 106 12.59 26.89 14.94
CA ASP B 106 12.85 28.08 14.16
C ASP B 106 11.59 28.90 13.84
N GLY B 107 10.38 28.34 13.90
CA GLY B 107 9.12 29.14 13.69
C GLY B 107 8.38 29.66 14.93
N ARG B 108 8.60 29.03 16.10
CA ARG B 108 8.00 29.51 17.38
C ARG B 108 9.08 30.01 18.38
N PHE B 109 10.05 29.18 18.74
CA PHE B 109 10.98 29.47 19.82
C PHE B 109 12.01 30.58 19.56
N ILE B 110 12.77 30.49 18.48
CA ILE B 110 13.80 31.47 18.19
C ILE B 110 13.21 32.87 17.88
N PRO B 111 12.09 32.96 17.14
CA PRO B 111 11.54 34.30 17.00
C PRO B 111 11.18 34.97 18.35
N LEU B 112 10.64 34.19 19.30
CA LEU B 112 10.28 34.72 20.62
C LEU B 112 11.46 34.94 21.61
N ALA B 113 12.52 34.12 21.51
CA ALA B 113 13.71 34.20 22.38
C ALA B 113 14.81 35.15 21.87
N ARG B 114 14.98 35.18 20.55
CA ARG B 114 15.97 36.01 19.88
C ARG B 114 15.28 36.87 18.79
N PRO B 115 14.33 37.76 19.16
CA PRO B 115 13.57 38.56 18.15
C PRO B 115 14.46 39.32 17.18
N GLU B 116 15.57 39.80 17.71
CA GLU B 116 16.55 40.56 16.95
C GLU B 116 17.35 39.78 15.90
N VAL B 117 17.25 38.45 15.79
CA VAL B 117 18.14 37.74 14.84
C VAL B 117 17.38 37.21 13.63
N LYS B 118 18.09 37.07 12.52
CA LYS B 118 17.49 36.54 11.30
C LYS B 118 17.96 35.10 11.29
N TRP B 119 17.09 34.17 11.70
CA TRP B 119 17.49 32.76 11.76
C TRP B 119 16.51 31.90 11.01
N THR B 120 17.05 30.98 10.23
CA THR B 120 16.28 29.98 9.54
C THR B 120 17.02 28.66 9.67
N HIS B 121 16.32 27.57 9.45
CA HIS B 121 16.98 26.24 9.41
C HIS B 121 17.99 26.16 8.23
N GLU B 122 17.70 26.83 7.12
CA GLU B 122 18.58 26.93 5.97
C GLU B 122 19.95 27.47 6.32
N GLN B 123 19.97 28.58 7.07
CA GLN B 123 21.25 29.19 7.45
C GLN B 123 21.95 28.27 8.42
N GLY B 124 21.21 27.58 9.28
CA GLY B 124 21.74 26.57 10.18
C GLY B 124 22.31 25.39 9.44
N SER B 125 21.69 25.02 8.32
CA SER B 125 22.16 23.87 7.59
C SER B 125 23.55 24.15 7.05
N VAL B 126 23.75 25.35 6.54
CA VAL B 126 25.04 25.74 6.01
C VAL B 126 26.11 25.82 7.09
N MET B 127 25.78 26.39 8.23
CA MET B 127 26.74 26.46 9.33
C MET B 127 27.11 25.05 9.79
N MET B 128 26.08 24.22 9.96
CA MET B 128 26.32 22.84 10.37
C MET B 128 27.07 22.03 9.34
N PHE B 129 26.86 22.31 8.06
CA PHE B 129 27.57 21.64 7.02
C PHE B 129 29.08 21.97 7.05
N GLU B 130 29.41 23.25 7.21
CA GLU B 130 30.82 23.68 7.34
C GLU B 130 31.42 23.04 8.58
N HIS B 131 30.73 23.10 9.70
CA HIS B 131 31.22 22.43 10.90
C HIS B 131 31.43 20.95 10.65
N LEU B 132 30.47 20.30 9.97
CA LEU B 132 30.59 18.87 9.67
C LEU B 132 31.81 18.54 8.84
N ILE B 133 32.10 19.40 7.86
CA ILE B 133 33.18 19.14 6.89
C ILE B 133 34.55 19.33 7.57
N ASN B 134 34.69 20.38 8.36
CA ASN B 134 35.94 20.71 9.03
C ASN B 134 36.25 19.72 10.16
N SER B 135 35.25 19.40 10.99
CA SER B 135 35.40 18.50 12.14
C SER B 135 35.70 17.06 11.83
N ASN B 136 35.53 16.63 10.57
CA ASN B 136 35.59 15.21 10.22
C ASN B 136 36.51 14.88 9.04
N GLY B 137 37.38 15.81 8.66
CA GLY B 137 38.34 15.55 7.60
C GLY B 137 37.68 15.11 6.32
N ILE B 138 36.56 15.73 5.97
CA ILE B 138 35.79 15.40 4.74
C ILE B 138 36.45 15.95 3.50
N LYS B 139 37.17 17.07 3.59
CA LYS B 139 37.78 17.65 2.36
C LYS B 139 38.70 16.74 1.57
N PRO B 140 39.58 15.97 2.25
CA PRO B 140 40.39 15.00 1.46
C PRO B 140 39.60 13.84 0.83
N VAL B 141 38.48 13.45 1.45
CA VAL B 141 37.61 12.38 0.93
C VAL B 141 36.91 12.87 -0.34
N MET B 142 36.39 14.09 -0.31
CA MET B 142 35.87 14.72 -1.52
C MET B 142 36.85 14.74 -2.66
N GLU B 143 38.10 15.06 -2.34
CA GLU B 143 39.16 15.13 -3.36
C GLU B 143 39.42 13.73 -3.86
N GLN B 144 39.50 12.76 -2.96
CA GLN B 144 39.64 11.33 -3.35
C GLN B 144 38.63 10.89 -4.44
N TYR B 145 37.42 11.44 -4.44
CA TYR B 145 36.39 10.99 -5.38
C TYR B 145 36.11 12.01 -6.45
N GLY B 146 37.08 12.90 -6.67
CA GLY B 146 37.07 13.78 -7.84
C GLY B 146 36.34 15.10 -7.67
N LEU B 147 36.04 15.50 -6.44
CA LEU B 147 35.44 16.80 -6.21
C LEU B 147 36.56 17.80 -5.97
N ILE B 148 36.21 19.07 -6.15
CA ILE B 148 37.12 20.18 -5.98
C ILE B 148 36.53 21.03 -4.87
N PRO B 149 36.96 20.78 -3.62
CA PRO B 149 36.39 21.45 -2.46
C PRO B 149 36.02 22.94 -2.53
N GLU B 150 36.91 23.85 -2.91
CA GLU B 150 36.50 25.27 -2.77
C GLU B 150 35.32 25.58 -3.69
N GLU B 151 35.37 25.09 -4.93
CA GLU B 151 34.27 25.19 -5.87
C GLU B 151 33.03 24.44 -5.37
N ASP B 152 33.18 23.16 -4.99
CA ASP B 152 32.03 22.27 -4.73
C ASP B 152 31.34 22.49 -3.39
N ILE B 153 32.11 22.86 -2.37
CA ILE B 153 31.52 23.31 -1.12
C ILE B 153 30.65 24.54 -1.32
N CYS B 154 31.11 25.48 -2.16
CA CYS B 154 30.33 26.68 -2.45
C CYS B 154 29.03 26.26 -3.17
N PHE B 155 29.15 25.33 -4.10
CA PHE B 155 28.03 24.84 -4.86
C PHE B 155 27.00 24.21 -3.95
N ILE B 156 27.48 23.39 -3.00
CA ILE B 156 26.59 22.69 -2.07
C ILE B 156 25.83 23.71 -1.22
N LYS B 157 26.52 24.72 -0.73
CA LYS B 157 25.88 25.70 0.14
C LYS B 157 24.91 26.55 -0.64
N GLU B 158 25.27 26.87 -1.87
CA GLU B 158 24.38 27.66 -2.71
C GLU B 158 23.09 26.93 -3.00
N GLN B 159 23.17 25.61 -3.18
CA GLN B 159 21.97 24.81 -3.42
C GLN B 159 21.02 24.84 -2.23
N ILE B 160 21.53 25.05 -1.02
CA ILE B 160 20.74 24.99 0.17
C ILE B 160 20.14 26.33 0.56
N VAL B 161 20.93 27.38 0.46
CA VAL B 161 20.55 28.70 0.97
C VAL B 161 20.43 29.78 -0.12
N GLY B 162 20.77 29.45 -1.37
CA GLY B 162 20.83 30.45 -2.46
C GLY B 162 22.19 31.14 -2.57
N PRO B 163 22.28 32.21 -3.41
CA PRO B 163 23.53 32.98 -3.55
C PRO B 163 24.19 33.36 -2.20
N LEU B 164 25.50 33.18 -2.06
CA LEU B 164 26.20 33.61 -0.83
C LEU B 164 26.47 35.15 -0.70
N GLU B 165 26.61 35.89 -1.83
CA GLU B 165 26.49 37.38 -1.86
C GLU B 165 25.16 37.87 -1.23
N LEU B 172 23.40 39.91 -13.35
CA LEU B 172 24.13 38.79 -13.96
C LEU B 172 23.66 37.44 -13.40
N TRP B 173 24.55 36.45 -13.43
CA TRP B 173 24.41 35.15 -12.76
C TRP B 173 24.94 35.30 -11.35
N PRO B 174 24.09 35.05 -10.32
CA PRO B 174 24.47 35.32 -8.93
C PRO B 174 25.23 34.20 -8.18
N TYR B 175 25.49 33.08 -8.85
CA TYR B 175 26.02 31.88 -8.21
C TYR B 175 27.49 31.71 -8.65
N LYS B 176 28.34 31.27 -7.71
CA LYS B 176 29.77 30.97 -7.96
C LYS B 176 30.09 29.48 -8.24
N GLY B 177 29.29 28.56 -7.72
CA GLY B 177 29.67 27.13 -7.74
C GLY B 177 29.60 26.49 -9.10
N ARG B 178 28.65 26.92 -9.93
CA ARG B 178 28.48 26.37 -11.28
C ARG B 178 28.03 27.49 -12.18
N PRO B 179 28.34 27.43 -13.50
CA PRO B 179 27.85 28.47 -14.40
C PRO B 179 26.42 28.24 -14.94
N GLU B 180 25.91 29.19 -15.73
CA GLU B 180 24.51 29.19 -16.22
C GLU B 180 24.16 28.03 -17.10
N ASN B 181 25.17 27.45 -17.71
CA ASN B 181 24.98 26.22 -18.50
C ASN B 181 24.57 25.04 -17.58
N LYS B 182 24.77 25.19 -16.26
CA LYS B 182 24.40 24.21 -15.25
C LYS B 182 23.30 24.75 -14.31
N SER B 183 22.57 25.76 -14.77
CA SER B 183 21.56 26.47 -13.96
C SER B 183 20.53 25.51 -13.38
N PHE B 184 20.11 24.57 -14.21
CA PHE B 184 19.12 23.60 -13.84
C PHE B 184 19.49 22.80 -12.63
N LEU B 185 20.79 22.66 -12.34
CA LEU B 185 21.16 21.90 -11.16
C LEU B 185 20.72 22.57 -9.88
N TYR B 186 20.54 23.89 -9.90
CA TYR B 186 20.06 24.63 -8.70
C TYR B 186 18.53 24.58 -8.48
N GLU B 187 17.82 23.87 -9.36
CA GLU B 187 16.37 23.68 -9.27
C GLU B 187 16.01 22.35 -8.59
N ILE B 188 16.99 21.55 -8.17
CA ILE B 188 16.73 20.20 -7.68
C ILE B 188 16.43 20.13 -6.16
N VAL B 189 17.34 20.62 -5.31
CA VAL B 189 17.26 20.38 -3.87
C VAL B 189 16.38 21.46 -3.20
N SER B 190 16.59 22.72 -3.58
CA SER B 190 15.76 23.79 -3.03
C SER B 190 15.51 24.81 -4.09
N ASN B 191 14.29 24.87 -4.61
CA ASN B 191 13.99 25.56 -5.84
C ASN B 191 13.36 26.89 -5.47
N LYS B 192 14.20 27.91 -5.52
CA LYS B 192 13.84 29.25 -5.11
C LYS B 192 12.92 29.92 -6.13
N ARG B 193 12.89 29.49 -7.38
CA ARG B 193 12.08 30.11 -8.42
C ARG B 193 10.59 29.82 -8.27
N ASN B 194 10.23 28.55 -8.04
CA ASN B 194 8.81 28.15 -7.97
C ASN B 194 8.51 27.07 -6.88
N GLY B 195 9.51 26.62 -6.14
CA GLY B 195 9.31 25.66 -5.05
C GLY B 195 9.11 24.21 -5.40
N ILE B 196 9.28 23.84 -6.64
CA ILE B 196 9.06 22.47 -7.01
C ILE B 196 10.42 21.78 -6.89
N ASP B 197 10.59 21.00 -5.82
CA ASP B 197 11.85 20.33 -5.59
C ASP B 197 11.72 19.00 -4.85
N VAL B 198 12.83 18.28 -4.72
CA VAL B 198 12.78 16.95 -4.19
C VAL B 198 12.55 16.87 -2.71
N ASP B 199 12.77 17.95 -1.95
CA ASP B 199 12.44 17.94 -0.51
C ASP B 199 10.91 17.68 -0.29
N LYS B 200 10.08 18.46 -0.98
CA LYS B 200 8.63 18.30 -0.99
C LYS B 200 8.23 16.86 -1.31
N TRP B 201 8.80 16.31 -2.37
CA TRP B 201 8.43 15.01 -2.81
C TRP B 201 8.72 13.94 -1.80
N ASP B 202 9.86 14.03 -1.10
CA ASP B 202 10.13 13.07 -0.05
C ASP B 202 9.11 13.25 1.06
N TYR B 203 8.87 14.45 1.54
CA TYR B 203 8.01 14.57 2.72
C TYR B 203 6.51 14.30 2.41
N PHE B 204 6.03 14.54 1.18
CA PHE B 204 4.67 14.12 0.79
C PHE B 204 4.53 12.63 0.97
N ALA B 205 5.40 11.86 0.35
CA ALA B 205 5.38 10.41 0.50
C ALA B 205 5.62 9.96 1.93
N ARG B 206 6.60 10.53 2.64
CA ARG B 206 6.98 10.02 3.99
C ARG B 206 6.00 10.44 5.01
N ASP B 207 5.64 11.70 5.02
CA ASP B 207 4.67 12.14 6.00
C ASP B 207 3.37 11.38 5.82
N CYS B 208 2.91 11.14 4.57
CA CYS B 208 1.63 10.45 4.36
C CYS B 208 1.67 9.00 4.86
N HIS B 209 2.76 8.30 4.57
CA HIS B 209 3.02 6.93 5.11
C HIS B 209 2.88 6.84 6.65
N HIS B 210 3.40 7.83 7.35
CA HIS B 210 3.42 7.80 8.79
C HIS B 210 2.16 8.40 9.40
N LEU B 211 1.57 9.38 8.76
CA LEU B 211 0.38 10.01 9.29
C LEU B 211 -0.90 9.18 9.15
N GLY B 212 -1.01 8.36 8.10
CA GLY B 212 -2.23 7.64 7.77
C GLY B 212 -3.19 8.49 6.93
N ILE B 213 -2.62 9.22 6.00
CA ILE B 213 -3.35 10.06 5.05
C ILE B 213 -2.66 9.68 3.79
N GLN B 214 -3.36 9.28 2.74
CA GLN B 214 -2.68 8.81 1.54
C GLN B 214 -2.18 9.97 0.62
N ASN B 215 -0.99 9.77 0.05
CA ASN B 215 -0.42 10.79 -0.82
C ASN B 215 -0.99 10.75 -2.24
N ASN B 216 -1.41 11.89 -2.79
CA ASN B 216 -1.90 11.92 -4.20
C ASN B 216 -0.95 12.45 -5.29
N PHE B 217 0.26 12.92 -4.95
CA PHE B 217 1.19 13.43 -5.95
C PHE B 217 2.20 12.35 -6.40
N ASP B 218 2.36 12.18 -7.72
CA ASP B 218 3.28 11.21 -8.32
C ASP B 218 4.62 11.81 -8.78
N TYR B 219 5.66 11.72 -7.95
CA TYR B 219 6.97 12.38 -8.21
C TYR B 219 7.73 11.62 -9.29
N LYS B 220 7.56 10.28 -9.35
CA LYS B 220 8.14 9.48 -10.39
C LYS B 220 7.63 9.85 -11.79
N ARG B 221 6.35 10.16 -11.94
CA ARG B 221 5.81 10.60 -13.20
C ARG B 221 6.42 11.95 -13.56
N PHE B 222 6.49 12.88 -12.60
CA PHE B 222 7.16 14.14 -12.87
C PHE B 222 8.61 13.95 -13.37
N ILE B 223 9.38 13.03 -12.77
CA ILE B 223 10.75 12.80 -13.20
C ILE B 223 10.83 12.22 -14.60
N LYS B 224 9.97 11.26 -14.94
CA LYS B 224 9.91 10.76 -16.29
C LYS B 224 9.72 11.82 -17.35
N PHE B 225 8.91 12.82 -17.06
CA PHE B 225 8.58 13.86 -18.03
C PHE B 225 9.48 15.10 -17.93
N ALA B 226 10.43 15.15 -17.00
CA ALA B 226 11.21 16.37 -16.86
C ALA B 226 12.32 16.46 -17.94
N ARG B 227 12.54 17.66 -18.45
CA ARG B 227 13.58 17.94 -19.45
C ARG B 227 14.26 19.25 -19.16
N VAL B 228 15.47 19.43 -19.69
CA VAL B 228 16.15 20.70 -19.60
C VAL B 228 16.04 21.38 -20.95
N CYS B 229 15.51 22.61 -20.91
CA CYS B 229 15.37 23.52 -22.05
C CYS B 229 15.99 24.88 -21.78
N GLU B 230 16.39 25.58 -22.84
CA GLU B 230 16.84 26.96 -22.73
C GLU B 230 15.67 27.89 -22.47
N VAL B 231 15.77 28.66 -21.40
CA VAL B 231 14.77 29.65 -21.03
C VAL B 231 15.56 30.91 -20.69
N ASP B 232 15.32 32.00 -21.43
CA ASP B 232 16.08 33.28 -21.30
C ASP B 232 17.60 33.13 -20.98
N ASN B 233 18.36 32.47 -21.84
CA ASN B 233 19.82 32.30 -21.65
C ASN B 233 20.31 31.44 -20.44
N GLU B 234 19.41 30.71 -19.78
CA GLU B 234 19.81 29.61 -18.85
C GLU B 234 19.18 28.30 -19.26
N LEU B 235 19.88 27.19 -19.00
CA LEU B 235 19.34 25.86 -19.19
C LEU B 235 18.56 25.43 -17.96
N ARG B 236 17.22 25.44 -18.04
CA ARG B 236 16.31 25.15 -16.88
C ARG B 236 15.49 23.86 -17.05
N ILE B 237 15.02 23.35 -15.90
CA ILE B 237 14.14 22.20 -15.89
C ILE B 237 12.73 22.59 -16.37
N CYS B 238 12.23 21.88 -17.39
CA CYS B 238 10.86 22.07 -17.89
C CYS B 238 9.97 20.86 -17.73
N ALA B 239 8.73 21.12 -17.35
CA ALA B 239 7.71 20.07 -17.24
C ALA B 239 6.98 19.97 -18.58
N ARG B 240 6.49 18.76 -18.88
CA ARG B 240 5.65 18.56 -20.03
C ARG B 240 4.35 19.36 -19.87
N ASP B 241 3.94 20.03 -20.96
CA ASP B 241 2.71 20.87 -20.99
C ASP B 241 1.49 20.30 -20.25
N LYS B 242 1.04 19.13 -20.65
CA LYS B 242 -0.21 18.55 -20.11
C LYS B 242 -0.04 17.98 -18.65
N GLU B 243 1.18 17.97 -18.09
CA GLU B 243 1.39 17.82 -16.67
C GLU B 243 1.09 19.08 -15.80
N VAL B 244 0.78 20.23 -16.41
CA VAL B 244 0.48 21.45 -15.61
C VAL B 244 -0.59 21.21 -14.52
N GLY B 245 -1.64 20.48 -14.85
CA GLY B 245 -2.67 20.08 -13.86
C GLY B 245 -2.12 19.35 -12.64
N ASN B 246 -1.19 18.42 -12.84
CA ASN B 246 -0.56 17.69 -11.72
C ASN B 246 0.26 18.61 -10.86
N LEU B 247 0.81 19.65 -11.44
CA LEU B 247 1.59 20.66 -10.66
C LEU B 247 0.73 21.52 -9.77
N TYR B 248 -0.39 22.01 -10.29
CA TYR B 248 -1.43 22.60 -9.44
C TYR B 248 -1.87 21.67 -8.28
N ASP B 249 -2.20 20.41 -8.58
CA ASP B 249 -2.51 19.39 -7.60
C ASP B 249 -1.39 19.20 -6.55
N MET B 250 -0.12 19.33 -6.95
CA MET B 250 0.99 19.23 -6.01
C MET B 250 0.83 20.26 -4.89
N PHE B 251 0.60 21.53 -5.25
CA PHE B 251 0.51 22.60 -4.26
C PHE B 251 -0.82 22.47 -3.48
N HIS B 252 -1.86 21.97 -4.15
CA HIS B 252 -3.12 21.66 -3.50
C HIS B 252 -2.88 20.61 -2.41
N THR B 253 -2.13 19.58 -2.73
CA THR B 253 -1.75 18.55 -1.76
C THR B 253 -0.95 19.12 -0.59
N ARG B 254 0.01 19.99 -0.88
CA ARG B 254 0.79 20.61 0.16
C ARG B 254 -0.13 21.37 1.06
N ASN B 255 -1.09 22.10 0.49
CA ASN B 255 -1.97 22.89 1.32
C ASN B 255 -2.87 22.02 2.18
N SER B 256 -3.24 20.90 1.60
CA SER B 256 -4.14 19.94 2.22
C SER B 256 -3.48 19.30 3.45
N LEU B 257 -2.20 18.98 3.32
CA LEU B 257 -1.46 18.43 4.42
C LEU B 257 -1.23 19.46 5.51
N HIS B 258 -0.98 20.72 5.15
CA HIS B 258 -0.94 21.74 6.19
C HIS B 258 -2.25 21.80 6.97
N ARG B 259 -3.37 21.72 6.26
CA ARG B 259 -4.67 21.87 6.89
C ARG B 259 -5.02 20.64 7.77
N ARG B 260 -4.79 19.45 7.27
CA ARG B 260 -5.11 18.25 8.04
C ARG B 260 -4.09 17.96 9.14
N ALA B 261 -2.80 18.22 8.92
CA ALA B 261 -1.75 17.69 9.84
C ALA B 261 -0.78 18.75 10.40
N TYR B 262 -0.09 19.48 9.54
CA TYR B 262 1.04 20.30 9.98
C TYR B 262 0.55 21.50 10.80
N GLN B 263 -0.65 21.99 10.49
CA GLN B 263 -1.30 23.01 11.31
C GLN B 263 -2.49 22.46 12.05
N HIS B 264 -2.47 21.18 12.42
CA HIS B 264 -3.55 20.67 13.27
C HIS B 264 -3.61 21.58 14.48
N LYS B 265 -4.81 21.92 14.91
CA LYS B 265 -5.06 22.91 16.00
C LYS B 265 -4.50 22.44 17.38
N VAL B 266 -4.58 21.15 17.67
CA VAL B 266 -3.98 20.60 18.86
C VAL B 266 -2.48 20.44 18.68
N GLY B 267 -2.06 20.01 17.50
CA GLY B 267 -0.65 19.88 17.27
C GLY B 267 0.06 21.21 17.44
N ASN B 268 -0.56 22.30 16.98
CA ASN B 268 0.04 23.61 17.07
C ASN B 268 0.07 24.07 18.53
N ILE B 269 -0.93 23.73 19.32
CA ILE B 269 -0.92 24.16 20.70
C ILE B 269 0.06 23.34 21.55
N ILE B 270 0.26 22.06 21.24
CA ILE B 270 1.37 21.35 21.88
C ILE B 270 2.72 22.00 21.56
N ASP B 271 2.97 22.30 20.31
CA ASP B 271 4.16 23.07 19.92
C ASP B 271 4.33 24.40 20.76
N THR B 272 3.25 25.13 20.89
CA THR B 272 3.17 26.34 21.70
C THR B 272 3.51 26.05 23.17
N MET B 273 2.98 25.01 23.74
CA MET B 273 3.28 24.69 25.14
C MET B 273 4.76 24.35 25.34
N ILE B 274 5.32 23.57 24.43
CA ILE B 274 6.71 23.15 24.51
C ILE B 274 7.64 24.34 24.39
N THR B 275 7.38 25.18 23.40
CA THR B 275 8.06 26.44 23.24
C THR B 275 8.04 27.23 24.57
N ASP B 276 6.87 27.35 25.17
CA ASP B 276 6.71 28.02 26.49
C ASP B 276 7.65 27.39 27.53
N ALA B 277 7.64 26.06 27.62
CA ALA B 277 8.54 25.33 28.52
C ALA B 277 9.98 25.68 28.23
N PHE B 278 10.33 25.73 26.95
CA PHE B 278 11.69 26.08 26.57
C PHE B 278 12.08 27.49 26.98
N LEU B 279 11.14 28.43 26.86
CA LEU B 279 11.42 29.83 27.24
C LEU B 279 11.67 29.95 28.76
N LYS B 280 10.79 29.35 29.56
CA LYS B 280 10.98 29.30 31.02
C LYS B 280 12.24 28.53 31.48
N ALA B 281 12.72 27.58 30.68
CA ALA B 281 13.89 26.80 30.99
C ALA B 281 15.21 27.41 30.52
N ASP B 282 15.15 28.41 29.64
CA ASP B 282 16.32 28.84 28.85
C ASP B 282 17.42 29.49 29.70
N ASP B 283 17.04 30.08 30.83
CA ASP B 283 18.02 30.61 31.79
C ASP B 283 18.82 29.53 32.51
N TYR B 284 18.31 28.31 32.55
CA TYR B 284 18.86 27.24 33.41
C TYR B 284 19.53 26.05 32.72
N ILE B 285 19.23 25.77 31.46
CA ILE B 285 19.76 24.58 30.78
C ILE B 285 21.11 25.02 30.30
N GLU B 286 22.13 24.23 30.54
CA GLU B 286 23.44 24.50 29.93
C GLU B 286 23.74 23.46 28.89
N ILE B 287 24.28 23.91 27.76
CA ILE B 287 24.70 23.05 26.72
C ILE B 287 26.16 23.33 26.54
N THR B 288 26.96 22.29 26.63
CA THR B 288 28.38 22.49 26.53
C THR B 288 28.78 22.47 25.07
N GLY B 289 29.48 23.53 24.68
CA GLY B 289 29.94 23.77 23.33
C GLY B 289 31.46 23.80 23.21
N ALA B 290 31.96 24.64 22.31
CA ALA B 290 33.37 24.67 21.93
C ALA B 290 34.24 25.17 23.09
N GLY B 291 35.38 24.50 23.29
CA GLY B 291 36.28 24.71 24.43
C GLY B 291 35.64 24.58 25.81
N GLY B 292 34.52 23.87 25.90
CA GLY B 292 33.80 23.71 27.17
C GLY B 292 32.99 24.91 27.65
N LYS B 293 32.83 25.94 26.81
CA LYS B 293 31.94 27.04 27.16
C LYS B 293 30.48 26.56 27.19
N LYS B 294 29.67 27.26 27.94
CA LYS B 294 28.28 26.92 28.16
C LYS B 294 27.39 27.85 27.35
N TYR B 295 26.34 27.26 26.78
CA TYR B 295 25.37 27.97 25.97
C TYR B 295 24.01 27.64 26.46
N ARG B 296 23.10 28.52 26.09
CA ARG B 296 21.69 28.38 26.39
C ARG B 296 20.97 27.73 25.20
N ILE B 297 19.76 27.21 25.41
CA ILE B 297 18.91 26.74 24.27
C ILE B 297 18.82 27.80 23.17
N SER B 298 18.60 29.05 23.60
CA SER B 298 18.50 30.19 22.67
C SER B 298 19.82 30.63 22.12
N THR B 299 20.96 30.25 22.71
CA THR B 299 22.27 30.64 22.14
C THR B 299 23.07 29.50 21.57
N ALA B 300 22.54 28.29 21.61
CA ALA B 300 23.18 27.15 20.90
C ALA B 300 23.38 27.36 19.41
N ILE B 301 22.52 28.19 18.78
CA ILE B 301 22.65 28.52 17.36
C ILE B 301 23.90 29.31 16.98
N ASP B 302 24.58 29.85 18.00
CA ASP B 302 25.82 30.61 17.82
C ASP B 302 27.10 29.80 17.86
N ASP B 303 27.02 28.51 18.23
CA ASP B 303 28.18 27.61 18.17
C ASP B 303 27.71 26.19 17.83
N MET B 304 28.29 25.65 16.76
CA MET B 304 27.79 24.45 16.13
C MET B 304 28.04 23.19 16.93
N GLU B 305 29.14 23.19 17.68
CA GLU B 305 29.44 22.13 18.68
C GLU B 305 28.33 21.96 19.70
N ALA B 306 27.86 23.07 20.26
CA ALA B 306 26.72 23.01 21.17
C ALA B 306 25.45 22.63 20.45
N TYR B 307 25.25 23.19 19.26
CA TYR B 307 24.02 22.96 18.50
C TYR B 307 23.94 21.48 18.07
N THR B 308 25.08 20.87 17.78
CA THR B 308 25.19 19.44 17.52
C THR B 308 24.47 18.68 18.59
N LYS B 309 24.60 19.10 19.84
CA LYS B 309 23.93 18.42 20.99
C LYS B 309 22.53 18.87 21.34
N LEU B 310 21.96 19.83 20.60
CA LEU B 310 20.64 20.35 20.88
C LEU B 310 19.60 19.66 19.99
N THR B 311 18.81 18.77 20.62
CA THR B 311 17.86 17.93 19.95
C THR B 311 16.61 17.81 20.82
N ASP B 312 15.67 17.00 20.38
CA ASP B 312 14.47 16.69 21.14
C ASP B 312 14.74 16.23 22.58
N ASN B 313 15.93 15.67 22.83
CA ASN B 313 16.41 15.37 24.18
C ASN B 313 16.07 16.46 25.20
N ILE B 314 16.26 17.71 24.80
CA ILE B 314 15.94 18.83 25.68
C ILE B 314 14.57 18.74 26.33
N PHE B 315 13.56 18.31 25.60
CA PHE B 315 12.22 18.08 26.19
C PHE B 315 12.26 17.14 27.42
N LEU B 316 12.92 15.99 27.33
CA LEU B 316 12.94 15.02 28.45
C LEU B 316 13.95 15.39 29.57
N GLU B 317 15.07 16.02 29.22
CA GLU B 317 15.90 16.70 30.24
C GLU B 317 15.06 17.60 31.19
N ILE B 318 14.20 18.43 30.62
CA ILE B 318 13.30 19.27 31.41
C ILE B 318 12.26 18.45 32.16
N LEU B 319 11.63 17.49 31.49
CA LEU B 319 10.57 16.70 32.11
C LEU B 319 11.07 15.86 33.30
N TYR B 320 12.29 15.37 33.22
CA TYR B 320 12.89 14.57 34.26
C TYR B 320 13.76 15.37 35.25
N SER B 321 13.83 16.69 35.14
CA SER B 321 14.74 17.44 36.00
C SER B 321 14.16 17.47 37.41
N THR B 322 15.06 17.60 38.39
CA THR B 322 14.69 17.83 39.82
C THR B 322 15.03 19.25 40.29
N ASP B 323 15.94 19.91 39.60
CA ASP B 323 16.24 21.29 39.87
C ASP B 323 14.97 22.08 40.16
N PRO B 324 14.90 22.74 41.33
CA PRO B 324 13.76 23.63 41.60
C PRO B 324 13.62 24.81 40.64
N LYS B 325 14.73 25.27 40.08
CA LYS B 325 14.74 26.39 39.13
C LYS B 325 14.01 26.05 37.81
N LEU B 326 13.96 24.76 37.46
CA LEU B 326 13.23 24.25 36.28
C LEU B 326 11.77 23.85 36.55
N LYS B 327 11.27 24.10 37.76
CA LYS B 327 9.87 23.85 38.11
C LYS B 327 8.82 24.30 37.13
N ASP B 328 8.80 25.58 36.78
CA ASP B 328 7.69 26.09 35.95
C ASP B 328 7.66 25.47 34.53
N ALA B 329 8.87 25.28 33.97
CA ALA B 329 9.08 24.61 32.69
C ALA B 329 8.59 23.16 32.79
N ARG B 330 9.08 22.43 33.79
CA ARG B 330 8.65 21.05 34.04
C ARG B 330 7.15 20.84 34.18
N GLU B 331 6.45 21.80 34.78
CA GLU B 331 5.00 21.72 34.99
C GLU B 331 4.22 21.80 33.69
N ILE B 332 4.67 22.66 32.79
CA ILE B 332 4.00 22.80 31.51
C ILE B 332 4.12 21.45 30.73
N LEU B 333 5.33 20.87 30.68
CA LEU B 333 5.55 19.58 30.02
C LEU B 333 4.79 18.47 30.70
N LYS B 334 4.66 18.51 32.03
CA LYS B 334 3.82 17.55 32.78
C LYS B 334 2.33 17.71 32.42
N GLN B 335 1.88 18.95 32.20
CA GLN B 335 0.50 19.17 31.75
C GLN B 335 0.23 18.59 30.36
N ILE B 336 1.25 18.62 29.50
CA ILE B 336 1.17 17.99 28.18
C ILE B 336 0.95 16.48 28.36
N GLU B 337 1.68 15.86 29.32
CA GLU B 337 1.52 14.42 29.57
C GLU B 337 0.17 14.06 30.11
N TYR B 338 -0.43 14.92 30.95
CA TYR B 338 -1.77 14.63 31.46
C TYR B 338 -2.86 15.00 30.50
N ARG B 339 -2.49 15.69 29.42
CA ARG B 339 -3.45 16.15 28.44
C ARG B 339 -4.33 17.29 28.94
N ASN B 340 -3.78 18.12 29.81
N ASN B 340 -3.79 18.12 29.84
CA ASN B 340 -4.44 19.33 30.27
CA ASN B 340 -4.40 19.38 30.26
C ASN B 340 -3.84 20.44 29.41
C ASN B 340 -3.81 20.44 29.38
N LEU B 341 -4.35 20.54 28.18
CA LEU B 341 -3.82 21.46 27.18
C LEU B 341 -4.63 22.74 27.23
N PHE B 342 -4.03 23.83 26.76
CA PHE B 342 -4.74 25.06 26.48
C PHE B 342 -5.85 24.71 25.50
N LYS B 343 -7.00 25.34 25.63
CA LYS B 343 -8.20 24.85 24.98
C LYS B 343 -8.50 25.71 23.77
N TYR B 344 -8.83 25.03 22.67
CA TYR B 344 -9.17 25.65 21.42
C TYR B 344 -10.52 26.35 21.52
N VAL B 345 -10.58 27.61 21.10
CA VAL B 345 -11.81 28.38 21.20
C VAL B 345 -12.48 28.48 19.82
N GLY B 346 -11.70 28.78 18.79
CA GLY B 346 -12.20 28.72 17.44
C GLY B 346 -11.23 29.23 16.43
N GLU B 347 -11.69 29.28 15.16
CA GLU B 347 -10.89 29.68 14.00
C GLU B 347 -11.71 30.75 13.24
N THR B 348 -11.02 31.72 12.65
CA THR B 348 -11.67 32.71 11.82
C THR B 348 -10.65 33.13 10.77
N GLN B 349 -11.10 33.90 9.77
CA GLN B 349 -10.16 34.51 8.83
C GLN B 349 -10.49 35.98 8.60
N PRO B 350 -9.46 36.78 8.27
CA PRO B 350 -9.72 38.14 7.78
C PRO B 350 -10.57 38.18 6.49
N THR B 351 -11.33 39.24 6.31
CA THR B 351 -12.13 39.50 5.10
C THR B 351 -11.43 40.53 4.20
N GLY B 352 -11.79 40.49 2.92
CA GLY B 352 -11.44 41.53 1.96
C GLY B 352 -9.95 41.82 1.82
N GLN B 353 -9.57 43.04 2.16
CA GLN B 353 -8.20 43.54 1.94
C GLN B 353 -7.29 43.34 3.16
N ILE B 354 -7.86 42.98 4.32
CA ILE B 354 -7.12 42.94 5.59
C ILE B 354 -6.06 41.83 5.57
N LYS B 355 -4.81 42.24 5.75
CA LYS B 355 -3.72 41.35 6.08
C LYS B 355 -3.27 41.72 7.50
N ILE B 356 -2.76 40.74 8.24
CA ILE B 356 -2.30 40.93 9.60
C ILE B 356 -0.79 40.69 9.56
N LYS B 357 -0.02 41.74 9.93
CA LYS B 357 1.42 41.75 9.81
C LYS B 357 2.02 41.13 11.07
N ARG B 358 3.22 40.56 10.97
CA ARG B 358 3.91 39.93 12.12
C ARG B 358 4.09 40.89 13.32
N GLU B 359 4.25 42.21 13.08
CA GLU B 359 4.36 43.18 14.17
C GLU B 359 3.07 43.44 14.95
N ASP B 360 1.90 43.06 14.40
CA ASP B 360 0.62 43.22 15.12
C ASP B 360 0.28 41.98 16.00
N TYR B 361 1.13 40.93 16.05
CA TYR B 361 0.70 39.68 16.72
C TYR B 361 0.49 39.87 18.20
N GLU B 362 1.49 40.40 18.91
CA GLU B 362 1.38 40.81 20.33
C GLU B 362 0.07 41.56 20.70
N SER B 363 -0.44 42.41 19.82
CA SER B 363 -1.67 43.17 20.12
C SER B 363 -2.95 42.34 20.15
N LEU B 364 -2.96 41.14 19.52
CA LEU B 364 -4.22 40.38 19.31
C LEU B 364 -4.84 39.83 20.59
N PRO B 365 -4.06 39.21 21.49
CA PRO B 365 -4.67 38.73 22.73
C PRO B 365 -5.33 39.88 23.53
N LYS B 366 -4.65 41.01 23.60
CA LYS B 366 -5.27 42.25 24.09
C LYS B 366 -6.58 42.60 23.37
N GLU B 367 -6.60 42.61 22.03
CA GLU B 367 -7.85 42.93 21.34
C GLU B 367 -9.00 41.97 21.65
N VAL B 368 -8.71 40.68 21.82
CA VAL B 368 -9.74 39.73 22.20
C VAL B 368 -10.24 40.01 23.63
N ALA B 369 -9.32 40.24 24.55
CA ALA B 369 -9.69 40.55 25.94
C ALA B 369 -10.55 41.84 26.06
N SER B 370 -10.29 42.84 25.22
CA SER B 370 -11.06 44.09 25.17
C SER B 370 -12.41 44.07 24.44
N ALA B 371 -12.83 42.93 23.90
CA ALA B 371 -14.17 42.89 23.29
C ALA B 371 -15.21 42.97 24.40
N LYS B 372 -16.39 43.47 24.08
CA LYS B 372 -17.43 43.71 25.10
C LYS B 372 -18.67 42.94 24.68
N PRO B 373 -18.64 41.62 24.85
CA PRO B 373 -19.80 40.84 24.46
C PRO B 373 -21.01 41.17 25.33
N LYS B 374 -22.14 41.52 24.70
CA LYS B 374 -23.38 41.83 25.45
C LYS B 374 -24.00 40.56 26.02
N VAL B 375 -23.39 39.98 27.05
CA VAL B 375 -23.89 38.74 27.69
C VAL B 375 -23.56 38.67 29.19
N LEU B 376 -24.47 38.08 29.94
CA LEU B 376 -24.23 37.51 31.28
C LEU B 376 -22.98 36.59 31.37
N LEU B 377 -21.85 37.11 31.85
CA LEU B 377 -20.59 36.34 32.00
C LEU B 377 -20.08 36.22 33.43
N ASP B 378 -20.12 35.01 33.97
CA ASP B 378 -19.59 34.71 35.32
C ASP B 378 -18.15 35.20 35.60
N VAL B 379 -17.15 34.77 34.81
CA VAL B 379 -15.77 35.23 34.99
C VAL B 379 -15.43 36.35 34.01
N LYS B 380 -14.22 36.88 34.16
CA LYS B 380 -13.68 37.98 33.34
C LYS B 380 -12.29 37.52 32.88
N LEU B 381 -11.98 37.64 31.59
CA LEU B 381 -10.71 37.13 31.07
C LEU B 381 -9.82 38.30 30.72
N LYS B 382 -8.50 38.11 30.90
CA LYS B 382 -7.46 39.09 30.58
C LYS B 382 -6.69 38.66 29.32
N ALA B 383 -5.88 39.58 28.81
CA ALA B 383 -5.07 39.32 27.63
C ALA B 383 -4.14 38.10 27.79
N GLU B 384 -3.51 37.94 28.95
CA GLU B 384 -2.61 36.82 29.24
C GLU B 384 -3.33 35.44 29.25
N ASP B 385 -4.66 35.44 29.29
CA ASP B 385 -5.43 34.18 29.16
C ASP B 385 -5.65 33.67 27.73
N PHE B 386 -5.32 34.46 26.71
CA PHE B 386 -5.66 34.08 25.34
C PHE B 386 -4.40 33.86 24.57
N ILE B 387 -4.43 32.85 23.70
CA ILE B 387 -3.40 32.70 22.69
C ILE B 387 -4.08 32.91 21.34
N VAL B 388 -3.41 33.65 20.48
CA VAL B 388 -3.85 33.93 19.13
C VAL B 388 -2.73 33.51 18.17
N ASP B 389 -3.02 32.53 17.33
CA ASP B 389 -2.02 31.95 16.46
C ASP B 389 -2.45 32.42 15.10
N VAL B 390 -1.53 32.99 14.34
CA VAL B 390 -1.85 33.49 13.01
C VAL B 390 -1.06 32.66 12.01
N ILE B 391 -1.75 32.01 11.09
CA ILE B 391 -1.10 31.05 10.20
C ILE B 391 -1.26 31.52 8.79
N ASN B 392 -0.12 31.72 8.12
CA ASN B 392 -0.11 32.18 6.74
C ASN B 392 -0.11 30.97 5.81
N MET B 393 -1.24 30.71 5.14
CA MET B 393 -1.37 29.59 4.24
C MET B 393 -1.21 30.04 2.79
N ASP B 394 -0.34 29.39 2.01
CA ASP B 394 -0.09 29.80 0.62
C ASP B 394 0.50 28.69 -0.24
N TYR B 395 0.76 29.01 -1.51
CA TYR B 395 1.35 28.10 -2.48
C TYR B 395 2.89 28.21 -2.59
N GLY B 396 3.55 28.66 -1.51
CA GLY B 396 5.00 28.74 -1.40
C GLY B 396 5.61 30.10 -1.76
N MET B 397 4.80 31.02 -2.28
CA MET B 397 5.30 32.30 -2.82
C MET B 397 4.32 33.46 -2.49
N GLN B 398 3.81 33.49 -1.27
CA GLN B 398 2.99 34.59 -0.78
C GLN B 398 1.79 34.64 -1.74
N GLU B 399 1.40 35.81 -2.21
CA GLU B 399 0.25 35.96 -3.12
C GLU B 399 0.46 35.40 -4.54
N LYS B 400 1.69 35.06 -4.93
CA LYS B 400 1.99 34.65 -6.32
C LYS B 400 1.61 33.19 -6.72
N ASN B 401 1.20 33.01 -7.97
CA ASN B 401 0.86 31.68 -8.50
C ASN B 401 2.19 31.08 -8.93
N PRO B 402 2.72 30.08 -8.21
CA PRO B 402 3.99 29.51 -8.60
C PRO B 402 4.02 28.89 -9.97
N ILE B 403 2.87 28.47 -10.49
CA ILE B 403 2.83 27.87 -11.86
C ILE B 403 3.15 28.87 -12.97
N ASP B 404 2.97 30.16 -12.65
CA ASP B 404 3.47 31.24 -13.49
C ASP B 404 5.00 31.32 -13.58
N HIS B 405 5.71 30.66 -12.68
CA HIS B 405 7.17 30.59 -12.66
C HIS B 405 7.69 29.20 -13.03
N VAL B 406 6.85 28.37 -13.69
CA VAL B 406 7.28 27.10 -14.28
C VAL B 406 7.32 27.23 -15.82
N SER B 407 8.27 26.54 -16.44
CA SER B 407 8.43 26.47 -17.90
C SER B 407 8.07 25.08 -18.35
N PHE B 408 7.40 24.98 -19.49
CA PHE B 408 6.83 23.75 -20.02
C PHE B 408 7.39 23.50 -21.42
N TYR B 409 7.45 22.24 -21.86
CA TYR B 409 7.69 21.92 -23.27
C TYR B 409 6.49 21.11 -23.83
N CYS B 410 6.34 21.10 -25.15
CA CYS B 410 5.31 20.33 -25.84
C CYS B 410 5.92 19.17 -26.57
N LYS B 411 5.10 18.14 -26.77
CA LYS B 411 5.46 16.90 -27.47
C LYS B 411 6.04 17.15 -28.91
N THR B 412 5.52 18.16 -29.62
CA THR B 412 5.94 18.40 -30.99
C THR B 412 7.22 19.21 -31.06
N ALA B 413 7.62 19.93 -29.99
CA ALA B 413 8.94 20.59 -29.98
C ALA B 413 9.61 20.54 -28.61
N PRO B 414 10.16 19.36 -28.24
CA PRO B 414 10.72 19.05 -26.91
C PRO B 414 11.82 19.95 -26.41
N ASN B 415 12.49 20.67 -27.28
CA ASN B 415 13.51 21.67 -26.89
C ASN B 415 13.02 23.07 -26.79
N ARG B 416 11.73 23.32 -27.04
CA ARG B 416 11.22 24.68 -26.98
C ARG B 416 10.37 24.97 -25.72
N ALA B 417 10.91 25.78 -24.82
CA ALA B 417 10.15 26.13 -23.61
C ALA B 417 8.98 27.02 -23.93
N ILE B 418 7.86 26.76 -23.26
CA ILE B 418 6.70 27.64 -23.31
C ILE B 418 6.22 27.96 -21.90
N ARG B 419 5.25 28.87 -21.84
CA ARG B 419 4.56 29.30 -20.62
C ARG B 419 3.09 28.95 -20.74
N ILE B 420 2.44 28.70 -19.58
CA ILE B 420 1.02 28.33 -19.54
C ILE B 420 0.38 29.12 -18.44
N THR B 421 -0.70 29.80 -18.75
CA THR B 421 -1.40 30.65 -17.81
C THR B 421 -2.53 29.86 -17.21
N LYS B 422 -3.02 30.38 -16.08
CA LYS B 422 -4.02 29.70 -15.27
C LYS B 422 -5.32 29.44 -16.07
N ASN B 423 -5.70 30.44 -16.86
CA ASN B 423 -6.94 30.39 -17.71
C ASN B 423 -6.81 29.42 -18.91
N GLN B 424 -5.59 28.96 -19.22
CA GLN B 424 -5.39 27.87 -20.19
C GLN B 424 -5.53 26.46 -19.58
N VAL B 425 -5.80 26.36 -18.29
CA VAL B 425 -5.77 25.06 -17.60
C VAL B 425 -7.17 24.72 -17.13
N SER B 426 -7.77 25.61 -16.35
CA SER B 426 -9.09 25.36 -15.76
C SER B 426 -9.64 26.53 -14.96
N GLN B 427 -10.96 26.68 -15.03
CA GLN B 427 -11.72 27.60 -14.20
C GLN B 427 -11.97 27.09 -12.77
N LEU B 428 -11.63 25.84 -12.47
CA LEU B 428 -11.94 25.26 -11.18
C LEU B 428 -10.72 25.42 -10.26
N LEU B 429 -9.85 26.36 -10.56
CA LEU B 429 -8.60 26.47 -9.83
C LEU B 429 -8.81 27.61 -8.87
N PRO B 430 -7.94 27.72 -7.87
CA PRO B 430 -8.11 28.84 -6.92
C PRO B 430 -8.03 30.24 -7.53
N GLU B 431 -8.79 31.15 -6.97
CA GLU B 431 -8.73 32.55 -7.34
C GLU B 431 -7.54 33.19 -6.63
N LYS B 432 -7.29 32.85 -5.37
CA LYS B 432 -6.20 33.44 -4.64
C LYS B 432 -5.31 32.29 -4.28
N PHE B 433 -4.08 32.62 -3.95
CA PHE B 433 -3.03 31.66 -3.62
C PHE B 433 -2.45 31.92 -2.24
N ALA B 434 -3.03 32.85 -1.47
CA ALA B 434 -2.62 33.04 -0.08
C ALA B 434 -3.79 33.48 0.77
N GLU B 435 -3.83 33.00 2.02
CA GLU B 435 -4.82 33.42 3.01
C GLU B 435 -4.24 33.26 4.45
N GLN B 436 -4.95 33.80 5.43
CA GLN B 436 -4.58 33.68 6.82
C GLN B 436 -5.68 32.98 7.59
N LEU B 437 -5.27 32.08 8.49
CA LEU B 437 -6.15 31.50 9.49
C LEU B 437 -5.73 32.08 10.83
N ILE B 438 -6.72 32.35 11.66
CA ILE B 438 -6.53 32.87 12.99
C ILE B 438 -7.23 31.86 13.92
N ARG B 439 -6.44 31.22 14.78
CA ARG B 439 -6.96 30.38 15.85
C ARG B 439 -6.75 31.05 17.20
N VAL B 440 -7.74 30.89 18.05
CA VAL B 440 -7.73 31.46 19.34
C VAL B 440 -7.93 30.29 20.31
N TYR B 441 -7.10 30.29 21.34
CA TYR B 441 -7.13 29.32 22.43
C TYR B 441 -7.18 30.06 23.80
N CYS B 442 -7.70 29.39 24.82
CA CYS B 442 -7.77 29.93 26.19
C CYS B 442 -6.88 29.13 27.12
N LYS B 443 -6.10 29.84 27.96
CA LYS B 443 -5.23 29.19 28.97
C LYS B 443 -5.97 28.68 30.23
N LYS B 444 -7.17 29.19 30.49
CA LYS B 444 -8.03 28.72 31.58
C LYS B 444 -9.03 27.76 30.95
N VAL B 445 -9.14 26.59 31.54
CA VAL B 445 -9.80 25.45 30.88
C VAL B 445 -11.08 24.97 31.56
N ASP B 446 -11.58 25.73 32.55
CA ASP B 446 -12.85 25.37 33.20
C ASP B 446 -14.06 25.71 32.31
N ARG B 447 -15.20 25.09 32.60
CA ARG B 447 -16.47 25.25 31.87
C ARG B 447 -16.89 26.74 31.70
N LYS B 448 -16.51 27.60 32.65
CA LYS B 448 -17.01 28.97 32.68
C LYS B 448 -16.05 29.91 31.97
N SER B 449 -14.74 29.74 32.17
CA SER B 449 -13.76 30.51 31.40
C SER B 449 -13.92 30.22 29.89
N LEU B 450 -14.11 28.96 29.54
CA LEU B 450 -14.28 28.56 28.15
C LEU B 450 -15.54 29.21 27.55
N TYR B 451 -16.63 29.19 28.28
CA TYR B 451 -17.83 29.91 27.84
C TYR B 451 -17.57 31.39 27.62
N ALA B 452 -16.84 32.01 28.52
CA ALA B 452 -16.50 33.40 28.35
C ALA B 452 -15.61 33.60 27.12
N ALA B 453 -14.57 32.78 27.00
CA ALA B 453 -13.61 32.80 25.87
C ALA B 453 -14.34 32.78 24.53
N ARG B 454 -15.33 31.92 24.41
CA ARG B 454 -16.12 31.87 23.19
C ARG B 454 -16.88 33.12 22.87
N GLN B 455 -17.34 33.83 23.91
CA GLN B 455 -18.13 35.03 23.72
C GLN B 455 -17.22 36.19 23.34
N TYR B 456 -16.07 36.31 24.00
CA TYR B 456 -15.06 37.29 23.58
C TYR B 456 -14.60 37.07 22.13
N PHE B 457 -14.38 35.79 21.79
CA PHE B 457 -13.76 35.45 20.48
C PHE B 457 -14.72 35.79 19.37
N VAL B 458 -15.97 35.38 19.54
CA VAL B 458 -16.95 35.64 18.51
C VAL B 458 -17.25 37.12 18.41
N GLN B 459 -17.26 37.83 19.53
CA GLN B 459 -17.49 39.28 19.51
C GLN B 459 -16.36 39.98 18.81
N TRP B 460 -15.12 39.56 19.09
CA TRP B 460 -13.93 40.10 18.40
C TRP B 460 -14.03 39.91 16.88
N CYS B 461 -14.42 38.71 16.44
CA CYS B 461 -14.65 38.45 15.03
C CYS B 461 -15.64 39.41 14.36
N ALA B 462 -16.76 39.67 15.04
CA ALA B 462 -17.78 40.60 14.59
C ALA B 462 -17.23 42.01 14.51
N ASP B 463 -16.56 42.44 15.58
CA ASP B 463 -15.91 43.78 15.67
C ASP B 463 -14.93 44.02 14.56
N ARG B 464 -14.13 43.03 14.23
CA ARG B 464 -13.08 43.16 13.19
C ARG B 464 -13.51 42.79 11.79
N ASN B 465 -14.78 42.44 11.62
CA ASN B 465 -15.30 42.06 10.31
C ASN B 465 -14.71 40.75 9.72
N PHE B 466 -14.15 39.89 10.59
CA PHE B 466 -13.62 38.59 10.18
C PHE B 466 -14.77 37.63 9.82
N THR B 467 -14.44 36.50 9.22
CA THR B 467 -15.46 35.49 8.93
C THR B 467 -16.12 34.92 10.21
N LYS B 468 -17.37 34.59 10.09
CA LYS B 468 -18.13 33.91 11.11
C LYS B 468 -17.52 32.55 11.38
N PRO B 469 -17.11 32.27 12.63
CA PRO B 469 -16.64 30.89 12.91
C PRO B 469 -17.69 29.85 12.54
N GLN B 470 -17.25 28.68 12.08
CA GLN B 470 -18.18 27.62 11.59
C GLN B 470 -19.27 27.22 12.56
N ASP B 471 -18.90 27.20 13.83
CA ASP B 471 -19.79 26.76 14.89
C ASP B 471 -20.37 27.96 15.68
N GLY B 472 -20.26 29.18 15.12
CA GLY B 472 -20.49 30.41 15.85
C GLY B 472 -21.87 30.51 16.43
N ASP B 473 -22.88 30.01 15.72
CA ASP B 473 -24.29 30.07 16.16
C ASP B 473 -24.58 29.11 17.28
N VAL B 474 -23.71 28.12 17.49
CA VAL B 474 -23.81 27.19 18.63
C VAL B 474 -22.99 27.66 19.85
N ILE B 475 -21.76 28.14 19.64
CA ILE B 475 -20.90 28.52 20.78
C ILE B 475 -21.22 29.90 21.41
N ALA B 476 -21.86 30.76 20.63
CA ALA B 476 -22.36 32.05 21.11
C ALA B 476 -23.68 32.39 20.40
N PRO B 477 -24.78 31.70 20.76
CA PRO B 477 -26.05 32.00 20.07
C PRO B 477 -26.58 33.41 20.28
N LEU B 478 -26.11 34.10 21.32
CA LEU B 478 -26.56 35.46 21.62
C LEU B 478 -25.75 36.56 20.92
N ILE B 479 -24.55 36.22 20.42
CA ILE B 479 -23.65 37.17 19.77
C ILE B 479 -23.87 37.23 18.27
N THR B 480 -24.08 36.10 17.61
CA THR B 480 -24.11 36.05 16.14
C THR B 480 -25.32 36.71 15.42
N PRO B 481 -26.52 36.73 16.05
CA PRO B 481 -27.59 37.61 15.60
C PRO B 481 -27.16 39.04 15.29
N GLN B 482 -26.33 39.67 16.12
CA GLN B 482 -26.02 41.12 16.00
C GLN B 482 -25.43 41.57 14.64
N LYS B 483 -24.89 40.63 13.84
CA LYS B 483 -24.04 40.97 12.71
C LYS B 483 -24.70 40.61 11.40
N LYS B 484 -25.25 41.62 10.70
CA LYS B 484 -26.04 41.40 9.47
C LYS B 484 -25.24 40.68 8.37
N GLU B 485 -23.97 41.05 8.24
CA GLU B 485 -23.05 40.37 7.34
C GLU B 485 -23.07 38.84 7.43
N TRP B 486 -23.38 38.28 8.61
CA TRP B 486 -23.43 36.82 8.85
C TRP B 486 -24.83 36.14 8.64
N ASN B 487 -25.80 36.91 8.13
CA ASN B 487 -27.17 36.45 7.79
C ASN B 487 -27.99 35.98 8.99
N ASP C 1 -21.18 11.51 27.33
CA ASP C 1 -19.75 11.32 26.93
C ASP C 1 -19.63 10.43 25.68
N THR C 2 -18.85 10.92 24.72
CA THR C 2 -18.59 10.23 23.45
C THR C 2 -17.11 9.75 23.36
N MET C 3 -16.79 9.02 22.29
CA MET C 3 -15.48 8.38 22.08
C MET C 3 -14.44 9.37 21.53
N LYS C 4 -13.18 9.21 21.88
CA LYS C 4 -12.05 9.84 21.13
C LYS C 4 -11.67 9.02 19.85
N VAL C 5 -11.47 9.71 18.72
CA VAL C 5 -10.94 9.07 17.49
C VAL C 5 -9.46 9.36 17.29
N ILE C 6 -8.72 8.32 16.93
CA ILE C 6 -7.27 8.38 16.87
C ILE C 6 -6.95 7.80 15.46
N ASN C 7 -6.11 8.49 14.66
CA ASN C 7 -5.68 7.96 13.35
C ASN C 7 -4.30 7.29 13.42
N ASP C 8 -4.31 6.03 13.00
CA ASP C 8 -3.16 5.22 13.05
C ASP C 8 -2.89 4.73 11.64
N PRO C 9 -1.65 4.81 11.15
CA PRO C 9 -1.39 4.34 9.79
C PRO C 9 -1.65 2.87 9.57
N ILE C 10 -1.60 2.03 10.60
CA ILE C 10 -1.83 0.60 10.40
C ILE C 10 -3.32 0.25 10.36
N HIS C 11 -4.07 0.75 11.33
CA HIS C 11 -5.44 0.32 11.53
C HIS C 11 -6.46 1.37 11.16
N GLY C 12 -6.05 2.57 10.79
CA GLY C 12 -7.00 3.59 10.40
C GLY C 12 -7.54 4.30 11.65
N HIS C 13 -8.82 4.63 11.60
CA HIS C 13 -9.45 5.38 12.64
C HIS C 13 -9.96 4.43 13.70
N ILE C 14 -9.36 4.56 14.88
CA ILE C 14 -9.67 3.75 16.05
C ILE C 14 -10.49 4.63 17.00
N GLU C 15 -11.54 4.04 17.58
CA GLU C 15 -12.29 4.65 18.68
C GLU C 15 -11.76 4.21 20.06
N LEU C 16 -11.55 5.18 20.93
CA LEU C 16 -11.10 4.90 22.29
C LEU C 16 -12.10 5.42 23.29
N HIS C 17 -12.63 4.49 24.06
CA HIS C 17 -13.54 4.76 25.18
C HIS C 17 -12.85 5.67 26.22
N PRO C 18 -13.65 6.54 26.90
CA PRO C 18 -13.05 7.52 27.87
C PRO C 18 -12.21 6.94 28.99
N LEU C 19 -12.50 5.71 29.43
CA LEU C 19 -11.63 5.09 30.44
C LEU C 19 -10.24 4.81 29.89
N LEU C 20 -10.18 4.31 28.66
CA LEU C 20 -8.87 4.05 28.02
C LEU C 20 -8.07 5.34 27.82
N VAL C 21 -8.77 6.40 27.42
CA VAL C 21 -8.16 7.74 27.30
C VAL C 21 -7.55 8.16 28.62
N ARG C 22 -8.31 7.95 29.71
CA ARG C 22 -7.81 8.29 31.07
C ARG C 22 -6.52 7.55 31.38
N ILE C 23 -6.47 6.27 31.06
CA ILE C 23 -5.24 5.48 31.27
C ILE C 23 -4.04 5.97 30.41
N ILE C 24 -4.35 6.29 29.15
CA ILE C 24 -3.36 6.72 28.15
C ILE C 24 -2.76 8.07 28.54
N ASP C 25 -3.58 8.96 29.14
CA ASP C 25 -3.14 10.33 29.39
C ASP C 25 -2.47 10.43 30.78
N THR C 26 -1.47 9.59 31.00
CA THR C 26 -0.70 9.51 32.25
C THR C 26 0.78 9.40 31.97
N PRO C 27 1.66 9.84 32.91
CA PRO C 27 3.10 9.75 32.64
C PRO C 27 3.61 8.32 32.41
N GLN C 28 2.91 7.33 32.97
CA GLN C 28 3.34 5.95 32.92
C GLN C 28 3.09 5.34 31.52
N PHE C 29 2.01 5.73 30.85
CA PHE C 29 1.72 5.29 29.50
C PHE C 29 2.49 6.12 28.52
N GLN C 30 2.44 7.45 28.68
CA GLN C 30 3.08 8.35 27.70
C GLN C 30 4.54 8.10 27.64
N ARG C 31 5.08 7.55 28.70
CA ARG C 31 6.49 7.08 28.73
C ARG C 31 6.88 6.25 27.52
N LEU C 32 5.95 5.45 27.03
CA LEU C 32 6.18 4.56 25.88
C LEU C 32 6.45 5.28 24.57
N ARG C 33 6.19 6.59 24.50
CA ARG C 33 6.64 7.42 23.36
C ARG C 33 8.12 7.52 23.19
N TYR C 34 8.89 7.18 24.23
CA TYR C 34 10.34 7.40 24.21
C TYR C 34 11.09 6.09 24.34
N ILE C 35 10.44 4.98 23.95
CA ILE C 35 11.06 3.65 23.87
C ILE C 35 10.88 3.06 22.46
N LYS C 36 11.94 2.98 21.69
CA LYS C 36 11.84 2.45 20.32
C LYS C 36 11.45 0.99 20.39
N GLN C 37 10.41 0.63 19.62
CA GLN C 37 9.94 -0.74 19.50
C GLN C 37 11.07 -1.71 19.17
N LEU C 38 11.88 -1.37 18.18
CA LEU C 38 12.88 -2.31 17.67
C LEU C 38 14.28 -2.09 18.23
N GLY C 39 14.42 -1.29 19.29
CA GLY C 39 15.72 -0.96 19.89
C GLY C 39 16.71 -0.37 18.89
N GLY C 40 17.85 -1.05 18.73
CA GLY C 40 18.95 -0.64 17.84
C GLY C 40 18.71 -0.94 16.37
N GLY C 41 17.58 -1.55 16.04
CA GLY C 41 17.18 -1.79 14.64
C GLY C 41 16.97 -0.52 13.82
N TYR C 42 16.61 0.59 14.46
CA TYR C 42 16.60 1.92 13.86
C TYR C 42 17.92 2.33 13.29
N TYR C 43 19.00 1.85 13.91
CA TYR C 43 20.35 2.14 13.40
C TYR C 43 20.71 1.29 12.19
N VAL C 44 19.85 0.35 11.77
CA VAL C 44 20.02 -0.43 10.57
C VAL C 44 18.92 -0.17 9.52
N PHE C 45 17.69 -0.01 9.98
CA PHE C 45 16.49 0.23 9.21
C PHE C 45 15.98 1.60 9.57
N PRO C 46 16.23 2.57 8.72
CA PRO C 46 15.97 3.96 9.09
C PRO C 46 14.49 4.35 9.22
N GLY C 47 13.62 3.55 8.66
CA GLY C 47 12.20 3.69 8.91
C GLY C 47 11.67 3.21 10.26
N ALA C 48 12.45 2.45 10.99
CA ALA C 48 12.01 1.84 12.22
C ALA C 48 12.19 2.83 13.35
N SER C 49 11.54 3.99 13.26
CA SER C 49 11.66 5.03 14.28
C SER C 49 10.50 4.83 15.28
N HIS C 50 9.62 3.87 15.01
CA HIS C 50 8.40 3.73 15.81
C HIS C 50 8.67 3.23 17.27
N ASN C 51 7.77 3.66 18.18
CA ASN C 51 7.91 3.49 19.60
C ASN C 51 6.83 2.59 20.12
N ARG C 52 7.01 2.17 21.38
CA ARG C 52 6.08 1.27 22.04
C ARG C 52 4.67 1.81 22.21
N PHE C 53 4.58 3.13 22.37
CA PHE C 53 3.30 3.81 22.55
C PHE C 53 2.25 3.42 21.48
N GLU C 54 2.62 3.58 20.23
CA GLU C 54 1.69 3.36 19.10
C GLU C 54 1.44 1.87 18.92
N HIS C 55 2.45 1.06 19.19
CA HIS C 55 2.23 -0.42 19.24
C HIS C 55 1.19 -0.81 20.27
N SER C 56 1.25 -0.21 21.46
CA SER C 56 0.25 -0.47 22.52
C SER C 56 -1.16 -0.07 22.17
N LEU C 57 -1.35 1.10 21.57
CA LEU C 57 -2.68 1.47 21.02
C LEU C 57 -3.26 0.44 20.10
N GLY C 58 -2.40 -0.05 19.22
CA GLY C 58 -2.79 -1.02 18.23
C GLY C 58 -3.20 -2.34 18.82
N VAL C 59 -2.43 -2.79 19.79
CA VAL C 59 -2.77 -4.01 20.54
C VAL C 59 -4.08 -3.86 21.24
N GLY C 60 -4.29 -2.73 21.91
CA GLY C 60 -5.55 -2.44 22.56
C GLY C 60 -6.67 -2.43 21.56
N TYR C 61 -6.47 -1.76 20.42
CA TYR C 61 -7.49 -1.77 19.35
C TYR C 61 -7.82 -3.20 18.89
N LEU C 62 -6.80 -3.96 18.55
CA LEU C 62 -7.06 -5.32 18.07
C LEU C 62 -7.68 -6.26 19.08
N ALA C 63 -7.38 -6.08 20.35
CA ALA C 63 -7.98 -6.93 21.40
C ALA C 63 -9.49 -6.70 21.41
N GLY C 64 -9.88 -5.42 21.35
CA GLY C 64 -11.28 -5.03 21.16
C GLY C 64 -11.95 -5.60 19.91
N CYS C 65 -11.24 -5.59 18.76
CA CYS C 65 -11.84 -6.11 17.55
C CYS C 65 -12.14 -7.58 17.76
N LEU C 66 -11.23 -8.32 18.35
CA LEU C 66 -11.42 -9.76 18.41
C LEU C 66 -12.59 -10.13 19.36
N VAL C 67 -12.57 -9.50 20.54
CA VAL C 67 -13.63 -9.66 21.49
C VAL C 67 -15.00 -9.23 20.94
N HIS C 68 -15.11 -8.10 20.27
CA HIS C 68 -16.41 -7.75 19.59
C HIS C 68 -16.83 -8.76 18.55
N ALA C 69 -15.88 -9.12 17.68
CA ALA C 69 -16.16 -10.13 16.64
C ALA C 69 -16.82 -11.39 17.25
N LEU C 70 -16.22 -11.90 18.33
CA LEU C 70 -16.67 -13.13 18.98
C LEU C 70 -18.07 -12.93 19.53
N GLY C 71 -18.27 -11.78 20.15
CA GLY C 71 -19.54 -11.37 20.72
C GLY C 71 -20.68 -11.17 19.74
N GLU C 72 -20.44 -10.50 18.63
CA GLU C 72 -21.48 -10.33 17.63
C GLU C 72 -21.89 -11.65 16.99
N LYS C 73 -20.94 -12.53 16.68
CA LYS C 73 -21.24 -13.82 16.08
C LYS C 73 -21.89 -14.86 17.02
N GLN C 74 -21.52 -14.86 18.29
CA GLN C 74 -22.05 -15.80 19.30
C GLN C 74 -22.50 -15.08 20.60
N PRO C 75 -23.68 -14.42 20.56
CA PRO C 75 -24.26 -13.73 21.73
C PRO C 75 -24.43 -14.61 22.99
N GLU C 76 -24.62 -15.91 22.79
CA GLU C 76 -24.72 -16.91 23.87
C GLU C 76 -23.46 -17.03 24.75
N LEU C 77 -22.37 -16.40 24.33
CA LEU C 77 -21.20 -16.34 25.15
C LEU C 77 -21.30 -15.35 26.32
N GLN C 78 -22.28 -14.46 26.30
CA GLN C 78 -22.53 -13.52 27.40
C GLN C 78 -21.40 -12.52 27.57
N ILE C 79 -20.80 -12.08 26.45
CA ILE C 79 -19.68 -11.16 26.54
C ILE C 79 -20.31 -9.82 26.87
N SER C 80 -19.76 -9.18 27.91
CA SER C 80 -20.29 -7.93 28.43
C SER C 80 -19.41 -6.75 28.02
N GLU C 81 -20.00 -5.54 28.00
CA GLU C 81 -19.23 -4.29 27.80
C GLU C 81 -18.04 -4.20 28.76
N ARG C 82 -18.24 -4.66 29.97
CA ARG C 82 -17.19 -4.76 30.97
C ARG C 82 -16.00 -5.65 30.53
N ASP C 83 -16.29 -6.83 29.98
CA ASP C 83 -15.24 -7.77 29.50
C ASP C 83 -14.41 -7.12 28.38
N VAL C 84 -15.13 -6.38 27.51
CA VAL C 84 -14.52 -5.72 26.37
C VAL C 84 -13.51 -4.72 26.86
N LEU C 85 -13.93 -3.82 27.76
CA LEU C 85 -13.00 -2.84 28.30
C LEU C 85 -11.81 -3.46 28.97
N CYS C 86 -12.01 -4.55 29.72
CA CYS C 86 -10.92 -5.18 30.47
C CYS C 86 -9.94 -5.81 29.54
N VAL C 87 -10.44 -6.40 28.45
CA VAL C 87 -9.54 -6.93 27.41
C VAL C 87 -8.80 -5.79 26.68
N GLN C 88 -9.51 -4.73 26.35
CA GLN C 88 -8.84 -3.56 25.73
C GLN C 88 -7.79 -3.02 26.67
N ILE C 89 -8.11 -2.90 27.96
CA ILE C 89 -7.13 -2.38 28.91
C ILE C 89 -5.90 -3.29 29.00
N ALA C 90 -6.10 -4.59 29.02
CA ALA C 90 -4.94 -5.46 29.06
C ALA C 90 -4.05 -5.32 27.82
N GLY C 91 -4.67 -5.28 26.66
CA GLY C 91 -3.94 -5.05 25.41
C GLY C 91 -3.19 -3.74 25.39
N LEU C 92 -3.87 -2.65 25.79
CA LEU C 92 -3.16 -1.36 25.97
C LEU C 92 -1.95 -1.42 26.88
N CYS C 93 -2.05 -2.21 27.95
CA CYS C 93 -1.06 -2.14 28.99
C CYS C 93 -0.03 -3.22 28.97
N ARG C 94 -0.13 -4.20 28.06
CA ARG C 94 0.84 -5.29 28.13
C ARG C 94 2.23 -4.91 27.81
N ASN C 95 2.46 -3.76 27.19
CA ASN C 95 3.84 -3.26 26.92
C ASN C 95 4.40 -2.22 27.91
N LEU C 96 3.66 -1.91 28.98
CA LEU C 96 4.09 -0.88 29.94
C LEU C 96 5.47 -1.12 30.56
N GLY C 97 5.82 -2.38 30.75
CA GLY C 97 7.02 -2.68 31.49
C GLY C 97 8.30 -2.64 30.71
N HIS C 98 8.27 -2.22 29.43
CA HIS C 98 9.51 -2.21 28.62
C HIS C 98 10.41 -1.13 29.12
N GLY C 99 11.70 -1.33 28.87
CA GLY C 99 12.72 -0.39 29.27
C GLY C 99 13.44 0.10 28.06
N PRO C 100 14.55 0.79 28.28
CA PRO C 100 15.22 1.40 27.16
C PRO C 100 15.61 0.41 26.06
N PHE C 101 15.32 0.79 24.82
CA PHE C 101 15.59 -0.02 23.64
C PHE C 101 14.91 -1.42 23.68
N SER C 102 13.75 -1.47 24.33
CA SER C 102 12.89 -2.62 24.40
C SER C 102 13.68 -3.88 24.78
N HIS C 103 13.90 -4.81 23.83
CA HIS C 103 14.39 -6.14 24.22
C HIS C 103 15.87 -6.12 24.58
N MET C 104 16.56 -5.09 24.16
CA MET C 104 17.91 -4.83 24.68
C MET C 104 17.96 -4.75 26.24
N PHE C 105 16.96 -4.13 26.86
CA PHE C 105 17.00 -3.91 28.31
C PHE C 105 16.90 -5.17 29.19
N ASP C 106 15.83 -5.93 29.04
CA ASP C 106 15.69 -7.25 29.72
C ASP C 106 16.35 -8.44 29.02
N GLY C 107 16.69 -8.29 27.74
CA GLY C 107 17.40 -9.34 27.01
C GLY C 107 18.90 -9.33 27.20
N ARG C 108 19.50 -8.16 27.39
CA ARG C 108 20.97 -8.03 27.53
C ARG C 108 21.40 -7.24 28.77
N PHE C 109 20.80 -6.08 29.04
CA PHE C 109 21.31 -5.20 30.09
C PHE C 109 21.09 -5.75 31.49
N ILE C 110 19.85 -5.97 31.89
CA ILE C 110 19.56 -6.48 33.22
C ILE C 110 20.25 -7.84 33.55
N PRO C 111 20.22 -8.87 32.65
CA PRO C 111 20.93 -10.15 32.95
C PRO C 111 22.44 -10.01 33.22
N LEU C 112 23.12 -9.09 32.55
CA LEU C 112 24.53 -8.85 32.82
C LEU C 112 24.77 -7.95 34.03
N ALA C 113 23.98 -6.89 34.21
CA ALA C 113 24.20 -5.91 35.26
C ALA C 113 23.82 -6.41 36.67
N ARG C 114 22.81 -7.28 36.71
CA ARG C 114 22.29 -7.83 37.93
C ARG C 114 21.94 -9.26 37.72
N PRO C 115 22.95 -10.16 37.57
CA PRO C 115 22.71 -11.60 37.25
C PRO C 115 21.78 -12.37 38.21
N GLU C 116 21.77 -11.94 39.48
CA GLU C 116 20.94 -12.51 40.53
C GLU C 116 19.41 -12.30 40.40
N VAL C 117 18.97 -11.19 39.83
CA VAL C 117 17.53 -10.86 39.84
C VAL C 117 16.84 -11.63 38.71
N LYS C 118 15.52 -11.78 38.81
CA LYS C 118 14.70 -12.51 37.84
C LYS C 118 13.69 -11.52 37.24
N TRP C 119 14.07 -10.82 36.17
CA TRP C 119 13.24 -9.74 35.62
C TRP C 119 12.87 -9.97 34.16
N THR C 120 11.59 -9.76 33.84
CA THR C 120 11.08 -9.75 32.49
C THR C 120 10.25 -8.47 32.31
N HIS C 121 10.09 -8.01 31.07
CA HIS C 121 9.19 -6.87 30.77
C HIS C 121 7.73 -7.14 31.17
N GLU C 122 7.27 -8.40 31.12
CA GLU C 122 5.88 -8.78 31.53
C GLU C 122 5.59 -8.45 33.04
N GLN C 123 6.60 -8.74 33.85
CA GLN C 123 6.50 -8.46 35.28
C GLN C 123 6.43 -6.95 35.47
N GLY C 124 7.28 -6.22 34.75
CA GLY C 124 7.24 -4.75 34.78
C GLY C 124 5.90 -4.23 34.34
N SER C 125 5.30 -4.84 33.31
CA SER C 125 4.01 -4.33 32.84
C SER C 125 2.94 -4.35 33.94
N VAL C 126 2.94 -5.42 34.72
CA VAL C 126 2.04 -5.60 35.88
C VAL C 126 2.33 -4.59 37.03
N MET C 127 3.60 -4.38 37.34
CA MET C 127 3.97 -3.40 38.37
C MET C 127 3.67 -1.97 37.88
N MET C 128 4.01 -1.68 36.62
CA MET C 128 3.81 -0.33 36.11
C MET C 128 2.31 -0.06 36.03
N PHE C 129 1.50 -1.09 35.75
CA PHE C 129 0.06 -0.92 35.65
C PHE C 129 -0.51 -0.49 36.99
N GLU C 130 -0.21 -1.28 38.02
CA GLU C 130 -0.61 -0.99 39.40
C GLU C 130 -0.20 0.46 39.75
N HIS C 131 1.05 0.81 39.46
CA HIS C 131 1.53 2.15 39.75
C HIS C 131 0.68 3.23 39.02
N LEU C 132 0.38 3.00 37.73
CA LEU C 132 -0.45 3.87 36.89
C LEU C 132 -1.82 4.06 37.51
N ILE C 133 -2.42 2.95 37.93
CA ILE C 133 -3.76 2.95 38.54
C ILE C 133 -3.81 3.76 39.84
N ASN C 134 -2.90 3.45 40.77
CA ASN C 134 -2.87 4.10 42.09
C ASN C 134 -2.50 5.59 41.94
N SER C 135 -1.49 5.93 41.14
CA SER C 135 -1.03 7.32 41.04
C SER C 135 -2.00 8.28 40.37
N ASN C 136 -3.04 7.76 39.72
CA ASN C 136 -3.81 8.55 38.79
C ASN C 136 -5.28 8.52 39.06
N GLY C 137 -5.72 7.89 40.15
CA GLY C 137 -7.14 7.92 40.46
C GLY C 137 -8.02 7.15 39.47
N ILE C 138 -7.48 6.05 38.94
CA ILE C 138 -8.15 5.28 37.90
C ILE C 138 -9.31 4.42 38.45
N LYS C 139 -9.18 3.86 39.66
CA LYS C 139 -10.25 3.01 40.24
C LYS C 139 -11.67 3.61 40.26
N PRO C 140 -11.80 4.86 40.72
CA PRO C 140 -13.17 5.45 40.65
C PRO C 140 -13.70 5.58 39.23
N VAL C 141 -12.80 5.89 38.31
CA VAL C 141 -13.18 6.07 36.91
C VAL C 141 -13.61 4.74 36.29
N MET C 142 -12.92 3.64 36.60
CA MET C 142 -13.36 2.29 36.22
C MET C 142 -14.80 2.04 36.71
N GLU C 143 -15.08 2.38 37.96
CA GLU C 143 -16.36 2.09 38.57
C GLU C 143 -17.43 2.89 37.91
N GLN C 144 -17.14 4.16 37.62
CA GLN C 144 -18.05 4.99 36.80
C GLN C 144 -18.55 4.26 35.53
N TYR C 145 -17.74 3.35 34.95
CA TYR C 145 -18.12 2.67 33.71
C TYR C 145 -18.50 1.22 33.86
N GLY C 146 -18.88 0.84 35.08
CA GLY C 146 -19.43 -0.50 35.35
C GLY C 146 -18.40 -1.56 35.69
N LEU C 147 -17.12 -1.18 35.79
CA LEU C 147 -16.07 -2.11 36.20
C LEU C 147 -16.05 -2.26 37.74
N ILE C 148 -15.49 -3.38 38.19
CA ILE C 148 -15.40 -3.74 39.60
C ILE C 148 -13.94 -4.00 39.89
N PRO C 149 -13.23 -2.97 40.34
CA PRO C 149 -11.79 -3.01 40.54
C PRO C 149 -11.20 -4.28 41.22
N GLU C 150 -11.86 -4.78 42.25
CA GLU C 150 -11.46 -6.04 42.90
C GLU C 150 -11.18 -7.15 41.85
N GLU C 151 -12.22 -7.59 41.15
CA GLU C 151 -12.10 -8.65 40.14
C GLU C 151 -11.37 -8.19 38.87
N ASP C 152 -11.72 -7.00 38.36
CA ASP C 152 -11.24 -6.57 37.03
C ASP C 152 -9.74 -6.22 36.93
N ILE C 153 -9.17 -5.68 38.00
CA ILE C 153 -7.73 -5.42 38.05
C ILE C 153 -6.99 -6.71 38.04
N CYS C 154 -7.46 -7.66 38.81
CA CYS C 154 -6.94 -9.03 38.75
C CYS C 154 -7.03 -9.63 37.35
N PHE C 155 -8.18 -9.49 36.70
CA PHE C 155 -8.40 -10.00 35.34
C PHE C 155 -7.39 -9.42 34.34
N ILE C 156 -7.21 -8.11 34.42
CA ILE C 156 -6.28 -7.39 33.56
C ILE C 156 -4.87 -7.89 33.74
N LYS C 157 -4.42 -7.99 34.98
CA LYS C 157 -3.04 -8.45 35.24
C LYS C 157 -2.83 -9.91 34.83
N GLU C 158 -3.86 -10.72 35.06
CA GLU C 158 -3.80 -12.13 34.68
C GLU C 158 -3.63 -12.25 33.16
N GLN C 159 -4.30 -11.36 32.42
CA GLN C 159 -4.24 -11.40 30.97
C GLN C 159 -2.85 -11.17 30.47
N ILE C 160 -2.07 -10.38 31.22
CA ILE C 160 -0.70 -10.00 30.83
C ILE C 160 0.30 -11.05 31.27
N VAL C 161 0.34 -11.33 32.56
CA VAL C 161 1.40 -12.20 33.12
C VAL C 161 0.99 -13.71 33.34
N GLY C 162 -0.29 -14.04 33.18
CA GLY C 162 -0.86 -15.35 33.51
C GLY C 162 -1.33 -15.40 34.98
N PRO C 163 -1.60 -16.61 35.48
CA PRO C 163 -1.84 -16.94 36.91
C PRO C 163 -0.96 -16.19 37.93
N LEU C 164 -1.58 -15.45 38.85
CA LEU C 164 -0.85 -14.66 39.86
C LEU C 164 -0.22 -15.48 41.03
N GLU C 165 -0.89 -16.55 41.52
CA GLU C 165 -0.40 -17.40 42.67
C GLU C 165 1.12 -17.69 42.66
N LEU C 172 -8.30 -28.14 37.43
CA LEU C 172 -7.88 -27.11 38.40
C LEU C 172 -7.66 -25.74 37.70
N TRP C 173 -8.73 -24.95 37.59
CA TRP C 173 -8.75 -23.64 36.87
C TRP C 173 -8.00 -22.56 37.67
N PRO C 174 -6.88 -22.01 37.13
CA PRO C 174 -5.96 -21.20 37.98
C PRO C 174 -6.19 -19.68 38.05
N TYR C 175 -7.28 -19.18 37.48
CA TYR C 175 -7.48 -17.74 37.33
C TYR C 175 -8.63 -17.27 38.21
N LYS C 176 -8.46 -16.13 38.90
CA LYS C 176 -9.57 -15.53 39.69
C LYS C 176 -10.41 -14.45 38.95
N GLY C 177 -9.87 -13.87 37.90
CA GLY C 177 -10.50 -12.71 37.26
C GLY C 177 -11.82 -13.08 36.64
N ARG C 178 -11.85 -14.26 36.04
CA ARG C 178 -13.01 -14.77 35.33
C ARG C 178 -13.01 -16.29 35.43
N PRO C 179 -14.21 -16.91 35.37
CA PRO C 179 -14.35 -18.35 35.42
C PRO C 179 -14.12 -19.04 34.10
N GLU C 180 -14.15 -20.38 34.11
CA GLU C 180 -13.97 -21.22 32.89
C GLU C 180 -14.90 -20.94 31.68
N ASN C 181 -16.07 -20.32 31.91
CA ASN C 181 -17.00 -19.96 30.80
C ASN C 181 -16.59 -18.68 30.02
N LYS C 182 -15.64 -17.90 30.58
CA LYS C 182 -14.96 -16.83 29.88
C LYS C 182 -13.50 -17.17 29.55
N SER C 183 -13.15 -18.45 29.55
CA SER C 183 -11.78 -18.90 29.33
C SER C 183 -11.09 -18.31 28.07
N PHE C 184 -11.91 -18.17 27.03
CA PHE C 184 -11.49 -17.60 25.76
C PHE C 184 -10.99 -16.14 25.88
N LEU C 185 -11.41 -15.38 26.88
CA LEU C 185 -10.91 -14.02 27.03
C LEU C 185 -9.43 -13.97 27.32
N TYR C 186 -8.94 -15.00 28.01
CA TYR C 186 -7.53 -15.15 28.32
C TYR C 186 -6.58 -15.46 27.12
N GLU C 187 -7.18 -15.70 25.95
CA GLU C 187 -6.50 -16.05 24.72
C GLU C 187 -6.26 -14.86 23.76
N ILE C 188 -6.84 -13.70 24.10
CA ILE C 188 -6.81 -12.55 23.23
C ILE C 188 -5.49 -11.81 23.29
N VAL C 189 -5.09 -11.37 24.50
CA VAL C 189 -3.97 -10.45 24.62
C VAL C 189 -2.65 -11.11 24.67
N SER C 190 -2.56 -12.20 25.43
CA SER C 190 -1.29 -12.90 25.66
C SER C 190 -1.61 -14.35 25.89
N ASN C 191 -1.44 -15.13 24.82
CA ASN C 191 -1.98 -16.49 24.69
C ASN C 191 -0.85 -17.38 25.06
N LYS C 192 -0.89 -17.86 26.28
CA LYS C 192 0.20 -18.67 26.81
C LYS C 192 0.18 -20.09 26.27
N ARG C 193 -0.96 -20.55 25.77
CA ARG C 193 -1.11 -21.91 25.25
C ARG C 193 -0.41 -22.10 23.92
N ASN C 194 -0.57 -21.14 23.02
CA ASN C 194 0.02 -21.26 21.66
C ASN C 194 0.64 -19.98 21.03
N GLY C 195 0.60 -18.86 21.75
CA GLY C 195 1.17 -17.62 21.24
C GLY C 195 0.40 -16.92 20.12
N ILE C 196 -0.77 -17.40 19.74
CA ILE C 196 -1.57 -16.74 18.70
C ILE C 196 -2.42 -15.66 19.36
N ASP C 197 -1.91 -14.43 19.34
CA ASP C 197 -2.52 -13.29 19.99
C ASP C 197 -2.34 -11.99 19.22
N VAL C 198 -3.10 -11.00 19.64
CA VAL C 198 -3.18 -9.73 18.96
C VAL C 198 -1.91 -8.89 19.04
N ASP C 199 -1.00 -9.22 19.95
CA ASP C 199 0.22 -8.46 20.05
C ASP C 199 1.08 -8.75 18.83
N LYS C 200 1.15 -10.01 18.44
CA LYS C 200 1.79 -10.37 17.18
C LYS C 200 1.18 -9.66 16.00
N TRP C 201 -0.15 -9.61 15.93
CA TRP C 201 -0.79 -9.11 14.75
C TRP C 201 -0.49 -7.62 14.59
N ASP C 202 -0.54 -6.85 15.67
CA ASP C 202 -0.10 -5.46 15.53
C ASP C 202 1.39 -5.38 15.09
N TYR C 203 2.31 -6.08 15.74
CA TYR C 203 3.73 -5.89 15.36
C TYR C 203 4.13 -6.43 13.94
N PHE C 204 3.48 -7.49 13.48
CA PHE C 204 3.63 -7.86 12.07
C PHE C 204 3.29 -6.70 11.18
N ALA C 205 2.09 -6.16 11.28
CA ALA C 205 1.66 -5.13 10.36
C ALA C 205 2.48 -3.86 10.55
N ARG C 206 2.75 -3.49 11.82
CA ARG C 206 3.44 -2.23 12.13
C ARG C 206 4.91 -2.25 11.83
N ASP C 207 5.62 -3.33 12.21
CA ASP C 207 7.06 -3.40 11.93
C ASP C 207 7.29 -3.47 10.44
N CYS C 208 6.48 -4.25 9.72
CA CYS C 208 6.57 -4.25 8.23
C CYS C 208 6.41 -2.84 7.57
N HIS C 209 5.36 -2.14 7.96
CA HIS C 209 5.17 -0.78 7.51
C HIS C 209 6.44 0.09 7.63
N HIS C 210 7.15 -0.03 8.74
CA HIS C 210 8.29 0.84 9.00
C HIS C 210 9.59 0.27 8.52
N LEU C 211 9.73 -1.03 8.50
CA LEU C 211 10.99 -1.60 8.12
C LEU C 211 11.18 -1.55 6.61
N GLY C 212 10.07 -1.60 5.89
CA GLY C 212 10.08 -1.73 4.42
C GLY C 212 10.15 -3.17 3.98
N ILE C 213 9.45 -4.05 4.66
CA ILE C 213 9.35 -5.47 4.38
C ILE C 213 7.85 -5.65 4.40
N GLN C 214 7.33 -6.55 3.60
CA GLN C 214 5.91 -6.76 3.60
C GLN C 214 5.51 -8.01 4.41
N ASN C 215 4.33 -7.81 5.01
CA ASN C 215 3.71 -8.76 5.96
C ASN C 215 2.77 -9.68 5.17
N ASN C 216 2.93 -10.99 5.29
CA ASN C 216 2.18 -12.01 4.54
CA ASN C 216 2.13 -11.94 4.54
C ASN C 216 1.01 -12.58 5.38
N PHE C 217 0.87 -12.16 6.64
CA PHE C 217 -0.21 -12.68 7.52
C PHE C 217 -1.46 -11.79 7.60
N ASP C 218 -2.68 -12.34 7.44
CA ASP C 218 -3.90 -11.54 7.41
C ASP C 218 -4.71 -11.78 8.68
N TYR C 219 -4.49 -10.94 9.69
CA TYR C 219 -5.19 -11.03 10.94
C TYR C 219 -6.70 -10.81 10.80
N LYS C 220 -7.15 -9.94 9.88
CA LYS C 220 -8.56 -9.71 9.68
C LYS C 220 -9.24 -10.93 9.16
N ARG C 221 -8.55 -11.74 8.39
CA ARG C 221 -9.14 -12.96 7.92
C ARG C 221 -9.26 -13.90 9.12
N PHE C 222 -8.22 -14.04 9.95
CA PHE C 222 -8.31 -14.86 11.16
C PHE C 222 -9.51 -14.48 12.07
N ILE C 223 -9.64 -13.18 12.37
CA ILE C 223 -10.78 -12.65 13.11
C ILE C 223 -12.11 -13.06 12.51
N LYS C 224 -12.33 -12.96 11.21
CA LYS C 224 -13.61 -13.40 10.62
C LYS C 224 -13.93 -14.88 10.72
N PHE C 225 -12.91 -15.74 10.71
CA PHE C 225 -13.07 -17.20 10.89
C PHE C 225 -13.05 -17.69 12.33
N ALA C 226 -12.71 -16.86 13.30
CA ALA C 226 -12.58 -17.35 14.68
C ALA C 226 -13.95 -17.56 15.31
N ARG C 227 -14.08 -18.61 16.11
CA ARG C 227 -15.30 -18.95 16.89
C ARG C 227 -14.89 -19.47 18.27
N VAL C 228 -15.84 -19.45 19.21
CA VAL C 228 -15.61 -20.15 20.48
C VAL C 228 -16.36 -21.49 20.48
N CYS C 229 -15.63 -22.52 20.85
CA CYS C 229 -16.15 -23.87 21.03
C CYS C 229 -15.66 -24.47 22.38
N GLU C 230 -16.38 -25.50 22.83
CA GLU C 230 -16.06 -26.18 24.07
C GLU C 230 -14.95 -27.09 23.66
N VAL C 231 -13.80 -26.97 24.31
CA VAL C 231 -12.66 -27.88 24.13
C VAL C 231 -12.31 -28.36 25.55
N ASP C 232 -12.24 -29.68 25.76
CA ASP C 232 -12.03 -30.30 27.10
C ASP C 232 -12.72 -29.57 28.28
N ASN C 233 -14.01 -29.28 28.13
CA ASN C 233 -14.80 -28.53 29.12
C ASN C 233 -14.34 -27.08 29.53
N GLU C 234 -13.42 -26.46 28.78
CA GLU C 234 -13.28 -24.96 28.72
C GLU C 234 -13.95 -24.44 27.43
N LEU C 235 -14.51 -23.24 27.46
CA LEU C 235 -14.78 -22.50 26.21
C LEU C 235 -13.48 -21.84 25.66
N ARG C 236 -13.07 -22.21 24.45
CA ARG C 236 -11.81 -21.76 23.81
C ARG C 236 -12.03 -21.15 22.40
N ILE C 237 -11.06 -20.32 21.98
CA ILE C 237 -11.08 -19.76 20.65
C ILE C 237 -10.60 -20.85 19.67
N CYS C 238 -11.36 -21.05 18.59
CA CYS C 238 -11.02 -22.03 17.56
C CYS C 238 -10.95 -21.40 16.20
N ALA C 239 -9.95 -21.82 15.42
CA ALA C 239 -9.81 -21.41 14.03
C ALA C 239 -10.54 -22.40 13.08
N ARG C 240 -10.99 -21.91 11.94
CA ARG C 240 -11.55 -22.79 10.90
C ARG C 240 -10.51 -23.81 10.43
N ASP C 241 -10.91 -25.07 10.19
CA ASP C 241 -9.98 -26.13 9.76
C ASP C 241 -9.04 -25.72 8.63
N LYS C 242 -9.61 -25.29 7.51
CA LYS C 242 -8.82 -25.11 6.28
C LYS C 242 -7.85 -23.92 6.36
N GLU C 243 -8.04 -23.02 7.31
CA GLU C 243 -7.06 -22.02 7.68
C GLU C 243 -5.79 -22.47 8.44
N VAL C 244 -5.62 -23.76 8.70
CA VAL C 244 -4.45 -24.20 9.46
C VAL C 244 -3.12 -23.82 8.79
N GLY C 245 -3.10 -23.84 7.45
CA GLY C 245 -1.95 -23.40 6.64
C GLY C 245 -1.51 -21.97 6.97
N ASN C 246 -2.47 -21.07 7.08
CA ASN C 246 -2.19 -19.67 7.45
C ASN C 246 -1.54 -19.53 8.81
N LEU C 247 -1.93 -20.38 9.77
CA LEU C 247 -1.29 -20.36 11.09
C LEU C 247 0.17 -20.79 10.99
N TYR C 248 0.43 -21.91 10.33
CA TYR C 248 1.80 -22.27 10.09
C TYR C 248 2.58 -21.11 9.50
N ASP C 249 1.99 -20.47 8.48
CA ASP C 249 2.63 -19.33 7.81
C ASP C 249 2.81 -18.16 8.77
N MET C 250 1.85 -17.98 9.69
CA MET C 250 2.01 -16.93 10.73
C MET C 250 3.35 -17.06 11.48
N PHE C 251 3.72 -18.27 11.90
CA PHE C 251 4.98 -18.44 12.66
C PHE C 251 6.19 -18.40 11.74
N HIS C 252 5.98 -18.85 10.50
CA HIS C 252 7.00 -18.73 9.49
C HIS C 252 7.38 -17.23 9.29
N THR C 253 6.38 -16.39 9.16
CA THR C 253 6.57 -14.95 9.06
C THR C 253 7.31 -14.39 10.28
N ARG C 254 6.91 -14.83 11.47
CA ARG C 254 7.61 -14.41 12.68
C ARG C 254 9.08 -14.73 12.66
N ASN C 255 9.40 -15.98 12.31
CA ASN C 255 10.77 -16.39 12.15
C ASN C 255 11.51 -15.56 11.09
N SER C 256 10.88 -15.29 9.95
CA SER C 256 11.60 -14.59 8.90
C SER C 256 11.75 -13.10 9.25
N LEU C 257 10.83 -12.51 10.01
CA LEU C 257 11.07 -11.14 10.55
C LEU C 257 12.22 -11.10 11.56
N HIS C 258 12.35 -12.14 12.37
CA HIS C 258 13.54 -12.31 13.23
C HIS C 258 14.84 -12.45 12.45
N ARG C 259 14.85 -13.27 11.40
CA ARG C 259 16.05 -13.37 10.56
C ARG C 259 16.43 -12.07 9.84
N ARG C 260 15.45 -11.37 9.26
CA ARG C 260 15.75 -10.27 8.41
C ARG C 260 16.01 -9.03 9.22
N ALA C 261 15.27 -8.83 10.29
CA ALA C 261 15.27 -7.57 10.99
C ALA C 261 15.65 -7.66 12.46
N TYR C 262 14.93 -8.43 13.24
CA TYR C 262 15.07 -8.30 14.68
C TYR C 262 16.40 -8.88 15.20
N GLN C 263 16.94 -9.90 14.53
CA GLN C 263 18.22 -10.43 14.87
C GLN C 263 19.23 -10.03 13.83
N HIS C 264 19.03 -8.88 13.19
CA HIS C 264 20.00 -8.44 12.24
C HIS C 264 21.37 -8.34 12.96
N LYS C 265 22.41 -8.77 12.26
CA LYS C 265 23.74 -8.97 12.80
C LYS C 265 24.39 -7.67 13.23
N VAL C 266 24.11 -6.59 12.49
CA VAL C 266 24.53 -5.26 12.90
C VAL C 266 23.63 -4.58 13.94
N GLY C 267 22.32 -4.76 13.82
CA GLY C 267 21.38 -4.39 14.89
C GLY C 267 21.73 -4.94 16.27
N ASN C 268 22.00 -6.23 16.34
CA ASN C 268 22.44 -6.91 17.59
C ASN C 268 23.79 -6.38 18.13
N ILE C 269 24.78 -6.17 17.26
CA ILE C 269 26.04 -5.59 17.72
C ILE C 269 25.87 -4.16 18.22
N ILE C 270 24.94 -3.40 17.64
CA ILE C 270 24.61 -2.04 18.14
C ILE C 270 23.96 -2.15 19.47
N ASP C 271 23.02 -3.08 19.63
CA ASP C 271 22.41 -3.35 20.94
C ASP C 271 23.49 -3.77 21.99
N THR C 272 24.45 -4.57 21.59
CA THR C 272 25.56 -4.94 22.44
C THR C 272 26.44 -3.75 22.88
N MET C 273 26.80 -2.89 21.95
CA MET C 273 27.58 -1.67 22.23
C MET C 273 26.80 -0.72 23.12
N ILE C 274 25.49 -0.58 22.88
CA ILE C 274 24.69 0.24 23.74
C ILE C 274 24.70 -0.35 25.15
N THR C 275 24.45 -1.66 25.27
CA THR C 275 24.45 -2.35 26.55
C THR C 275 25.80 -2.17 27.33
N ASP C 276 26.94 -2.40 26.68
CA ASP C 276 28.27 -2.09 27.25
C ASP C 276 28.37 -0.66 27.80
N ALA C 277 27.99 0.34 27.02
CA ALA C 277 27.94 1.71 27.49
C ALA C 277 27.02 1.89 28.69
N PHE C 278 25.91 1.14 28.76
CA PHE C 278 25.02 1.29 29.91
C PHE C 278 25.75 0.68 31.11
N LEU C 279 26.43 -0.46 30.93
CA LEU C 279 27.18 -1.09 32.03
C LEU C 279 28.22 -0.14 32.63
N LYS C 280 28.97 0.56 31.77
CA LYS C 280 29.98 1.51 32.21
C LYS C 280 29.43 2.77 32.87
N ALA C 281 28.18 3.11 32.60
CA ALA C 281 27.54 4.28 33.13
C ALA C 281 26.70 3.96 34.40
N ASP C 282 26.40 2.69 34.62
CA ASP C 282 25.46 2.27 35.67
C ASP C 282 25.79 2.81 37.08
N ASP C 283 27.08 2.86 37.43
CA ASP C 283 27.55 3.43 38.73
C ASP C 283 27.26 4.93 38.89
N TYR C 284 27.45 5.70 37.83
CA TYR C 284 27.50 7.14 37.94
C TYR C 284 26.25 7.91 37.47
N ILE C 285 25.16 7.22 37.11
CA ILE C 285 23.92 7.88 36.65
C ILE C 285 22.92 7.69 37.77
N GLU C 286 22.13 8.70 38.07
CA GLU C 286 21.15 8.54 39.13
C GLU C 286 19.75 8.92 38.65
N ILE C 287 18.78 8.14 39.07
CA ILE C 287 17.41 8.35 38.68
C ILE C 287 16.65 8.52 39.96
N THR C 288 16.02 9.67 40.10
CA THR C 288 15.29 9.98 41.30
C THR C 288 13.96 9.23 41.30
N GLY C 289 13.78 8.39 42.32
CA GLY C 289 12.56 7.59 42.53
C GLY C 289 11.64 8.14 43.60
N ALA C 290 10.81 7.26 44.18
CA ALA C 290 9.85 7.61 45.22
C ALA C 290 10.59 8.07 46.49
N GLY C 291 9.96 9.01 47.22
CA GLY C 291 10.52 9.65 48.39
C GLY C 291 11.82 10.40 48.16
N GLY C 292 12.12 10.78 46.92
CA GLY C 292 13.43 11.35 46.58
C GLY C 292 14.63 10.37 46.61
N LYS C 293 14.36 9.07 46.69
CA LYS C 293 15.39 8.04 46.79
C LYS C 293 16.20 7.98 45.47
N LYS C 294 17.42 7.43 45.49
CA LYS C 294 18.31 7.43 44.31
C LYS C 294 18.45 6.02 43.74
N TYR C 295 18.25 5.88 42.43
CA TYR C 295 18.36 4.56 41.78
C TYR C 295 19.35 4.62 40.65
N ARG C 296 19.92 3.47 40.33
CA ARG C 296 20.69 3.28 39.10
C ARG C 296 19.83 2.83 37.89
N ILE C 297 20.45 2.78 36.71
CA ILE C 297 19.76 2.23 35.54
C ILE C 297 19.33 0.80 35.84
N SER C 298 20.24 0.01 36.40
CA SER C 298 19.92 -1.38 36.81
C SER C 298 19.06 -1.54 38.04
N THR C 299 18.83 -0.49 38.81
CA THR C 299 17.94 -0.63 39.98
C THR C 299 16.64 0.10 39.89
N ALA C 300 16.47 0.97 38.89
CA ALA C 300 15.17 1.65 38.64
C ALA C 300 14.00 0.68 38.45
N ILE C 301 14.30 -0.56 38.07
CA ILE C 301 13.30 -1.62 38.04
C ILE C 301 12.66 -1.98 39.40
N ASP C 302 13.30 -1.65 40.51
CA ASP C 302 12.70 -1.89 41.85
C ASP C 302 11.68 -0.84 42.31
N ASP C 303 11.61 0.29 41.62
CA ASP C 303 10.73 1.38 42.00
C ASP C 303 10.09 1.91 40.75
N MET C 304 8.78 1.75 40.64
CA MET C 304 8.03 2.28 39.50
C MET C 304 8.13 3.79 39.30
N GLU C 305 8.21 4.60 40.33
CA GLU C 305 8.44 6.06 40.07
C GLU C 305 9.78 6.40 39.35
N ALA C 306 10.88 5.73 39.71
CA ALA C 306 12.15 5.89 38.97
C ALA C 306 12.08 5.29 37.54
N TYR C 307 11.52 4.08 37.41
CA TYR C 307 11.39 3.39 36.11
C TYR C 307 10.59 4.25 35.11
N THR C 308 9.55 4.90 35.59
CA THR C 308 8.78 5.84 34.79
C THR C 308 9.64 6.78 33.96
N LYS C 309 10.77 7.18 34.51
CA LYS C 309 11.68 8.11 33.87
C LYS C 309 12.87 7.43 33.24
N LEU C 310 12.87 6.10 33.20
CA LEU C 310 13.95 5.37 32.53
C LEU C 310 13.51 5.05 31.07
N THR C 311 14.04 5.79 30.11
CA THR C 311 13.71 5.65 28.67
C THR C 311 14.97 5.72 27.81
N ASP C 312 14.80 5.64 26.50
CA ASP C 312 15.89 5.77 25.54
C ASP C 312 16.67 7.08 25.74
N ASN C 313 16.07 8.09 26.31
CA ASN C 313 16.81 9.25 26.75
C ASN C 313 18.13 8.96 27.47
N ILE C 314 18.22 7.87 28.24
CA ILE C 314 19.52 7.50 28.86
C ILE C 314 20.68 7.52 27.85
N PHE C 315 20.39 7.06 26.62
CA PHE C 315 21.40 6.99 25.57
C PHE C 315 22.05 8.36 25.30
N LEU C 316 21.21 9.40 25.19
CA LEU C 316 21.62 10.77 24.96
C LEU C 316 22.09 11.53 26.22
N GLU C 317 21.58 11.19 27.42
CA GLU C 317 22.23 11.59 28.71
C GLU C 317 23.71 11.24 28.64
N ILE C 318 24.02 9.98 28.36
CA ILE C 318 25.39 9.53 28.30
C ILE C 318 26.13 10.18 27.14
N LEU C 319 25.54 10.19 25.97
CA LEU C 319 26.21 10.74 24.80
C LEU C 319 26.66 12.19 24.94
N TYR C 320 25.78 13.01 25.50
CA TYR C 320 25.99 14.45 25.67
C TYR C 320 26.65 14.83 27.01
N SER C 321 27.04 13.88 27.87
CA SER C 321 27.55 14.20 29.21
C SER C 321 28.98 14.75 29.11
N THR C 322 29.37 15.53 30.10
CA THR C 322 30.74 16.05 30.21
C THR C 322 31.48 15.48 31.43
N ASP C 323 30.75 14.91 32.38
CA ASP C 323 31.33 14.29 33.58
C ASP C 323 32.44 13.29 33.18
N PRO C 324 33.69 13.46 33.68
CA PRO C 324 34.77 12.53 33.25
C PRO C 324 34.62 11.07 33.73
N LYS C 325 33.81 10.82 34.75
CA LYS C 325 33.49 9.45 35.15
C LYS C 325 32.75 8.64 34.06
N LEU C 326 32.05 9.35 33.16
CA LEU C 326 31.34 8.76 32.03
C LEU C 326 32.17 8.70 30.76
N LYS C 327 33.42 9.15 30.79
CA LYS C 327 34.26 9.00 29.63
C LYS C 327 34.08 7.66 28.90
N ASP C 328 34.15 6.56 29.62
CA ASP C 328 34.18 5.24 29.00
C ASP C 328 32.87 4.93 28.25
N ALA C 329 31.76 5.17 28.94
CA ALA C 329 30.42 5.04 28.38
C ALA C 329 30.25 5.94 27.16
N ARG C 330 30.60 7.20 27.32
CA ARG C 330 30.44 8.19 26.27
C ARG C 330 31.27 7.80 25.06
N GLU C 331 32.52 7.37 25.25
CA GLU C 331 33.35 6.95 24.09
C GLU C 331 32.73 5.81 23.23
N ILE C 332 32.03 4.89 23.89
CA ILE C 332 31.43 3.78 23.19
C ILE C 332 30.24 4.32 22.37
N LEU C 333 29.43 5.22 22.94
CA LEU C 333 28.34 5.81 22.13
C LEU C 333 28.91 6.61 20.97
N LYS C 334 30.01 7.31 21.20
CA LYS C 334 30.61 8.04 20.14
C LYS C 334 31.02 7.13 18.97
N GLN C 335 31.49 5.94 19.26
CA GLN C 335 31.95 5.05 18.18
C GLN C 335 30.79 4.47 17.37
N ILE C 336 29.60 4.45 17.96
CA ILE C 336 28.36 4.16 17.23
C ILE C 336 28.07 5.31 16.20
N GLU C 337 27.99 6.55 16.67
CA GLU C 337 27.87 7.72 15.76
C GLU C 337 28.85 7.72 14.63
N TYR C 338 30.12 7.36 14.90
CA TYR C 338 31.12 7.31 13.78
C TYR C 338 31.03 6.01 12.98
N ARG C 339 30.08 5.13 13.28
CA ARG C 339 30.01 3.81 12.63
C ARG C 339 31.29 2.99 12.74
N ASN C 340 31.94 3.11 13.88
CA ASN C 340 33.19 2.42 14.15
C ASN C 340 32.74 1.28 15.06
N LEU C 341 32.16 0.24 14.45
CA LEU C 341 31.43 -0.78 15.18
C LEU C 341 32.30 -2.02 15.37
N PHE C 342 31.93 -2.86 16.34
CA PHE C 342 32.57 -4.19 16.43
C PHE C 342 32.20 -4.91 15.18
N LYS C 343 33.15 -5.68 14.66
CA LYS C 343 33.04 -6.23 13.32
C LYS C 343 32.58 -7.68 13.34
N TYR C 344 31.67 -7.99 12.42
CA TYR C 344 31.05 -9.28 12.24
C TYR C 344 32.08 -10.17 11.59
N VAL C 345 32.29 -11.36 12.12
CA VAL C 345 33.25 -12.34 11.56
C VAL C 345 32.51 -13.46 10.86
N GLY C 346 31.49 -14.00 11.50
CA GLY C 346 30.67 -15.00 10.83
C GLY C 346 29.61 -15.59 11.70
N GLU C 347 28.96 -16.60 11.15
CA GLU C 347 27.78 -17.22 11.73
C GLU C 347 27.88 -18.72 11.52
N THR C 348 27.37 -19.48 12.49
CA THR C 348 27.40 -20.93 12.41
C THR C 348 26.23 -21.43 13.28
N GLN C 349 25.94 -22.72 13.18
CA GLN C 349 25.01 -23.38 14.10
C GLN C 349 25.63 -24.64 14.67
N PRO C 350 25.19 -25.03 15.85
CA PRO C 350 25.45 -26.42 16.25
C PRO C 350 24.82 -27.52 15.32
N THR C 351 25.04 -28.77 15.70
CA THR C 351 24.90 -29.91 14.82
C THR C 351 24.63 -31.12 15.74
N GLY C 352 23.84 -32.07 15.23
CA GLY C 352 23.42 -33.21 15.99
C GLY C 352 22.58 -32.69 17.13
N GLN C 353 22.84 -33.15 18.34
CA GLN C 353 22.16 -32.57 19.49
C GLN C 353 23.09 -31.90 20.46
N ILE C 354 24.05 -31.18 19.90
CA ILE C 354 24.69 -30.15 20.66
C ILE C 354 23.61 -29.06 20.86
N LYS C 355 23.50 -28.59 22.11
CA LYS C 355 22.59 -27.54 22.50
C LYS C 355 23.39 -26.64 23.42
N ILE C 356 23.62 -25.39 23.06
CA ILE C 356 24.47 -24.52 23.82
C ILE C 356 23.67 -23.86 24.90
N LYS C 357 24.08 -24.14 26.14
CA LYS C 357 23.31 -23.73 27.31
C LYS C 357 23.79 -22.32 27.77
N ARG C 358 22.85 -21.59 28.36
CA ARG C 358 23.08 -20.23 28.91
C ARG C 358 24.30 -20.14 29.85
N GLU C 359 24.44 -21.13 30.75
CA GLU C 359 25.59 -21.23 31.67
C GLU C 359 26.95 -21.26 30.98
N ASP C 360 27.01 -21.72 29.73
CA ASP C 360 28.22 -21.70 28.90
C ASP C 360 28.46 -20.46 27.97
N TYR C 361 27.57 -19.46 27.98
CA TYR C 361 27.71 -18.28 27.08
C TYR C 361 29.02 -17.52 27.32
N GLU C 362 29.31 -17.29 28.61
CA GLU C 362 30.54 -16.61 29.06
C GLU C 362 31.85 -17.30 28.58
N SER C 363 31.83 -18.63 28.53
CA SER C 363 32.99 -19.40 28.11
C SER C 363 33.30 -19.38 26.60
N LEU C 364 32.37 -18.94 25.74
CA LEU C 364 32.56 -19.09 24.26
C LEU C 364 33.66 -18.21 23.59
N PRO C 365 33.80 -16.94 24.04
CA PRO C 365 34.93 -16.13 23.52
C PRO C 365 36.32 -16.75 23.79
N LYS C 366 36.50 -17.32 24.99
CA LYS C 366 37.75 -18.03 25.40
C LYS C 366 37.99 -19.23 24.54
N GLU C 367 36.94 -19.97 24.25
CA GLU C 367 37.09 -21.06 23.30
C GLU C 367 37.58 -20.56 21.93
N VAL C 368 37.06 -19.43 21.43
CA VAL C 368 37.39 -19.02 20.05
C VAL C 368 38.87 -18.63 20.00
N ALA C 369 39.31 -17.87 20.99
CA ALA C 369 40.74 -17.48 21.15
C ALA C 369 41.69 -18.66 21.46
N SER C 370 41.16 -19.71 22.09
CA SER C 370 41.90 -20.96 22.27
C SER C 370 42.16 -21.80 21.03
N ALA C 371 41.35 -21.60 19.99
CA ALA C 371 41.54 -22.35 18.74
C ALA C 371 42.95 -22.07 18.18
N LYS C 372 43.50 -23.07 17.49
CA LYS C 372 44.86 -23.06 16.99
C LYS C 372 44.83 -23.34 15.49
N PRO C 373 44.54 -22.31 14.67
CA PRO C 373 44.52 -22.55 13.23
C PRO C 373 45.93 -22.81 12.74
N LYS C 374 46.10 -23.84 11.91
CA LYS C 374 47.39 -24.13 11.25
C LYS C 374 47.65 -23.14 10.09
N VAL C 375 48.04 -21.92 10.46
CA VAL C 375 48.15 -20.78 9.53
C VAL C 375 49.07 -19.78 10.18
N LEU C 376 49.93 -19.13 9.39
CA LEU C 376 50.79 -18.09 9.95
C LEU C 376 50.01 -16.77 10.12
N LEU C 377 50.12 -16.16 11.30
CA LEU C 377 49.29 -15.02 11.70
C LEU C 377 50.11 -13.89 12.26
N ASP C 378 49.83 -12.67 11.82
CA ASP C 378 50.63 -11.52 12.19
C ASP C 378 50.26 -11.10 13.60
N VAL C 379 48.99 -10.74 13.83
CA VAL C 379 48.52 -10.46 15.18
C VAL C 379 47.92 -11.71 15.78
N LYS C 380 47.76 -11.67 17.10
CA LYS C 380 47.26 -12.77 17.92
C LYS C 380 46.15 -12.17 18.79
N LEU C 381 45.05 -12.88 18.98
CA LEU C 381 43.90 -12.28 19.65
C LEU C 381 43.56 -13.04 20.91
N LYS C 382 42.99 -12.32 21.88
CA LYS C 382 42.67 -12.84 23.20
C LYS C 382 41.16 -12.96 23.32
N ALA C 383 40.71 -13.56 24.41
CA ALA C 383 39.30 -13.75 24.66
C ALA C 383 38.53 -12.43 24.65
N GLU C 384 39.05 -11.43 25.34
CA GLU C 384 38.46 -10.08 25.44
C GLU C 384 38.05 -9.46 24.07
N ASP C 385 38.81 -9.83 23.03
CA ASP C 385 38.59 -9.39 21.66
C ASP C 385 37.42 -10.03 20.88
N PHE C 386 36.66 -10.94 21.50
CA PHE C 386 35.58 -11.64 20.83
C PHE C 386 34.31 -11.50 21.57
N ILE C 387 33.24 -11.28 20.80
CA ILE C 387 31.89 -11.47 21.25
C ILE C 387 31.30 -12.70 20.50
N VAL C 388 30.56 -13.50 21.24
CA VAL C 388 29.82 -14.62 20.70
C VAL C 388 28.37 -14.46 21.19
N ASP C 389 27.46 -14.31 20.26
CA ASP C 389 26.06 -14.04 20.51
C ASP C 389 25.40 -15.34 20.10
N VAL C 390 24.55 -15.84 20.97
CA VAL C 390 23.81 -17.07 20.75
C VAL C 390 22.32 -16.71 20.64
N ILE C 391 21.70 -17.08 19.52
CA ILE C 391 20.30 -16.75 19.31
C ILE C 391 19.43 -17.99 19.16
N ASN C 392 18.46 -18.10 20.03
CA ASN C 392 17.48 -19.17 20.09
C ASN C 392 16.27 -18.83 19.19
N MET C 393 16.26 -19.38 17.97
CA MET C 393 15.16 -19.22 17.06
C MET C 393 14.19 -20.37 17.23
N ASP C 394 12.91 -20.04 17.40
CA ASP C 394 11.87 -21.04 17.50
C ASP C 394 10.49 -20.48 17.12
N TYR C 395 9.49 -21.35 17.16
CA TYR C 395 8.12 -20.98 16.96
C TYR C 395 7.36 -20.62 18.26
N GLY C 396 8.07 -20.09 19.26
CA GLY C 396 7.54 -19.55 20.49
C GLY C 396 7.30 -20.54 21.59
N MET C 397 7.59 -21.80 21.39
CA MET C 397 7.34 -22.84 22.39
C MET C 397 8.53 -23.82 22.40
N GLN C 398 9.74 -23.26 22.48
CA GLN C 398 10.98 -24.05 22.42
C GLN C 398 10.90 -25.08 21.31
N GLU C 399 10.99 -26.37 21.61
CA GLU C 399 10.94 -27.44 20.61
C GLU C 399 9.49 -27.82 20.11
N LYS C 400 8.48 -27.28 20.73
CA LYS C 400 7.12 -27.75 20.42
C LYS C 400 6.50 -27.03 19.20
N ASN C 401 5.59 -27.70 18.53
CA ASN C 401 4.84 -27.17 17.39
C ASN C 401 3.62 -26.50 17.98
N PRO C 402 3.55 -25.19 17.84
CA PRO C 402 2.39 -24.56 18.52
C PRO C 402 1.07 -24.93 17.90
N ILE C 403 1.07 -25.44 16.67
CA ILE C 403 -0.22 -25.75 15.98
C ILE C 403 -0.86 -27.00 16.57
N ASP C 404 -0.06 -27.86 17.23
CA ASP C 404 -0.65 -28.96 18.06
C ASP C 404 -1.41 -28.48 19.29
N HIS C 405 -1.29 -27.21 19.66
CA HIS C 405 -1.99 -26.65 20.80
C HIS C 405 -3.07 -25.70 20.30
N VAL C 406 -3.55 -25.95 19.09
CA VAL C 406 -4.59 -25.11 18.52
C VAL C 406 -5.79 -25.99 18.26
N SER C 407 -6.97 -25.45 18.55
CA SER C 407 -8.22 -26.12 18.23
C SER C 407 -8.87 -25.52 16.99
N PHE C 408 -9.53 -26.38 16.21
CA PHE C 408 -10.20 -25.99 14.99
C PHE C 408 -11.66 -26.40 14.98
N TYR C 409 -12.42 -25.87 14.04
CA TYR C 409 -13.77 -26.32 13.74
C TYR C 409 -13.91 -26.48 12.23
N CYS C 410 -14.82 -27.35 11.80
N CYS C 410 -14.87 -27.29 11.82
CA CYS C 410 -15.14 -27.52 10.39
CA CYS C 410 -15.21 -27.54 10.43
C CYS C 410 -16.50 -26.93 10.02
C CYS C 410 -16.51 -26.86 10.03
N LYS C 411 -16.69 -26.69 8.73
CA LYS C 411 -17.88 -26.02 8.15
C LYS C 411 -19.21 -26.72 8.50
N THR C 412 -19.16 -28.03 8.42
CA THR C 412 -20.35 -28.89 8.49
C THR C 412 -20.96 -28.98 9.93
N ALA C 413 -20.12 -28.77 10.95
CA ALA C 413 -20.56 -28.68 12.37
C ALA C 413 -19.72 -27.64 13.16
N PRO C 414 -20.03 -26.36 13.02
CA PRO C 414 -19.14 -25.33 13.58
C PRO C 414 -18.92 -25.34 15.09
N ASN C 415 -19.80 -25.99 15.86
CA ASN C 415 -19.67 -26.05 17.32
C ASN C 415 -18.71 -27.12 17.80
N ARG C 416 -18.18 -27.96 16.90
CA ARG C 416 -17.41 -29.13 17.29
C ARG C 416 -15.88 -28.94 17.12
N ALA C 417 -15.16 -28.87 18.23
CA ALA C 417 -13.69 -28.66 18.17
C ALA C 417 -13.01 -29.92 17.74
N ILE C 418 -11.95 -29.74 16.95
CA ILE C 418 -11.16 -30.84 16.41
C ILE C 418 -9.66 -30.49 16.49
N ARG C 419 -8.83 -31.50 16.41
CA ARG C 419 -7.37 -31.33 16.45
C ARG C 419 -6.92 -31.64 15.03
N ILE C 420 -5.81 -31.02 14.60
CA ILE C 420 -5.22 -31.26 13.29
C ILE C 420 -3.74 -31.41 13.48
N THR C 421 -3.17 -32.48 12.92
CA THR C 421 -1.75 -32.79 13.06
C THR C 421 -0.96 -32.31 11.85
N LYS C 422 0.35 -32.26 11.99
CA LYS C 422 1.23 -31.73 10.93
C LYS C 422 1.10 -32.50 9.62
N ASN C 423 0.91 -33.83 9.70
CA ASN C 423 0.72 -34.71 8.53
C ASN C 423 -0.60 -34.52 7.80
N GLN C 424 -1.56 -33.93 8.48
CA GLN C 424 -2.83 -33.62 7.86
C GLN C 424 -2.77 -32.33 7.06
N VAL C 425 -1.66 -31.59 7.15
CA VAL C 425 -1.54 -30.30 6.49
C VAL C 425 -0.62 -30.32 5.29
N SER C 426 0.65 -30.68 5.49
CA SER C 426 1.64 -30.67 4.37
C SER C 426 2.95 -31.37 4.77
N GLN C 427 3.64 -31.92 3.79
CA GLN C 427 4.98 -32.49 3.98
C GLN C 427 6.07 -31.46 3.84
N LEU C 428 5.71 -30.27 3.37
CA LEU C 428 6.68 -29.21 3.07
C LEU C 428 6.90 -28.30 4.28
N LEU C 429 6.41 -28.71 5.45
CA LEU C 429 6.48 -27.90 6.65
C LEU C 429 7.81 -28.19 7.32
N PRO C 430 8.19 -27.35 8.29
CA PRO C 430 9.47 -27.54 9.02
C PRO C 430 9.55 -28.88 9.75
N GLU C 431 10.71 -29.54 9.84
CA GLU C 431 10.76 -30.78 10.68
C GLU C 431 11.09 -30.49 12.14
N LYS C 432 11.82 -29.40 12.39
CA LYS C 432 12.12 -28.96 13.75
C LYS C 432 11.47 -27.60 13.93
N PHE C 433 11.21 -27.25 15.17
CA PHE C 433 10.65 -25.98 15.53
C PHE C 433 11.55 -25.09 16.37
N ALA C 434 12.80 -25.53 16.61
CA ALA C 434 13.79 -24.69 17.30
C ALA C 434 15.20 -24.97 16.80
N GLU C 435 16.05 -23.93 16.88
CA GLU C 435 17.46 -24.04 16.54
C GLU C 435 18.18 -22.89 17.14
N GLN C 436 19.51 -22.98 17.09
CA GLN C 436 20.37 -21.90 17.56
C GLN C 436 21.25 -21.36 16.46
N LEU C 437 21.43 -20.04 16.42
CA LEU C 437 22.46 -19.43 15.62
C LEU C 437 23.52 -18.85 16.52
N ILE C 438 24.75 -18.90 16.05
CA ILE C 438 25.88 -18.36 16.73
C ILE C 438 26.53 -17.31 15.82
N ARG C 439 26.53 -16.05 16.26
CA ARG C 439 27.31 -14.99 15.58
C ARG C 439 28.62 -14.64 16.32
N VAL C 440 29.71 -14.47 15.59
CA VAL C 440 30.97 -14.08 16.20
C VAL C 440 31.45 -12.74 15.65
N TYR C 441 31.81 -11.86 16.56
CA TYR C 441 32.29 -10.53 16.25
C TYR C 441 33.72 -10.31 16.87
N CYS C 442 34.47 -9.40 16.28
CA CYS C 442 35.78 -9.04 16.79
C CYS C 442 35.78 -7.57 17.13
N LYS C 443 36.18 -7.24 18.38
CA LYS C 443 36.43 -5.84 18.78
C LYS C 443 37.66 -5.15 18.14
N LYS C 444 38.59 -5.90 17.55
CA LYS C 444 39.76 -5.28 16.95
C LYS C 444 39.56 -5.30 15.44
N VAL C 445 39.48 -4.10 14.84
CA VAL C 445 38.83 -3.93 13.52
C VAL C 445 39.72 -3.69 12.29
N ASP C 446 41.02 -3.49 12.46
CA ASP C 446 41.95 -3.33 11.31
C ASP C 446 42.00 -4.59 10.47
N ARG C 447 42.67 -4.50 9.33
CA ARG C 447 42.68 -5.59 8.37
C ARG C 447 43.28 -6.86 9.03
N LYS C 448 44.44 -6.73 9.68
CA LYS C 448 45.20 -7.90 10.16
C LYS C 448 44.48 -8.65 11.29
N SER C 449 43.85 -7.91 12.20
CA SER C 449 42.97 -8.50 13.20
C SER C 449 41.77 -9.28 12.63
N LEU C 450 41.12 -8.70 11.63
CA LEU C 450 39.94 -9.33 11.03
C LEU C 450 40.30 -10.65 10.37
N TYR C 451 41.38 -10.67 9.60
CA TYR C 451 41.92 -11.92 9.02
C TYR C 451 42.13 -13.03 10.11
N ALA C 452 42.72 -12.63 11.24
CA ALA C 452 43.07 -13.57 12.27
C ALA C 452 41.78 -14.10 12.87
N ALA C 453 40.90 -13.19 13.26
CA ALA C 453 39.57 -13.53 13.78
C ALA C 453 38.82 -14.57 12.93
N ARG C 454 38.88 -14.42 11.60
CA ARG C 454 38.28 -15.40 10.68
C ARG C 454 38.94 -16.78 10.71
N GLN C 455 40.25 -16.81 10.94
CA GLN C 455 40.95 -18.12 11.05
C GLN C 455 40.55 -18.80 12.35
N TYR C 456 40.65 -18.08 13.44
CA TYR C 456 40.26 -18.61 14.73
C TYR C 456 38.81 -19.12 14.67
N PHE C 457 37.89 -18.27 14.20
CA PHE C 457 36.46 -18.62 14.06
C PHE C 457 36.20 -19.92 13.29
N VAL C 458 36.70 -20.02 12.07
CA VAL C 458 36.45 -21.21 11.30
C VAL C 458 37.13 -22.41 11.98
N GLN C 459 38.31 -22.19 12.56
CA GLN C 459 38.99 -23.27 13.26
C GLN C 459 38.08 -23.79 14.38
N TRP C 460 37.55 -22.89 15.18
CA TRP C 460 36.61 -23.23 16.26
C TRP C 460 35.36 -23.98 15.80
N CYS C 461 34.77 -23.56 14.67
CA CYS C 461 33.64 -24.27 14.07
C CYS C 461 34.04 -25.74 13.77
N ALA C 462 35.20 -25.89 13.15
CA ALA C 462 35.80 -27.21 12.89
C ALA C 462 35.88 -28.05 14.20
N ASP C 463 36.54 -27.50 15.22
CA ASP C 463 36.78 -28.22 16.50
C ASP C 463 35.46 -28.67 17.21
N ARG C 464 34.42 -27.83 17.14
CA ARG C 464 33.13 -28.08 17.84
C ARG C 464 32.11 -28.83 16.98
N ASN C 465 32.48 -29.20 15.77
CA ASN C 465 31.55 -29.84 14.83
C ASN C 465 30.27 -29.05 14.54
N PHE C 466 30.46 -27.75 14.35
CA PHE C 466 29.45 -26.79 14.00
C PHE C 466 29.33 -26.79 12.50
N THR C 467 28.30 -26.14 11.96
CA THR C 467 28.14 -26.10 10.51
C THR C 467 29.21 -25.22 9.89
N LYS C 468 29.63 -25.61 8.68
CA LYS C 468 30.54 -24.85 7.89
C LYS C 468 29.97 -23.46 7.60
N PRO C 469 30.69 -22.39 8.00
CA PRO C 469 30.13 -21.10 7.62
C PRO C 469 29.98 -20.98 6.09
N GLN C 470 28.92 -20.31 5.67
CA GLN C 470 28.60 -20.06 4.23
C GLN C 470 29.77 -19.53 3.40
N ASP C 471 30.51 -18.61 3.99
CA ASP C 471 31.71 -18.02 3.36
C ASP C 471 33.09 -18.68 3.72
N GLY C 472 33.06 -19.82 4.40
CA GLY C 472 34.24 -20.37 5.05
C GLY C 472 35.44 -20.59 4.17
N ASP C 473 35.19 -21.08 2.95
CA ASP C 473 36.26 -21.31 1.96
C ASP C 473 36.89 -20.02 1.51
N VAL C 474 36.11 -18.94 1.51
CA VAL C 474 36.63 -17.64 1.09
C VAL C 474 37.46 -16.96 2.21
N ILE C 475 36.90 -16.93 3.40
CA ILE C 475 37.54 -16.28 4.54
C ILE C 475 38.70 -17.07 5.18
N ALA C 476 38.71 -18.39 4.97
CA ALA C 476 39.66 -19.30 5.60
C ALA C 476 39.89 -20.55 4.76
N PRO C 477 40.49 -20.38 3.57
CA PRO C 477 40.75 -21.53 2.66
C PRO C 477 41.78 -22.55 3.15
N LEU C 478 42.65 -22.19 4.11
CA LEU C 478 43.63 -23.16 4.66
C LEU C 478 43.06 -24.04 5.78
N ILE C 479 41.96 -23.60 6.39
CA ILE C 479 41.31 -24.25 7.51
C ILE C 479 40.19 -25.22 7.08
N THR C 480 39.43 -24.89 6.03
CA THR C 480 38.27 -25.73 5.63
C THR C 480 38.59 -27.09 4.98
N PRO C 481 39.75 -27.27 4.34
CA PRO C 481 40.13 -28.62 3.91
C PRO C 481 40.27 -29.65 5.04
N GLN C 482 40.74 -29.23 6.21
CA GLN C 482 40.89 -30.16 7.36
C GLN C 482 39.61 -30.96 7.74
N LYS C 483 38.43 -30.40 7.54
CA LYS C 483 37.20 -30.96 8.11
C LYS C 483 36.45 -31.82 7.09
N LYS C 484 36.32 -33.11 7.42
CA LYS C 484 35.77 -34.11 6.50
C LYS C 484 34.35 -33.82 6.07
N GLU C 485 33.46 -33.58 7.03
CA GLU C 485 32.04 -33.24 6.75
C GLU C 485 31.83 -32.12 5.70
N TRP C 486 32.81 -31.21 5.61
CA TRP C 486 32.74 -30.03 4.75
C TRP C 486 33.23 -30.22 3.28
N ASN C 487 34.47 -30.70 3.11
CA ASN C 487 35.25 -30.62 1.86
C ASN C 487 35.62 -29.16 1.58
N THR D 2 -25.90 -18.57 7.81
CA THR D 2 -24.43 -18.44 7.62
C THR D 2 -24.04 -17.44 6.50
N MET D 3 -23.15 -16.52 6.85
CA MET D 3 -22.59 -15.56 5.89
C MET D 3 -21.66 -16.26 4.89
N LYS D 4 -21.58 -15.74 3.68
CA LYS D 4 -20.51 -16.07 2.80
C LYS D 4 -19.51 -14.94 2.99
N VAL D 5 -18.24 -15.31 3.00
CA VAL D 5 -17.12 -14.33 3.04
C VAL D 5 -16.43 -14.24 1.63
N ILE D 6 -16.17 -13.02 1.16
CA ILE D 6 -15.50 -12.74 -0.12
C ILE D 6 -14.31 -11.86 0.18
N ASN D 7 -13.17 -12.16 -0.43
CA ASN D 7 -11.96 -11.33 -0.26
C ASN D 7 -11.86 -10.36 -1.42
N ASP D 8 -12.04 -9.10 -1.10
CA ASP D 8 -11.87 -8.05 -2.08
C ASP D 8 -10.54 -7.29 -1.76
N PRO D 9 -9.74 -6.97 -2.78
CA PRO D 9 -8.48 -6.24 -2.51
C PRO D 9 -8.68 -4.84 -1.95
N ILE D 10 -9.81 -4.23 -2.21
CA ILE D 10 -10.01 -2.90 -1.73
C ILE D 10 -10.48 -2.90 -0.30
N HIS D 11 -11.53 -3.69 -0.02
CA HIS D 11 -12.18 -3.67 1.24
C HIS D 11 -11.79 -4.79 2.19
N GLY D 12 -11.09 -5.82 1.76
CA GLY D 12 -10.77 -6.92 2.63
C GLY D 12 -11.87 -8.00 2.54
N HIS D 13 -12.02 -8.74 3.63
CA HIS D 13 -13.06 -9.76 3.84
C HIS D 13 -14.41 -9.14 4.16
N ILE D 14 -15.34 -9.32 3.21
CA ILE D 14 -16.67 -8.73 3.12
C ILE D 14 -17.58 -9.91 3.48
N GLU D 15 -18.58 -9.68 4.33
CA GLU D 15 -19.59 -10.70 4.66
C GLU D 15 -20.85 -10.48 3.88
N LEU D 16 -21.38 -11.51 3.24
CA LEU D 16 -22.65 -11.36 2.49
C LEU D 16 -23.74 -12.21 3.08
N HIS D 17 -24.79 -11.55 3.54
CA HIS D 17 -26.01 -12.25 3.91
C HIS D 17 -26.47 -13.16 2.76
N PRO D 18 -27.03 -14.35 3.10
CA PRO D 18 -27.49 -15.26 2.04
C PRO D 18 -28.54 -14.73 1.08
N LEU D 19 -29.27 -13.69 1.44
CA LEU D 19 -30.26 -13.12 0.53
C LEU D 19 -29.48 -12.42 -0.58
N LEU D 20 -28.40 -11.71 -0.18
CA LEU D 20 -27.47 -11.04 -1.12
C LEU D 20 -26.87 -12.02 -2.11
N VAL D 21 -26.44 -13.16 -1.57
CA VAL D 21 -25.82 -14.24 -2.34
C VAL D 21 -26.77 -14.74 -3.41
N ARG D 22 -28.07 -14.87 -3.09
CA ARG D 22 -29.06 -15.31 -4.08
C ARG D 22 -29.27 -14.25 -5.15
N ILE D 23 -29.22 -12.97 -4.80
CA ILE D 23 -29.33 -11.95 -5.85
C ILE D 23 -28.11 -12.00 -6.80
N ILE D 24 -26.94 -12.13 -6.21
CA ILE D 24 -25.69 -12.14 -6.90
C ILE D 24 -25.55 -13.35 -7.85
N ASP D 25 -26.06 -14.49 -7.44
CA ASP D 25 -25.91 -15.70 -8.20
C ASP D 25 -27.03 -15.87 -9.23
N THR D 26 -27.16 -14.87 -10.07
CA THR D 26 -28.09 -14.86 -11.16
C THR D 26 -27.41 -14.38 -12.46
N PRO D 27 -27.95 -14.77 -13.62
CA PRO D 27 -27.41 -14.30 -14.91
C PRO D 27 -27.40 -12.81 -15.03
N GLN D 28 -28.42 -12.19 -14.48
CA GLN D 28 -28.54 -10.74 -14.53
C GLN D 28 -27.49 -9.93 -13.76
N PHE D 29 -26.97 -10.51 -12.68
CA PHE D 29 -25.94 -9.87 -11.89
C PHE D 29 -24.58 -10.35 -12.32
N GLN D 30 -24.46 -11.61 -12.70
CA GLN D 30 -23.17 -12.11 -13.05
C GLN D 30 -22.69 -11.51 -14.39
N ARG D 31 -23.59 -10.99 -15.22
CA ARG D 31 -23.20 -10.30 -16.47
C ARG D 31 -22.27 -9.14 -16.20
N LEU D 32 -22.31 -8.55 -15.00
CA LEU D 32 -21.48 -7.46 -14.70
C LEU D 32 -20.01 -7.84 -14.66
N ARG D 33 -19.67 -9.14 -14.56
CA ARG D 33 -18.32 -9.61 -14.76
C ARG D 33 -17.71 -9.30 -16.18
N TYR D 34 -18.57 -9.07 -17.15
CA TYR D 34 -18.13 -8.92 -18.52
C TYR D 34 -18.37 -7.48 -19.00
N ILE D 35 -18.27 -6.50 -18.12
CA ILE D 35 -18.41 -5.13 -18.49
C ILE D 35 -17.37 -4.36 -17.73
N LYS D 36 -16.36 -3.82 -18.43
CA LYS D 36 -15.29 -3.04 -17.79
C LYS D 36 -15.82 -1.74 -17.19
N GLN D 37 -15.42 -1.48 -15.97
CA GLN D 37 -15.74 -0.28 -15.24
C GLN D 37 -15.40 0.99 -16.02
N LEU D 38 -14.20 1.06 -16.59
CA LEU D 38 -13.69 2.28 -17.21
C LEU D 38 -13.70 2.27 -18.78
N GLY D 39 -14.37 1.26 -19.34
CA GLY D 39 -14.57 1.13 -20.78
C GLY D 39 -13.23 1.07 -21.47
N GLY D 40 -12.97 2.06 -22.33
CA GLY D 40 -11.77 2.14 -23.10
C GLY D 40 -10.57 2.62 -22.30
N GLY D 41 -10.78 3.01 -21.06
CA GLY D 41 -9.69 3.29 -20.11
C GLY D 41 -8.67 2.17 -20.01
N TYR D 42 -9.10 0.90 -20.07
CA TYR D 42 -8.14 -0.24 -20.03
C TYR D 42 -7.11 -0.21 -21.19
N TYR D 43 -7.48 0.42 -22.31
CA TYR D 43 -6.62 0.56 -23.46
C TYR D 43 -5.60 1.69 -23.28
N VAL D 44 -5.62 2.40 -22.15
CA VAL D 44 -4.64 3.42 -21.80
C VAL D 44 -3.94 3.11 -20.48
N PHE D 45 -4.70 2.55 -19.53
CA PHE D 45 -4.17 2.21 -18.23
C PHE D 45 -4.29 0.73 -18.15
N PRO D 46 -3.17 0.00 -18.27
CA PRO D 46 -3.34 -1.46 -18.37
C PRO D 46 -3.69 -2.19 -17.08
N GLY D 47 -3.60 -1.46 -15.97
CA GLY D 47 -4.14 -1.98 -14.74
C GLY D 47 -5.64 -2.01 -14.59
N ALA D 48 -6.38 -1.22 -15.38
CA ALA D 48 -7.82 -1.03 -15.22
C ALA D 48 -8.62 -2.09 -15.97
N SER D 49 -8.37 -3.31 -15.56
CA SER D 49 -9.03 -4.50 -16.11
C SER D 49 -10.32 -4.81 -15.31
N HIS D 50 -10.56 -4.07 -14.22
CA HIS D 50 -11.70 -4.29 -13.38
C HIS D 50 -13.08 -4.02 -14.04
N ASN D 51 -14.03 -4.85 -13.64
CA ASN D 51 -15.35 -4.88 -14.21
C ASN D 51 -16.38 -4.37 -13.18
N ARG D 52 -17.58 -4.08 -13.65
CA ARG D 52 -18.70 -3.57 -12.82
C ARG D 52 -19.12 -4.53 -11.71
N PHE D 53 -18.95 -5.82 -11.92
CA PHE D 53 -19.25 -6.82 -10.89
C PHE D 53 -18.64 -6.50 -9.48
N GLU D 54 -17.33 -6.33 -9.42
CA GLU D 54 -16.62 -6.19 -8.15
C GLU D 54 -16.84 -4.80 -7.58
N HIS D 55 -16.99 -3.79 -8.43
CA HIS D 55 -17.42 -2.50 -7.96
C HIS D 55 -18.77 -2.60 -7.25
N SER D 56 -19.71 -3.35 -7.86
CA SER D 56 -21.07 -3.55 -7.29
C SER D 56 -21.00 -4.21 -5.90
N LEU D 57 -20.14 -5.23 -5.75
CA LEU D 57 -19.92 -5.83 -4.42
C LEU D 57 -19.48 -4.82 -3.41
N GLY D 58 -18.57 -3.93 -3.79
CA GLY D 58 -17.99 -3.00 -2.83
C GLY D 58 -18.97 -1.89 -2.49
N VAL D 59 -19.82 -1.48 -3.44
CA VAL D 59 -20.85 -0.47 -3.14
C VAL D 59 -21.85 -1.09 -2.19
N GLY D 60 -22.15 -2.38 -2.38
CA GLY D 60 -22.98 -3.10 -1.46
C GLY D 60 -22.41 -3.20 -0.06
N TYR D 61 -21.15 -3.59 0.05
CA TYR D 61 -20.47 -3.59 1.30
C TYR D 61 -20.50 -2.21 1.90
N LEU D 62 -20.05 -1.18 1.20
CA LEU D 62 -20.01 0.16 1.81
C LEU D 62 -21.40 0.73 2.24
N ALA D 63 -22.45 0.39 1.51
CA ALA D 63 -23.79 0.86 1.91
C ALA D 63 -24.17 0.27 3.23
N GLY D 64 -23.83 -1.00 3.40
CA GLY D 64 -23.94 -1.71 4.63
C GLY D 64 -23.11 -1.14 5.76
N CYS D 65 -21.83 -0.83 5.51
CA CYS D 65 -21.01 -0.19 6.54
C CYS D 65 -21.62 1.12 7.02
N LEU D 66 -22.10 1.98 6.11
CA LEU D 66 -22.63 3.28 6.54
C LEU D 66 -23.96 3.16 7.36
N VAL D 67 -24.87 2.31 6.94
CA VAL D 67 -26.13 2.16 7.65
C VAL D 67 -25.88 1.54 9.01
N HIS D 68 -25.02 0.52 9.07
CA HIS D 68 -24.65 -0.10 10.33
C HIS D 68 -24.05 0.86 11.29
N ALA D 69 -23.11 1.66 10.83
CA ALA D 69 -22.40 2.54 11.74
C ALA D 69 -23.40 3.58 12.31
N LEU D 70 -24.33 4.08 11.47
CA LEU D 70 -25.34 5.02 11.91
C LEU D 70 -26.23 4.41 12.99
N GLY D 71 -26.62 3.15 12.79
CA GLY D 71 -27.43 2.36 13.73
C GLY D 71 -26.78 2.13 15.08
N GLU D 72 -25.50 1.76 15.11
CA GLU D 72 -24.76 1.54 16.33
C GLU D 72 -24.56 2.83 17.15
N LYS D 73 -24.23 3.92 16.48
CA LYS D 73 -24.04 5.19 17.13
C LYS D 73 -25.36 5.79 17.58
N GLN D 74 -26.42 5.66 16.77
CA GLN D 74 -27.74 6.27 17.04
C GLN D 74 -28.93 5.27 17.02
N PRO D 75 -29.09 4.48 18.12
CA PRO D 75 -30.18 3.45 18.13
C PRO D 75 -31.58 4.02 18.01
N GLU D 76 -31.70 5.30 18.37
CA GLU D 76 -32.93 6.06 18.27
C GLU D 76 -33.43 6.28 16.85
N LEU D 77 -32.62 5.96 15.83
CA LEU D 77 -33.09 5.98 14.46
C LEU D 77 -33.93 4.79 14.09
N GLN D 78 -33.92 3.72 14.89
CA GLN D 78 -34.77 2.51 14.61
C GLN D 78 -34.41 1.83 13.30
N ILE D 79 -33.13 1.85 12.96
CA ILE D 79 -32.69 1.15 11.74
C ILE D 79 -32.83 -0.36 12.00
N SER D 80 -33.67 -1.05 11.24
CA SER D 80 -33.86 -2.49 11.40
C SER D 80 -32.93 -3.33 10.47
N GLU D 81 -32.75 -4.62 10.79
CA GLU D 81 -32.07 -5.56 9.91
C GLU D 81 -32.65 -5.46 8.46
N ARG D 82 -33.97 -5.39 8.35
CA ARG D 82 -34.65 -5.21 7.09
C ARG D 82 -34.20 -3.96 6.28
N ASP D 83 -34.05 -2.82 6.95
CA ASP D 83 -33.51 -1.60 6.33
C ASP D 83 -32.07 -1.84 5.83
N VAL D 84 -31.26 -2.54 6.63
CA VAL D 84 -29.84 -2.78 6.31
C VAL D 84 -29.75 -3.63 5.03
N LEU D 85 -30.57 -4.67 4.93
CA LEU D 85 -30.62 -5.49 3.76
C LEU D 85 -31.10 -4.80 2.51
N CYS D 86 -32.17 -3.98 2.60
CA CYS D 86 -32.64 -3.23 1.44
C CYS D 86 -31.61 -2.20 0.95
N VAL D 87 -30.87 -1.59 1.87
CA VAL D 87 -29.80 -0.65 1.51
C VAL D 87 -28.61 -1.40 0.87
N GLN D 88 -28.23 -2.55 1.40
CA GLN D 88 -27.18 -3.36 0.76
C GLN D 88 -27.61 -3.81 -0.62
N ILE D 89 -28.89 -4.16 -0.83
CA ILE D 89 -29.33 -4.62 -2.17
C ILE D 89 -29.31 -3.47 -3.17
N ALA D 90 -29.74 -2.30 -2.74
CA ALA D 90 -29.73 -1.15 -3.60
C ALA D 90 -28.28 -0.86 -4.04
N GLY D 91 -27.37 -0.87 -3.07
CA GLY D 91 -25.96 -0.70 -3.31
C GLY D 91 -25.38 -1.66 -4.32
N LEU D 92 -25.72 -2.92 -4.13
CA LEU D 92 -25.36 -4.04 -5.02
C LEU D 92 -25.92 -3.90 -6.41
N CYS D 93 -27.13 -3.38 -6.53
CA CYS D 93 -27.86 -3.40 -7.78
C CYS D 93 -27.90 -2.12 -8.53
N ARG D 94 -27.27 -1.04 -8.03
CA ARG D 94 -27.32 0.22 -8.79
C ARG D 94 -26.52 0.26 -10.09
N ASN D 95 -25.61 -0.68 -10.27
CA ASN D 95 -24.87 -0.82 -11.53
C ASN D 95 -25.43 -1.86 -12.56
N LEU D 96 -26.59 -2.44 -12.33
CA LEU D 96 -27.08 -3.55 -13.16
C LEU D 96 -27.43 -3.14 -14.56
N GLY D 97 -27.81 -1.89 -14.73
CA GLY D 97 -28.13 -1.34 -16.06
C GLY D 97 -27.02 -0.86 -16.98
N HIS D 98 -25.77 -0.91 -16.54
CA HIS D 98 -24.66 -0.57 -17.42
C HIS D 98 -24.60 -1.51 -18.63
N GLY D 99 -24.20 -0.91 -19.75
CA GLY D 99 -24.05 -1.64 -21.02
C GLY D 99 -22.60 -1.80 -21.32
N PRO D 100 -22.27 -2.47 -22.45
CA PRO D 100 -20.88 -2.66 -22.91
C PRO D 100 -20.02 -1.41 -22.72
N PHE D 101 -18.87 -1.59 -22.09
CA PHE D 101 -17.91 -0.49 -21.85
C PHE D 101 -18.45 0.69 -21.03
N SER D 102 -19.44 0.39 -20.20
CA SER D 102 -20.02 1.29 -19.23
C SER D 102 -20.48 2.60 -19.86
N HIS D 103 -19.75 3.68 -19.59
CA HIS D 103 -20.19 5.05 -19.95
C HIS D 103 -20.11 5.29 -21.43
N MET D 104 -19.33 4.48 -22.12
CA MET D 104 -19.41 4.47 -23.56
C MET D 104 -20.83 4.16 -24.06
N PHE D 105 -21.49 3.17 -23.51
CA PHE D 105 -22.79 2.76 -23.97
C PHE D 105 -23.88 3.82 -23.76
N ASP D 106 -24.07 4.29 -22.55
CA ASP D 106 -25.13 5.29 -22.32
C ASP D 106 -24.66 6.71 -22.52
N GLY D 107 -23.35 6.94 -22.57
CA GLY D 107 -22.83 8.28 -22.88
C GLY D 107 -22.67 8.53 -24.36
N ARG D 108 -22.22 7.57 -25.12
CA ARG D 108 -21.96 7.80 -26.55
C ARG D 108 -22.86 6.99 -27.44
N PHE D 109 -22.93 5.68 -27.29
CA PHE D 109 -23.62 4.87 -28.29
C PHE D 109 -25.20 5.06 -28.36
N ILE D 110 -25.91 4.92 -27.24
CA ILE D 110 -27.34 5.12 -27.26
C ILE D 110 -27.81 6.56 -27.69
N PRO D 111 -27.16 7.62 -27.18
CA PRO D 111 -27.54 8.95 -27.64
C PRO D 111 -27.43 9.16 -29.21
N LEU D 112 -26.48 8.51 -29.88
CA LEU D 112 -26.32 8.53 -31.35
C LEU D 112 -27.21 7.55 -32.09
N ALA D 113 -27.38 6.33 -31.58
CA ALA D 113 -28.21 5.32 -32.22
C ALA D 113 -29.72 5.49 -31.97
N ARG D 114 -30.08 5.99 -30.79
CA ARG D 114 -31.46 6.15 -30.36
C ARG D 114 -31.62 7.56 -29.76
N PRO D 115 -31.42 8.62 -30.56
CA PRO D 115 -31.61 10.00 -30.01
C PRO D 115 -33.06 10.29 -29.55
N GLU D 116 -34.04 9.63 -30.20
CA GLU D 116 -35.46 9.67 -29.80
C GLU D 116 -35.77 9.37 -28.34
N VAL D 117 -35.02 8.46 -27.72
CA VAL D 117 -35.33 7.94 -26.38
C VAL D 117 -34.45 8.58 -25.31
N LYS D 118 -34.95 8.59 -24.08
CA LYS D 118 -34.20 9.09 -22.95
C LYS D 118 -33.89 7.85 -22.15
N TRP D 119 -32.60 7.60 -21.96
CA TRP D 119 -32.14 6.35 -21.40
C TRP D 119 -30.91 6.64 -20.57
N THR D 120 -30.87 6.03 -19.40
CA THR D 120 -29.76 6.16 -18.49
C THR D 120 -29.50 4.79 -17.92
N HIS D 121 -28.30 4.56 -17.44
CA HIS D 121 -28.01 3.32 -16.74
C HIS D 121 -28.88 3.14 -15.47
N GLU D 122 -29.28 4.23 -14.80
CA GLU D 122 -30.16 4.15 -13.61
C GLU D 122 -31.51 3.48 -13.98
N GLN D 123 -32.19 4.01 -15.00
CA GLN D 123 -33.41 3.38 -15.50
C GLN D 123 -33.18 1.92 -15.78
N GLY D 124 -32.08 1.61 -16.43
CA GLY D 124 -31.77 0.24 -16.77
C GLY D 124 -31.49 -0.64 -15.57
N SER D 125 -30.89 -0.07 -14.51
CA SER D 125 -30.66 -0.82 -13.26
C SER D 125 -32.01 -1.24 -12.60
N VAL D 126 -33.01 -0.35 -12.68
CA VAL D 126 -34.38 -0.61 -12.19
C VAL D 126 -35.12 -1.70 -13.02
N MET D 127 -35.06 -1.59 -14.33
CA MET D 127 -35.64 -2.59 -15.22
C MET D 127 -34.89 -3.92 -15.11
N MET D 128 -33.56 -3.87 -15.09
CA MET D 128 -32.81 -5.10 -14.87
C MET D 128 -33.07 -5.67 -13.48
N PHE D 129 -33.21 -4.83 -12.45
CA PHE D 129 -33.48 -5.41 -11.12
C PHE D 129 -34.86 -6.15 -11.06
N GLU D 130 -35.90 -5.55 -11.62
CA GLU D 130 -37.22 -6.19 -11.82
C GLU D 130 -37.12 -7.58 -12.48
N HIS D 131 -36.40 -7.67 -13.59
CA HIS D 131 -36.21 -8.92 -14.31
C HIS D 131 -35.47 -9.91 -13.41
N LEU D 132 -34.47 -9.44 -12.68
CA LEU D 132 -33.69 -10.32 -11.80
C LEU D 132 -34.57 -11.02 -10.76
N ILE D 133 -35.40 -10.21 -10.12
CA ILE D 133 -36.32 -10.65 -9.09
C ILE D 133 -37.31 -11.66 -9.62
N ASN D 134 -37.99 -11.31 -10.69
CA ASN D 134 -39.05 -12.13 -11.29
C ASN D 134 -38.54 -13.40 -11.98
N SER D 135 -37.43 -13.29 -12.70
CA SER D 135 -36.86 -14.45 -13.38
C SER D 135 -36.28 -15.46 -12.43
N ASN D 136 -35.92 -15.05 -11.22
CA ASN D 136 -35.18 -15.95 -10.29
C ASN D 136 -35.88 -16.32 -8.96
N GLY D 137 -37.16 -16.00 -8.82
CA GLY D 137 -37.88 -16.37 -7.63
C GLY D 137 -37.34 -15.74 -6.36
N ILE D 138 -36.89 -14.49 -6.44
CA ILE D 138 -36.29 -13.80 -5.30
C ILE D 138 -37.37 -13.33 -4.30
N LYS D 139 -38.58 -12.99 -4.75
CA LYS D 139 -39.65 -12.51 -3.80
C LYS D 139 -39.92 -13.45 -2.58
N PRO D 140 -40.09 -14.75 -2.82
CA PRO D 140 -40.21 -15.66 -1.67
C PRO D 140 -38.96 -15.77 -0.79
N VAL D 141 -37.75 -15.73 -1.36
CA VAL D 141 -36.53 -15.64 -0.51
C VAL D 141 -36.54 -14.37 0.31
N MET D 142 -37.01 -13.27 -0.26
CA MET D 142 -37.06 -12.03 0.51
C MET D 142 -37.99 -12.18 1.73
N GLU D 143 -39.17 -12.76 1.49
CA GLU D 143 -40.17 -12.95 2.58
C GLU D 143 -39.58 -13.78 3.72
N GLN D 144 -38.87 -14.81 3.34
CA GLN D 144 -38.15 -15.66 4.25
C GLN D 144 -37.16 -14.93 5.16
N TYR D 145 -36.57 -13.82 4.71
CA TYR D 145 -35.69 -13.04 5.61
C TYR D 145 -36.30 -11.78 6.18
N GLY D 146 -37.61 -11.66 6.12
CA GLY D 146 -38.31 -10.61 6.85
C GLY D 146 -38.54 -9.41 6.00
N LEU D 147 -38.26 -9.52 4.71
CA LEU D 147 -38.51 -8.39 3.83
C LEU D 147 -39.97 -8.46 3.40
N ILE D 148 -40.52 -7.33 3.00
CA ILE D 148 -41.88 -7.31 2.43
C ILE D 148 -41.76 -6.76 1.01
N PRO D 149 -41.80 -7.62 -0.02
CA PRO D 149 -41.58 -7.24 -1.43
C PRO D 149 -42.35 -6.03 -1.96
N GLU D 150 -43.60 -5.86 -1.57
CA GLU D 150 -44.40 -4.77 -2.09
C GLU D 150 -43.70 -3.45 -1.71
N GLU D 151 -43.50 -3.25 -0.41
CA GLU D 151 -42.75 -2.08 0.12
C GLU D 151 -41.23 -2.04 -0.22
N ASP D 152 -40.55 -3.16 -0.03
CA ASP D 152 -39.10 -3.20 -0.09
C ASP D 152 -38.50 -3.17 -1.53
N ILE D 153 -39.23 -3.68 -2.53
CA ILE D 153 -38.85 -3.57 -3.93
C ILE D 153 -38.98 -2.12 -4.35
N CYS D 154 -40.07 -1.47 -3.97
CA CYS D 154 -40.23 -0.06 -4.21
C CYS D 154 -39.11 0.76 -3.55
N PHE D 155 -38.79 0.50 -2.29
CA PHE D 155 -37.71 1.20 -1.61
C PHE D 155 -36.34 1.04 -2.32
N ILE D 156 -35.98 -0.20 -2.64
CA ILE D 156 -34.77 -0.45 -3.39
C ILE D 156 -34.73 0.34 -4.72
N LYS D 157 -35.77 0.25 -5.51
CA LYS D 157 -35.85 0.98 -6.77
C LYS D 157 -35.70 2.45 -6.55
N GLU D 158 -36.39 2.99 -5.53
CA GLU D 158 -36.30 4.41 -5.25
C GLU D 158 -34.90 4.86 -4.86
N GLN D 159 -34.18 4.00 -4.14
CA GLN D 159 -32.78 4.27 -3.81
C GLN D 159 -31.84 4.46 -5.05
N ILE D 160 -32.18 3.82 -6.16
CA ILE D 160 -31.41 3.86 -7.39
C ILE D 160 -31.81 5.02 -8.32
N VAL D 161 -33.09 5.18 -8.49
CA VAL D 161 -33.60 6.03 -9.54
C VAL D 161 -34.32 7.26 -8.98
N GLY D 162 -34.52 7.33 -7.67
CA GLY D 162 -35.33 8.38 -7.04
C GLY D 162 -36.81 8.01 -7.03
N PRO D 163 -37.69 8.97 -6.68
CA PRO D 163 -39.17 8.80 -6.70
C PRO D 163 -39.64 8.21 -8.00
N LEU D 164 -40.59 7.28 -7.94
CA LEU D 164 -41.11 6.62 -9.15
C LEU D 164 -42.28 7.39 -9.84
N GLU D 165 -42.91 8.36 -9.14
CA GLU D 165 -43.61 9.51 -9.77
C GLU D 165 -42.87 10.80 -9.35
N LEU D 172 -45.28 17.67 0.50
CA LEU D 172 -45.38 16.33 -0.06
C LEU D 172 -44.03 15.60 0.14
N TRP D 173 -44.05 14.48 0.87
CA TRP D 173 -42.91 13.55 0.93
C TRP D 173 -43.09 12.65 -0.30
N PRO D 174 -42.15 12.69 -1.23
CA PRO D 174 -42.29 11.98 -2.52
C PRO D 174 -42.07 10.45 -2.53
N TYR D 175 -41.63 9.84 -1.43
CA TYR D 175 -41.21 8.44 -1.45
C TYR D 175 -42.29 7.54 -0.87
N LYS D 176 -42.52 6.38 -1.46
CA LYS D 176 -43.39 5.33 -0.91
C LYS D 176 -42.67 4.16 -0.22
N GLY D 177 -41.38 3.99 -0.44
CA GLY D 177 -40.72 2.78 0.06
C GLY D 177 -40.48 2.83 1.56
N ARG D 178 -40.24 4.04 2.06
CA ARG D 178 -40.04 4.26 3.48
C ARG D 178 -40.64 5.60 3.84
N PRO D 179 -41.03 5.76 5.12
CA PRO D 179 -41.58 7.04 5.58
C PRO D 179 -40.46 8.04 5.83
N GLU D 180 -40.81 9.28 6.07
CA GLU D 180 -39.79 10.32 6.25
C GLU D 180 -39.01 10.26 7.53
N ASN D 181 -39.39 9.43 8.51
CA ASN D 181 -38.46 9.20 9.65
C ASN D 181 -37.16 8.44 9.21
N LYS D 182 -37.20 7.78 8.06
CA LYS D 182 -36.09 7.00 7.51
C LYS D 182 -35.47 7.68 6.25
N SER D 183 -35.74 8.96 6.13
CA SER D 183 -35.26 9.84 5.09
C SER D 183 -33.76 9.73 4.76
N PHE D 184 -32.98 9.73 5.81
CA PHE D 184 -31.54 9.55 5.72
C PHE D 184 -31.11 8.28 4.99
N LEU D 185 -31.94 7.22 4.94
CA LEU D 185 -31.53 6.00 4.22
C LEU D 185 -31.48 6.20 2.71
N TYR D 186 -32.27 7.14 2.18
CA TYR D 186 -32.10 7.55 0.77
C TYR D 186 -30.81 8.30 0.40
N GLU D 187 -29.95 8.60 1.37
CA GLU D 187 -28.75 9.36 1.12
C GLU D 187 -27.47 8.46 1.02
N ILE D 188 -27.64 7.14 1.04
CA ILE D 188 -26.52 6.21 1.12
C ILE D 188 -25.99 5.74 -0.26
N VAL D 189 -26.88 5.24 -1.10
CA VAL D 189 -26.53 4.51 -2.32
C VAL D 189 -26.39 5.46 -3.48
N SER D 190 -27.28 6.41 -3.55
CA SER D 190 -27.26 7.35 -4.62
C SER D 190 -27.92 8.66 -4.18
N ASN D 191 -27.10 9.61 -3.74
CA ASN D 191 -27.55 10.82 -3.06
C ASN D 191 -27.80 11.93 -4.07
N LYS D 192 -29.06 12.18 -4.37
CA LYS D 192 -29.52 13.17 -5.38
C LYS D 192 -29.40 14.64 -4.90
N ARG D 193 -29.34 14.84 -3.58
CA ARG D 193 -29.17 16.16 -2.99
C ARG D 193 -27.77 16.77 -3.26
N ASN D 194 -26.72 15.98 -3.02
CA ASN D 194 -25.36 16.45 -3.14
C ASN D 194 -24.33 15.45 -3.65
N GLY D 195 -24.69 14.23 -4.01
CA GLY D 195 -23.72 13.30 -4.62
C GLY D 195 -22.70 12.66 -3.66
N ILE D 196 -22.85 12.82 -2.35
CA ILE D 196 -21.98 12.19 -1.39
C ILE D 196 -22.59 10.82 -1.01
N ASP D 197 -22.14 9.79 -1.69
CA ASP D 197 -22.67 8.45 -1.51
C ASP D 197 -21.55 7.42 -1.65
N VAL D 198 -21.92 6.17 -1.38
CA VAL D 198 -20.98 5.10 -1.32
C VAL D 198 -20.52 4.61 -2.68
N ASP D 199 -21.23 4.93 -3.73
CA ASP D 199 -20.82 4.52 -5.08
C ASP D 199 -19.47 5.20 -5.39
N LYS D 200 -19.43 6.50 -5.16
CA LYS D 200 -18.16 7.24 -5.25
C LYS D 200 -17.03 6.70 -4.43
N TRP D 201 -17.29 6.40 -3.16
CA TRP D 201 -16.23 5.93 -2.28
C TRP D 201 -15.63 4.63 -2.81
N ASP D 202 -16.45 3.73 -3.34
CA ASP D 202 -15.89 2.49 -3.82
C ASP D 202 -15.06 2.77 -5.07
N TYR D 203 -15.60 3.59 -6.00
CA TYR D 203 -14.88 3.82 -7.21
C TYR D 203 -13.59 4.60 -7.03
N PHE D 204 -13.54 5.58 -6.09
CA PHE D 204 -12.31 6.25 -5.82
C PHE D 204 -11.20 5.29 -5.43
N ALA D 205 -11.48 4.44 -4.45
CA ALA D 205 -10.49 3.48 -3.97
C ALA D 205 -10.18 2.39 -4.97
N ARG D 206 -11.21 1.88 -5.64
CA ARG D 206 -11.02 0.80 -6.63
C ARG D 206 -10.31 1.24 -7.91
N ASP D 207 -10.77 2.35 -8.50
CA ASP D 207 -10.20 2.84 -9.71
C ASP D 207 -8.75 3.20 -9.41
N CYS D 208 -8.48 3.83 -8.28
CA CYS D 208 -7.12 4.27 -7.99
C CYS D 208 -6.16 3.13 -7.88
N HIS D 209 -6.63 2.07 -7.25
CA HIS D 209 -5.84 0.88 -7.02
C HIS D 209 -5.41 0.19 -8.29
N HIS D 210 -6.29 0.21 -9.28
CA HIS D 210 -6.03 -0.37 -10.59
C HIS D 210 -5.38 0.55 -11.61
N LEU D 211 -5.63 1.85 -11.53
CA LEU D 211 -5.10 2.81 -12.43
C LEU D 211 -3.61 3.10 -12.13
N GLY D 212 -3.16 2.90 -10.88
CA GLY D 212 -1.81 3.35 -10.50
C GLY D 212 -1.75 4.85 -10.16
N ILE D 213 -2.82 5.39 -9.60
CA ILE D 213 -2.96 6.76 -9.10
C ILE D 213 -3.42 6.59 -7.67
N GLN D 214 -2.94 7.39 -6.75
CA GLN D 214 -3.30 7.21 -5.35
C GLN D 214 -4.48 8.13 -5.00
N ASN D 215 -5.36 7.55 -4.18
CA ASN D 215 -6.60 8.17 -3.69
C ASN D 215 -6.33 9.08 -2.45
N ASN D 216 -6.85 10.28 -2.49
CA ASN D 216 -6.71 11.27 -1.42
C ASN D 216 -7.83 11.18 -0.35
N PHE D 217 -8.95 10.53 -0.66
CA PHE D 217 -10.17 10.63 0.16
C PHE D 217 -10.27 9.50 1.18
N ASP D 218 -10.52 9.84 2.45
CA ASP D 218 -10.73 8.83 3.53
C ASP D 218 -12.22 8.66 3.87
N TYR D 219 -12.82 7.62 3.27
CA TYR D 219 -14.25 7.32 3.42
C TYR D 219 -14.48 6.79 4.82
N LYS D 220 -13.53 6.06 5.37
CA LYS D 220 -13.70 5.56 6.74
C LYS D 220 -13.77 6.65 7.77
N ARG D 221 -13.01 7.71 7.55
CA ARG D 221 -12.99 8.79 8.45
C ARG D 221 -14.34 9.43 8.34
N PHE D 222 -14.84 9.63 7.12
CA PHE D 222 -16.16 10.22 6.93
C PHE D 222 -17.27 9.43 7.67
N ILE D 223 -17.26 8.11 7.55
CA ILE D 223 -18.23 7.25 8.22
C ILE D 223 -18.18 7.42 9.71
N LYS D 224 -16.97 7.49 10.28
CA LYS D 224 -16.78 7.72 11.72
C LYS D 224 -17.40 9.04 12.22
N PHE D 225 -17.29 10.11 11.43
CA PHE D 225 -17.80 11.42 11.82
C PHE D 225 -19.26 11.66 11.38
N ALA D 226 -19.91 10.70 10.76
CA ALA D 226 -21.27 10.90 10.20
C ALA D 226 -22.29 10.79 11.30
N ARG D 227 -23.32 11.63 11.26
CA ARG D 227 -24.47 11.55 12.19
C ARG D 227 -25.76 11.88 11.51
N VAL D 228 -26.87 11.34 12.00
CA VAL D 228 -28.18 11.81 11.55
C VAL D 228 -28.70 12.91 12.45
N CYS D 229 -29.08 14.03 11.84
CA CYS D 229 -29.77 15.19 12.47
C CYS D 229 -31.00 15.63 11.68
N GLU D 230 -31.88 16.32 12.37
CA GLU D 230 -33.05 16.95 11.77
C GLU D 230 -32.65 18.26 11.11
N VAL D 231 -33.10 18.44 9.88
CA VAL D 231 -32.80 19.60 9.05
C VAL D 231 -34.11 19.82 8.34
N ASP D 232 -34.80 20.94 8.59
CA ASP D 232 -36.08 21.25 7.89
C ASP D 232 -37.11 20.12 7.98
N ASN D 233 -37.39 19.66 9.18
CA ASN D 233 -38.39 18.61 9.43
C ASN D 233 -38.13 17.27 8.69
N GLU D 234 -36.86 16.99 8.45
CA GLU D 234 -36.46 15.75 7.80
C GLU D 234 -35.15 15.31 8.42
N LEU D 235 -35.02 14.01 8.68
CA LEU D 235 -33.75 13.43 9.13
C LEU D 235 -32.78 13.27 7.97
N ARG D 236 -31.56 13.75 8.17
CA ARG D 236 -30.50 13.69 7.15
C ARG D 236 -29.15 13.36 7.79
N ILE D 237 -28.31 12.71 6.98
CA ILE D 237 -26.95 12.43 7.36
C ILE D 237 -26.21 13.74 7.37
N CYS D 238 -25.55 14.05 8.47
CA CYS D 238 -24.74 15.21 8.63
C CYS D 238 -23.30 14.87 8.92
N ALA D 239 -22.43 15.77 8.50
CA ALA D 239 -20.96 15.68 8.74
C ALA D 239 -20.48 16.60 9.84
N ARG D 240 -19.34 16.27 10.40
CA ARG D 240 -18.74 17.14 11.37
C ARG D 240 -18.22 18.40 10.73
N ASP D 241 -18.47 19.57 11.34
CA ASP D 241 -18.09 20.86 10.79
C ASP D 241 -16.66 20.92 10.26
N LYS D 242 -15.71 20.38 11.02
CA LYS D 242 -14.30 20.53 10.67
C LYS D 242 -13.87 19.62 9.51
N GLU D 243 -14.67 18.59 9.22
CA GLU D 243 -14.52 17.81 8.03
C GLU D 243 -14.95 18.48 6.72
N VAL D 244 -15.45 19.70 6.70
CA VAL D 244 -15.94 20.34 5.45
C VAL D 244 -14.85 20.47 4.33
N GLY D 245 -13.62 20.84 4.69
CA GLY D 245 -12.45 20.81 3.80
C GLY D 245 -12.13 19.48 3.10
N ASN D 246 -12.22 18.36 3.84
CA ASN D 246 -12.25 17.03 3.27
C ASN D 246 -13.35 16.80 2.22
N LEU D 247 -14.47 17.48 2.36
CA LEU D 247 -15.56 17.28 1.38
C LEU D 247 -15.29 18.01 0.10
N TYR D 248 -14.81 19.24 0.18
CA TYR D 248 -14.28 19.94 -0.99
C TYR D 248 -13.17 19.10 -1.63
N ASP D 249 -12.30 18.54 -0.81
CA ASP D 249 -11.30 17.63 -1.36
C ASP D 249 -11.84 16.41 -2.10
N MET D 250 -12.95 15.86 -1.62
CA MET D 250 -13.54 14.71 -2.27
C MET D 250 -13.94 15.08 -3.68
N PHE D 251 -14.53 16.25 -3.85
CA PHE D 251 -14.94 16.66 -5.18
C PHE D 251 -13.78 17.08 -6.08
N HIS D 252 -12.73 17.62 -5.48
CA HIS D 252 -11.49 17.92 -6.16
C HIS D 252 -10.83 16.64 -6.68
N THR D 253 -10.83 15.60 -5.87
CA THR D 253 -10.37 14.29 -6.27
C THR D 253 -11.21 13.72 -7.41
N ARG D 254 -12.52 13.80 -7.31
CA ARG D 254 -13.35 13.32 -8.38
C ARG D 254 -12.96 14.01 -9.71
N ASN D 255 -12.84 15.32 -9.71
CA ASN D 255 -12.49 16.09 -10.92
C ASN D 255 -11.11 15.74 -11.52
N SER D 256 -10.19 15.52 -10.60
CA SER D 256 -8.85 15.17 -10.89
C SER D 256 -8.79 13.80 -11.52
N LEU D 257 -9.64 12.87 -11.09
CA LEU D 257 -9.66 11.51 -11.67
C LEU D 257 -10.30 11.58 -13.03
N HIS D 258 -11.32 12.44 -13.18
CA HIS D 258 -11.84 12.71 -14.49
C HIS D 258 -10.78 13.27 -15.49
N ARG D 259 -9.98 14.23 -15.05
CA ARG D 259 -8.91 14.81 -15.87
C ARG D 259 -7.79 13.86 -16.24
N ARG D 260 -7.34 13.05 -15.31
CA ARG D 260 -6.23 12.18 -15.55
C ARG D 260 -6.63 10.89 -16.24
N ALA D 261 -7.78 10.33 -15.89
CA ALA D 261 -8.14 9.00 -16.33
C ALA D 261 -9.46 8.90 -17.11
N TYR D 262 -10.56 9.30 -16.53
CA TYR D 262 -11.86 8.97 -17.14
C TYR D 262 -12.14 9.70 -18.43
N GLN D 263 -11.60 10.93 -18.55
CA GLN D 263 -11.67 11.70 -19.78
C GLN D 263 -10.33 11.76 -20.52
N HIS D 264 -9.45 10.79 -20.30
CA HIS D 264 -8.14 10.78 -20.94
C HIS D 264 -8.35 10.88 -22.45
N LYS D 265 -7.56 11.71 -23.12
CA LYS D 265 -7.89 12.07 -24.52
C LYS D 265 -7.91 10.83 -25.46
N VAL D 266 -7.05 9.85 -25.19
CA VAL D 266 -7.04 8.61 -25.96
C VAL D 266 -8.05 7.57 -25.50
N GLY D 267 -8.23 7.46 -24.19
CA GLY D 267 -9.29 6.60 -23.66
C GLY D 267 -10.63 6.96 -24.36
N ASN D 268 -10.95 8.26 -24.42
CA ASN D 268 -12.19 8.74 -25.02
C ASN D 268 -12.27 8.47 -26.52
N ILE D 269 -11.13 8.52 -27.22
CA ILE D 269 -11.16 8.37 -28.63
C ILE D 269 -11.31 6.90 -28.93
N ILE D 270 -10.76 6.03 -28.08
CA ILE D 270 -11.03 4.58 -28.20
C ILE D 270 -12.51 4.26 -27.97
N ASP D 271 -13.14 4.87 -26.94
CA ASP D 271 -14.61 4.76 -26.74
C ASP D 271 -15.39 5.18 -28.00
N THR D 272 -14.92 6.27 -28.61
CA THR D 272 -15.55 6.78 -29.82
C THR D 272 -15.41 5.84 -31.00
N MET D 273 -14.24 5.25 -31.15
CA MET D 273 -14.04 4.32 -32.26
C MET D 273 -14.87 3.09 -32.02
N ILE D 274 -14.96 2.65 -30.75
CA ILE D 274 -15.67 1.44 -30.44
C ILE D 274 -17.15 1.73 -30.73
N THR D 275 -17.59 2.91 -30.33
CA THR D 275 -18.91 3.37 -30.61
C THR D 275 -19.23 3.38 -32.13
N ASP D 276 -18.29 3.80 -32.97
CA ASP D 276 -18.55 3.76 -34.43
C ASP D 276 -18.67 2.36 -34.93
N ALA D 277 -17.81 1.47 -34.44
CA ALA D 277 -17.90 0.06 -34.76
C ALA D 277 -19.29 -0.41 -34.46
N PHE D 278 -19.81 -0.08 -33.27
CA PHE D 278 -21.11 -0.63 -32.84
C PHE D 278 -22.21 -0.05 -33.75
N LEU D 279 -22.07 1.20 -34.17
CA LEU D 279 -23.00 1.82 -35.16
C LEU D 279 -23.05 1.13 -36.55
N LYS D 280 -21.92 0.68 -37.03
CA LYS D 280 -21.82 -0.07 -38.28
C LYS D 280 -22.23 -1.53 -38.17
N ALA D 281 -22.20 -2.11 -36.97
CA ALA D 281 -22.64 -3.46 -36.74
C ALA D 281 -24.11 -3.56 -36.38
N ASP D 282 -24.74 -2.45 -36.04
CA ASP D 282 -26.10 -2.46 -35.48
C ASP D 282 -27.14 -3.15 -36.40
N ASP D 283 -26.99 -3.01 -37.71
CA ASP D 283 -27.89 -3.63 -38.67
C ASP D 283 -27.71 -5.15 -38.77
N TYR D 284 -26.56 -5.69 -38.36
CA TYR D 284 -26.23 -7.09 -38.63
C TYR D 284 -26.17 -8.01 -37.39
N ILE D 285 -26.03 -7.46 -36.20
CA ILE D 285 -25.98 -8.31 -35.00
C ILE D 285 -27.40 -8.47 -34.50
N GLU D 286 -27.74 -9.71 -34.16
CA GLU D 286 -29.06 -10.05 -33.65
C GLU D 286 -28.91 -10.73 -32.31
N ILE D 287 -29.69 -10.31 -31.33
CA ILE D 287 -29.62 -10.88 -29.99
C ILE D 287 -31.01 -11.31 -29.62
N THR D 288 -31.12 -12.51 -29.11
CA THR D 288 -32.43 -13.08 -28.83
C THR D 288 -32.92 -12.72 -27.44
N GLY D 289 -34.19 -12.37 -27.38
CA GLY D 289 -34.87 -11.97 -26.18
C GLY D 289 -36.03 -12.90 -25.83
N ALA D 290 -36.97 -12.36 -25.08
CA ALA D 290 -38.11 -13.12 -24.60
C ALA D 290 -39.03 -13.48 -25.77
N GLY D 291 -39.73 -14.61 -25.62
CA GLY D 291 -40.62 -15.12 -26.64
C GLY D 291 -39.90 -15.44 -27.94
N GLY D 292 -38.58 -15.65 -27.87
CA GLY D 292 -37.75 -15.76 -29.07
C GLY D 292 -37.49 -14.53 -29.96
N LYS D 293 -37.99 -13.34 -29.63
CA LYS D 293 -37.83 -12.14 -30.51
C LYS D 293 -36.37 -11.72 -30.63
N LYS D 294 -36.00 -11.22 -31.81
CA LYS D 294 -34.65 -10.76 -32.08
C LYS D 294 -34.53 -9.23 -31.81
N TYR D 295 -33.40 -8.83 -31.28
CA TYR D 295 -33.17 -7.43 -30.95
C TYR D 295 -31.82 -7.05 -31.51
N ARG D 296 -31.57 -5.75 -31.62
CA ARG D 296 -30.25 -5.24 -32.02
C ARG D 296 -29.52 -4.71 -30.81
N ILE D 297 -28.21 -4.45 -31.01
CA ILE D 297 -27.40 -3.74 -30.02
C ILE D 297 -28.12 -2.49 -29.47
N SER D 298 -28.66 -1.67 -30.37
CA SER D 298 -29.44 -0.50 -29.99
C SER D 298 -30.83 -0.75 -29.42
N THR D 299 -31.44 -1.92 -29.64
CA THR D 299 -32.80 -2.19 -29.13
C THR D 299 -32.82 -3.22 -28.01
N ALA D 300 -31.66 -3.80 -27.67
CA ALA D 300 -31.54 -4.71 -26.51
C ALA D 300 -32.00 -4.09 -25.21
N ILE D 301 -31.84 -2.77 -25.06
CA ILE D 301 -32.36 -2.04 -23.91
C ILE D 301 -33.88 -2.06 -23.73
N ASP D 302 -34.65 -2.49 -24.74
CA ASP D 302 -36.12 -2.63 -24.61
C ASP D 302 -36.59 -4.01 -24.10
N ASP D 303 -35.67 -4.97 -23.97
CA ASP D 303 -36.01 -6.30 -23.55
C ASP D 303 -34.87 -6.85 -22.70
N MET D 304 -35.14 -7.01 -21.41
CA MET D 304 -34.12 -7.33 -20.41
C MET D 304 -33.48 -8.70 -20.54
N GLU D 305 -34.20 -9.62 -21.17
CA GLU D 305 -33.65 -10.90 -21.44
C GLU D 305 -32.58 -10.77 -22.51
N ALA D 306 -32.77 -9.86 -23.48
CA ALA D 306 -31.72 -9.61 -24.46
C ALA D 306 -30.59 -8.78 -23.86
N TYR D 307 -30.93 -7.74 -23.14
CA TYR D 307 -29.93 -6.89 -22.53
C TYR D 307 -28.97 -7.65 -21.62
N THR D 308 -29.46 -8.73 -21.02
CA THR D 308 -28.66 -9.65 -20.21
C THR D 308 -27.45 -10.22 -20.95
N LYS D 309 -27.61 -10.47 -22.24
CA LYS D 309 -26.57 -11.00 -23.09
C LYS D 309 -25.73 -9.93 -23.81
N LEU D 310 -25.91 -8.68 -23.49
CA LEU D 310 -25.24 -7.59 -24.19
C LEU D 310 -24.14 -7.06 -23.25
N THR D 311 -22.93 -7.48 -23.50
CA THR D 311 -21.77 -7.14 -22.68
C THR D 311 -20.55 -6.78 -23.56
N ASP D 312 -19.38 -6.59 -22.94
CA ASP D 312 -18.13 -6.36 -23.70
C ASP D 312 -17.87 -7.44 -24.77
N ASN D 313 -18.42 -8.63 -24.62
CA ASN D 313 -18.35 -9.66 -25.67
C ASN D 313 -18.73 -9.21 -27.11
N ILE D 314 -19.67 -8.28 -27.26
CA ILE D 314 -20.01 -7.74 -28.60
C ILE D 314 -18.79 -7.22 -29.38
N PHE D 315 -17.86 -6.58 -28.70
CA PHE D 315 -16.61 -6.11 -29.26
C PHE D 315 -15.86 -7.28 -29.87
N LEU D 316 -15.72 -8.39 -29.19
CA LEU D 316 -14.99 -9.51 -29.81
C LEU D 316 -15.80 -10.28 -30.84
N GLU D 317 -17.13 -10.27 -30.73
CA GLU D 317 -17.99 -10.90 -31.72
C GLU D 317 -17.76 -10.15 -33.05
N ILE D 318 -17.73 -8.82 -33.00
CA ILE D 318 -17.42 -8.02 -34.18
C ILE D 318 -15.99 -8.27 -34.69
N LEU D 319 -15.00 -8.21 -33.79
CA LEU D 319 -13.58 -8.41 -34.18
C LEU D 319 -13.26 -9.78 -34.81
N TYR D 320 -13.85 -10.86 -34.30
CA TYR D 320 -13.64 -12.18 -34.84
C TYR D 320 -14.61 -12.55 -35.94
N SER D 321 -15.49 -11.65 -36.35
CA SER D 321 -16.55 -12.06 -37.30
C SER D 321 -15.98 -12.30 -38.69
N THR D 322 -16.67 -13.12 -39.48
CA THR D 322 -16.28 -13.38 -40.88
C THR D 322 -17.31 -12.81 -41.90
N ASP D 323 -18.54 -12.59 -41.45
CA ASP D 323 -19.60 -12.00 -42.26
C ASP D 323 -19.10 -10.77 -43.00
N PRO D 324 -19.29 -10.75 -44.34
CA PRO D 324 -18.97 -9.58 -45.16
C PRO D 324 -19.69 -8.33 -44.72
N LYS D 325 -20.92 -8.44 -44.26
CA LYS D 325 -21.67 -7.29 -43.79
C LYS D 325 -21.04 -6.58 -42.58
N LEU D 326 -20.25 -7.31 -41.78
CA LEU D 326 -19.58 -6.74 -40.59
C LEU D 326 -18.19 -6.19 -40.87
N LYS D 327 -17.82 -6.14 -42.15
CA LYS D 327 -16.45 -5.83 -42.50
C LYS D 327 -16.12 -4.39 -42.07
N ASP D 328 -17.02 -3.45 -42.29
CA ASP D 328 -16.75 -2.06 -41.91
C ASP D 328 -16.52 -1.91 -40.41
N ALA D 329 -17.34 -2.59 -39.62
CA ALA D 329 -17.29 -2.51 -38.17
C ALA D 329 -16.00 -3.22 -37.68
N ARG D 330 -15.70 -4.34 -38.30
CA ARG D 330 -14.53 -5.14 -38.01
C ARG D 330 -13.25 -4.36 -38.27
N GLU D 331 -13.20 -3.60 -39.36
CA GLU D 331 -12.00 -2.84 -39.68
C GLU D 331 -11.68 -1.73 -38.68
N ILE D 332 -12.72 -1.11 -38.14
CA ILE D 332 -12.52 -0.10 -37.11
C ILE D 332 -11.88 -0.70 -35.86
N LEU D 333 -12.42 -1.84 -35.43
CA LEU D 333 -11.87 -2.50 -34.26
C LEU D 333 -10.44 -2.96 -34.50
N LYS D 334 -10.15 -3.39 -35.72
CA LYS D 334 -8.78 -3.78 -36.08
C LYS D 334 -7.83 -2.55 -36.07
N GLN D 335 -8.29 -1.39 -36.56
CA GLN D 335 -7.55 -0.14 -36.36
C GLN D 335 -7.17 0.05 -34.89
N ILE D 336 -8.05 -0.32 -33.94
CA ILE D 336 -7.72 -0.21 -32.51
C ILE D 336 -6.55 -1.14 -32.13
N GLU D 337 -6.57 -2.37 -32.59
CA GLU D 337 -5.51 -3.35 -32.27
C GLU D 337 -4.14 -2.90 -32.76
N TYR D 338 -4.11 -2.35 -33.97
CA TYR D 338 -2.88 -1.88 -34.55
C TYR D 338 -2.48 -0.52 -34.05
N ARG D 339 -3.30 0.12 -33.22
CA ARG D 339 -3.02 1.47 -32.64
C ARG D 339 -3.01 2.57 -33.72
N ASN D 340 -3.79 2.33 -34.73
CA ASN D 340 -3.99 3.31 -35.76
C ASN D 340 -5.30 4.05 -35.39
N LEU D 341 -5.19 4.98 -34.45
CA LEU D 341 -6.34 5.65 -33.86
C LEU D 341 -6.55 7.01 -34.50
N PHE D 342 -7.77 7.51 -34.40
CA PHE D 342 -8.02 8.91 -34.68
C PHE D 342 -7.06 9.72 -33.85
N LYS D 343 -6.57 10.83 -34.42
CA LYS D 343 -5.48 11.56 -33.85
C LYS D 343 -5.99 12.76 -33.07
N TYR D 344 -5.49 12.91 -31.86
CA TYR D 344 -5.67 14.10 -31.05
C TYR D 344 -5.04 15.37 -31.73
N VAL D 345 -5.80 16.42 -31.79
CA VAL D 345 -5.37 17.64 -32.42
C VAL D 345 -5.10 18.67 -31.31
N GLY D 346 -6.06 18.86 -30.39
CA GLY D 346 -5.90 19.73 -29.21
C GLY D 346 -7.15 19.95 -28.38
N GLU D 347 -7.00 20.80 -27.38
CA GLU D 347 -7.96 21.05 -26.34
C GLU D 347 -8.02 22.56 -26.15
N THR D 348 -9.20 23.05 -25.84
CA THR D 348 -9.42 24.48 -25.65
C THR D 348 -10.65 24.55 -24.76
N GLN D 349 -11.02 25.75 -24.31
CA GLN D 349 -12.28 25.96 -23.55
C GLN D 349 -12.97 27.21 -24.03
N PRO D 350 -14.30 27.31 -23.86
CA PRO D 350 -14.93 28.62 -24.05
C PRO D 350 -14.46 29.61 -22.98
N THR D 351 -14.81 30.88 -23.16
CA THR D 351 -14.25 32.04 -22.44
C THR D 351 -15.42 32.88 -21.97
N GLY D 352 -15.21 33.62 -20.89
CA GLY D 352 -16.29 34.43 -20.26
C GLY D 352 -17.58 33.66 -19.91
N GLN D 353 -18.70 34.20 -20.39
CA GLN D 353 -20.03 33.62 -20.17
C GLN D 353 -20.37 32.52 -21.21
N ILE D 354 -19.52 32.28 -22.21
CA ILE D 354 -19.91 31.44 -23.36
C ILE D 354 -20.10 29.98 -22.92
N LYS D 355 -21.20 29.39 -23.36
CA LYS D 355 -21.54 28.04 -23.00
C LYS D 355 -22.05 27.32 -24.24
N ILE D 356 -21.49 26.14 -24.53
CA ILE D 356 -21.86 25.41 -25.71
C ILE D 356 -23.04 24.51 -25.37
N LYS D 357 -24.09 24.60 -26.18
CA LYS D 357 -25.38 23.94 -25.95
C LYS D 357 -25.35 22.58 -26.59
N ARG D 358 -25.99 21.59 -25.98
CA ARG D 358 -26.01 20.24 -26.55
C ARG D 358 -26.61 20.14 -27.99
N GLU D 359 -27.50 21.05 -28.39
CA GLU D 359 -28.07 21.06 -29.77
C GLU D 359 -27.05 21.47 -30.84
N ASP D 360 -26.01 22.20 -30.41
CA ASP D 360 -24.91 22.66 -31.26
C ASP D 360 -23.78 21.63 -31.51
N TYR D 361 -23.72 20.51 -30.80
CA TYR D 361 -22.51 19.66 -30.86
C TYR D 361 -22.27 19.18 -32.30
N GLU D 362 -23.35 18.68 -32.89
CA GLU D 362 -23.43 18.26 -34.29
C GLU D 362 -22.78 19.21 -35.31
N SER D 363 -22.96 20.52 -35.11
CA SER D 363 -22.48 21.52 -36.05
C SER D 363 -20.97 21.89 -35.92
N LEU D 364 -20.33 21.53 -34.79
CA LEU D 364 -18.94 21.91 -34.46
C LEU D 364 -17.88 21.44 -35.47
N PRO D 365 -17.92 20.17 -35.87
CA PRO D 365 -17.01 19.75 -36.94
C PRO D 365 -17.15 20.60 -38.23
N LYS D 366 -18.37 20.95 -38.64
CA LYS D 366 -18.55 21.94 -39.74
C LYS D 366 -17.86 23.28 -39.46
N GLU D 367 -17.89 23.77 -38.23
CA GLU D 367 -17.27 25.04 -37.95
C GLU D 367 -15.75 24.94 -38.11
N VAL D 368 -15.15 23.87 -37.61
CA VAL D 368 -13.68 23.72 -37.67
C VAL D 368 -13.22 23.63 -39.11
N ALA D 369 -13.91 22.81 -39.90
CA ALA D 369 -13.58 22.66 -41.33
C ALA D 369 -13.78 23.92 -42.16
N SER D 370 -14.70 24.77 -41.73
CA SER D 370 -15.00 26.03 -42.35
C SER D 370 -14.06 27.15 -41.92
N ALA D 371 -13.15 26.92 -40.99
CA ALA D 371 -12.18 27.94 -40.64
C ALA D 371 -11.11 28.15 -41.77
N LYS D 372 -10.49 29.32 -41.80
CA LYS D 372 -9.65 29.71 -42.94
C LYS D 372 -8.31 30.17 -42.41
N PRO D 373 -7.48 29.21 -41.96
CA PRO D 373 -6.20 29.55 -41.45
C PRO D 373 -5.36 30.16 -42.57
N LYS D 374 -4.67 31.27 -42.29
CA LYS D 374 -3.67 31.81 -43.28
C LYS D 374 -2.38 31.00 -43.26
N VAL D 375 -2.44 29.81 -43.85
CA VAL D 375 -1.30 28.91 -43.91
C VAL D 375 -1.44 28.13 -45.20
N LEU D 376 -0.33 27.75 -45.80
CA LEU D 376 -0.39 26.95 -47.01
C LEU D 376 -0.49 25.49 -46.67
N LEU D 377 -1.52 24.84 -47.19
CA LEU D 377 -1.83 23.45 -46.87
C LEU D 377 -1.90 22.56 -48.10
N ASP D 378 -1.26 21.39 -48.02
CA ASP D 378 -1.37 20.35 -49.07
C ASP D 378 -2.77 19.69 -49.12
N VAL D 379 -3.34 19.45 -47.94
CA VAL D 379 -4.61 18.77 -47.80
C VAL D 379 -5.69 19.76 -47.44
N LYS D 380 -6.90 19.57 -48.00
CA LYS D 380 -8.13 20.20 -47.50
C LYS D 380 -8.93 19.11 -46.76
N LEU D 381 -9.47 19.45 -45.59
CA LEU D 381 -10.18 18.51 -44.74
C LEU D 381 -11.61 18.94 -44.73
N LYS D 382 -12.52 17.98 -44.69
CA LYS D 382 -13.98 18.26 -44.62
C LYS D 382 -14.51 18.11 -43.16
N ALA D 383 -15.70 18.64 -42.88
CA ALA D 383 -16.43 18.35 -41.65
C ALA D 383 -16.25 16.91 -41.14
N GLU D 384 -16.55 15.92 -41.95
CA GLU D 384 -16.45 14.50 -41.56
C GLU D 384 -15.08 14.00 -41.09
N ASP D 385 -14.02 14.74 -41.39
CA ASP D 385 -12.68 14.38 -40.94
C ASP D 385 -12.45 14.80 -39.48
N PHE D 386 -13.32 15.62 -38.90
CA PHE D 386 -13.15 16.09 -37.56
C PHE D 386 -14.14 15.51 -36.60
N ILE D 387 -13.62 15.17 -35.40
CA ILE D 387 -14.45 14.90 -34.23
C ILE D 387 -14.20 16.00 -33.22
N VAL D 388 -15.28 16.52 -32.67
CA VAL D 388 -15.25 17.56 -31.67
C VAL D 388 -15.99 17.04 -30.44
N ASP D 389 -15.26 16.82 -29.35
CA ASP D 389 -15.78 16.18 -28.13
C ASP D 389 -15.94 17.26 -27.08
N VAL D 390 -17.18 17.55 -26.68
CA VAL D 390 -17.45 18.53 -25.61
C VAL D 390 -17.68 17.76 -24.33
N ILE D 391 -16.96 18.10 -23.28
CA ILE D 391 -17.00 17.37 -22.03
C ILE D 391 -17.37 18.37 -20.95
N ASN D 392 -18.43 18.10 -20.19
CA ASN D 392 -18.88 18.99 -19.16
C ASN D 392 -18.25 18.48 -17.90
N MET D 393 -17.39 19.29 -17.29
CA MET D 393 -16.67 18.97 -16.04
C MET D 393 -17.29 19.77 -14.90
N ASP D 394 -17.85 19.11 -13.90
CA ASP D 394 -18.35 19.80 -12.72
C ASP D 394 -18.13 19.04 -11.39
N TYR D 395 -18.65 19.61 -10.31
CA TYR D 395 -18.72 18.99 -9.01
C TYR D 395 -20.04 18.23 -8.78
N GLY D 396 -20.61 17.68 -9.85
CA GLY D 396 -21.79 16.83 -9.80
C GLY D 396 -23.14 17.52 -9.90
N MET D 397 -23.20 18.86 -9.87
CA MET D 397 -24.47 19.59 -9.79
C MET D 397 -24.44 20.84 -10.68
N GLN D 398 -23.97 20.66 -11.92
CA GLN D 398 -23.92 21.67 -12.93
C GLN D 398 -23.16 22.82 -12.28
N GLU D 399 -23.71 24.03 -12.24
CA GLU D 399 -22.94 25.18 -11.75
C GLU D 399 -22.89 25.30 -10.22
N LYS D 400 -23.69 24.52 -9.54
CA LYS D 400 -23.81 24.68 -8.09
C LYS D 400 -22.69 23.97 -7.29
N ASN D 401 -22.38 24.57 -6.14
CA ASN D 401 -21.44 24.06 -5.17
C ASN D 401 -22.20 22.98 -4.34
N PRO D 402 -21.79 21.72 -4.45
CA PRO D 402 -22.47 20.68 -3.64
C PRO D 402 -22.38 20.81 -2.11
N ILE D 403 -21.36 21.46 -1.62
CA ILE D 403 -21.17 21.65 -0.18
C ILE D 403 -22.17 22.66 0.43
N ASP D 404 -22.79 23.50 -0.42
CA ASP D 404 -23.99 24.26 -0.05
C ASP D 404 -25.19 23.40 0.25
N HIS D 405 -25.19 22.13 -0.20
CA HIS D 405 -26.27 21.17 0.07
C HIS D 405 -25.90 20.07 1.07
N VAL D 406 -24.93 20.34 1.90
CA VAL D 406 -24.50 19.47 2.97
C VAL D 406 -24.82 20.16 4.30
N SER D 407 -25.18 19.32 5.28
CA SER D 407 -25.52 19.74 6.62
C SER D 407 -24.42 19.22 7.49
N PHE D 408 -24.07 20.04 8.48
CA PHE D 408 -22.99 19.81 9.46
C PHE D 408 -23.47 19.92 10.93
N TYR D 409 -22.63 19.46 11.87
CA TYR D 409 -22.91 19.55 13.29
C TYR D 409 -21.57 19.83 13.95
N CYS D 410 -21.60 20.54 15.07
N CYS D 410 -21.64 20.51 15.10
CA CYS D 410 -20.38 20.85 15.81
CA CYS D 410 -20.46 20.90 15.85
C CYS D 410 -20.34 20.00 17.07
C CYS D 410 -20.36 20.02 17.09
N LYS D 411 -19.17 19.99 17.68
CA LYS D 411 -18.82 19.12 18.80
C LYS D 411 -19.61 19.43 20.05
N THR D 412 -19.90 20.72 20.24
CA THR D 412 -20.56 21.19 21.44
C THR D 412 -22.08 21.05 21.35
N ALA D 413 -22.64 20.77 20.18
CA ALA D 413 -24.08 20.45 20.06
C ALA D 413 -24.35 19.48 18.94
N PRO D 414 -23.98 18.20 19.15
CA PRO D 414 -24.06 17.22 18.08
C PRO D 414 -25.42 16.95 17.49
N ASN D 415 -26.51 17.43 18.10
CA ASN D 415 -27.83 17.24 17.48
C ASN D 415 -28.32 18.42 16.63
N ARG D 416 -27.55 19.48 16.58
CA ARG D 416 -27.95 20.70 15.88
C ARG D 416 -27.24 20.85 14.53
N ALA D 417 -28.03 20.78 13.47
CA ALA D 417 -27.57 20.94 12.11
C ALA D 417 -27.21 22.36 11.81
N ILE D 418 -26.11 22.57 11.08
CA ILE D 418 -25.73 23.90 10.61
C ILE D 418 -25.29 23.89 9.15
N ARG D 419 -25.25 25.09 8.58
CA ARG D 419 -24.80 25.36 7.23
C ARG D 419 -23.44 26.01 7.32
N ILE D 420 -22.56 25.65 6.38
CA ILE D 420 -21.22 26.22 6.24
C ILE D 420 -21.06 26.70 4.80
N THR D 421 -20.81 28.01 4.65
CA THR D 421 -20.54 28.66 3.37
C THR D 421 -19.07 28.55 2.98
N LYS D 422 -18.82 28.71 1.68
CA LYS D 422 -17.49 28.64 1.13
C LYS D 422 -16.51 29.65 1.76
N ASN D 423 -16.94 30.88 2.00
CA ASN D 423 -16.09 31.87 2.70
C ASN D 423 -15.76 31.51 4.13
N GLN D 424 -16.57 30.69 4.79
CA GLN D 424 -16.16 30.18 6.09
C GLN D 424 -15.07 29.11 6.05
N VAL D 425 -14.68 28.65 4.86
CA VAL D 425 -13.75 27.54 4.74
C VAL D 425 -12.39 28.03 4.28
N SER D 426 -12.32 28.63 3.09
CA SER D 426 -11.03 28.99 2.51
C SER D 426 -11.22 29.86 1.29
N GLN D 427 -10.28 30.78 1.10
CA GLN D 427 -10.17 31.59 -0.11
C GLN D 427 -9.45 30.81 -1.23
N LEU D 428 -8.84 29.67 -0.91
CA LEU D 428 -8.12 28.87 -1.91
C LEU D 428 -8.99 27.85 -2.70
N LEU D 429 -10.30 27.95 -2.63
CA LEU D 429 -11.17 26.94 -3.21
C LEU D 429 -11.65 27.43 -4.55
N PRO D 430 -12.16 26.57 -5.41
CA PRO D 430 -12.72 27.07 -6.71
C PRO D 430 -13.74 28.19 -6.58
N GLU D 431 -13.74 29.14 -7.50
CA GLU D 431 -14.85 30.13 -7.61
C GLU D 431 -15.96 29.66 -8.50
N LYS D 432 -15.67 28.72 -9.39
CA LYS D 432 -16.68 28.12 -10.25
C LYS D 432 -16.62 26.62 -10.03
N PHE D 433 -17.72 25.96 -10.33
CA PHE D 433 -17.88 24.54 -10.10
C PHE D 433 -18.22 23.76 -11.35
N ALA D 434 -18.24 24.44 -12.49
CA ALA D 434 -18.48 23.80 -13.78
C ALA D 434 -17.70 24.50 -14.91
N GLU D 435 -17.28 23.74 -15.91
CA GLU D 435 -16.60 24.25 -17.07
C GLU D 435 -16.71 23.21 -18.18
N GLN D 436 -16.43 23.63 -19.40
CA GLN D 436 -16.43 22.73 -20.56
C GLN D 436 -15.04 22.62 -21.18
N LEU D 437 -14.63 21.37 -21.48
CA LEU D 437 -13.47 21.07 -22.30
C LEU D 437 -13.91 20.66 -23.69
N ILE D 438 -13.21 21.19 -24.68
CA ILE D 438 -13.48 20.86 -26.06
C ILE D 438 -12.21 20.24 -26.58
N ARG D 439 -12.30 18.96 -26.99
CA ARG D 439 -11.20 18.24 -27.61
C ARG D 439 -11.50 18.03 -29.12
N VAL D 440 -10.46 18.20 -29.95
CA VAL D 440 -10.64 18.00 -31.37
C VAL D 440 -9.72 16.92 -31.82
N TYR D 441 -10.26 16.01 -32.64
CA TYR D 441 -9.50 14.91 -33.21
C TYR D 441 -9.71 14.91 -34.71
N CYS D 442 -8.76 14.33 -35.42
CA CYS D 442 -8.84 14.19 -36.84
C CYS D 442 -8.86 12.72 -37.21
N LYS D 443 -9.81 12.28 -38.03
CA LYS D 443 -9.86 10.88 -38.52
C LYS D 443 -8.82 10.50 -39.59
N LYS D 444 -8.17 11.50 -40.20
CA LYS D 444 -7.09 11.32 -41.14
C LYS D 444 -5.80 11.48 -40.37
N VAL D 445 -4.97 10.46 -40.46
CA VAL D 445 -3.87 10.25 -39.54
C VAL D 445 -2.46 10.45 -40.12
N ASP D 446 -2.36 10.67 -41.44
CA ASP D 446 -1.05 11.02 -42.08
C ASP D 446 -0.53 12.37 -41.59
N ARG D 447 0.78 12.55 -41.61
CA ARG D 447 1.39 13.76 -41.06
C ARG D 447 0.86 15.06 -41.70
N LYS D 448 0.60 15.03 -42.99
CA LYS D 448 0.10 16.20 -43.69
C LYS D 448 -1.30 16.56 -43.22
N SER D 449 -2.20 15.58 -43.07
CA SER D 449 -3.56 15.86 -42.57
C SER D 449 -3.52 16.42 -41.15
N LEU D 450 -2.73 15.80 -40.29
CA LEU D 450 -2.59 16.23 -38.90
C LEU D 450 -2.04 17.64 -38.76
N TYR D 451 -1.10 18.03 -39.61
CA TYR D 451 -0.56 19.37 -39.60
C TYR D 451 -1.68 20.32 -40.01
N ALA D 452 -2.49 19.92 -40.99
CA ALA D 452 -3.60 20.77 -41.40
C ALA D 452 -4.67 20.92 -40.36
N ALA D 453 -5.04 19.80 -39.77
CA ALA D 453 -6.05 19.74 -38.69
C ALA D 453 -5.68 20.70 -37.58
N ARG D 454 -4.41 20.73 -37.22
CA ARG D 454 -3.92 21.71 -36.23
C ARG D 454 -4.08 23.15 -36.59
N GLN D 455 -3.95 23.47 -37.87
CA GLN D 455 -4.12 24.88 -38.31
C GLN D 455 -5.59 25.22 -38.31
N TYR D 456 -6.46 24.39 -38.84
CA TYR D 456 -7.90 24.69 -38.70
C TYR D 456 -8.35 24.85 -37.22
N PHE D 457 -7.86 23.97 -36.35
CA PHE D 457 -8.25 23.95 -34.95
C PHE D 457 -7.89 25.26 -34.27
N VAL D 458 -6.66 25.67 -34.43
CA VAL D 458 -6.25 26.86 -33.69
C VAL D 458 -6.91 28.08 -34.31
N GLN D 459 -7.13 28.04 -35.63
CA GLN D 459 -7.85 29.14 -36.25
C GLN D 459 -9.24 29.21 -35.70
N TRP D 460 -9.91 28.08 -35.60
CA TRP D 460 -11.25 28.02 -35.01
C TRP D 460 -11.31 28.53 -33.55
N CYS D 461 -10.37 28.12 -32.71
CA CYS D 461 -10.32 28.68 -31.36
C CYS D 461 -10.23 30.19 -31.39
N ALA D 462 -9.38 30.69 -32.29
CA ALA D 462 -9.21 32.16 -32.45
C ALA D 462 -10.50 32.85 -32.92
N ASP D 463 -11.19 32.25 -33.89
CA ASP D 463 -12.48 32.76 -34.39
C ASP D 463 -13.53 32.83 -33.29
N ARG D 464 -13.60 31.77 -32.48
CA ARG D 464 -14.62 31.70 -31.41
C ARG D 464 -14.24 32.42 -30.12
N ASN D 465 -13.05 32.99 -30.05
CA ASN D 465 -12.48 33.55 -28.83
C ASN D 465 -12.44 32.52 -27.61
N PHE D 466 -12.16 31.26 -27.94
CA PHE D 466 -11.78 30.23 -26.97
C PHE D 466 -10.36 30.41 -26.43
N THR D 467 -9.99 29.60 -25.44
CA THR D 467 -8.66 29.73 -24.84
C THR D 467 -7.59 29.31 -25.83
N LYS D 468 -6.44 29.90 -25.71
CA LYS D 468 -5.27 29.52 -26.49
C LYS D 468 -4.86 28.12 -26.09
N PRO D 469 -4.87 27.17 -27.03
CA PRO D 469 -4.39 25.87 -26.63
C PRO D 469 -2.99 25.99 -26.05
N GLN D 470 -2.66 25.10 -25.13
CA GLN D 470 -1.40 25.19 -24.41
C GLN D 470 -0.17 25.15 -25.30
N ASP D 471 -0.24 24.29 -26.31
CA ASP D 471 0.82 24.10 -27.29
C ASP D 471 0.59 24.93 -28.57
N GLY D 472 -0.30 25.94 -28.52
CA GLY D 472 -0.71 26.70 -29.70
C GLY D 472 0.39 27.37 -30.49
N ASP D 473 1.36 27.97 -29.81
CA ASP D 473 2.52 28.57 -30.51
C ASP D 473 3.46 27.54 -31.12
N VAL D 474 3.44 26.30 -30.65
CA VAL D 474 4.28 25.26 -31.22
C VAL D 474 3.59 24.59 -32.41
N ILE D 475 2.31 24.22 -32.28
CA ILE D 475 1.61 23.49 -33.35
C ILE D 475 1.14 24.39 -34.47
N ALA D 476 0.82 25.64 -34.15
CA ALA D 476 0.31 26.59 -35.15
C ALA D 476 0.97 27.96 -35.01
N PRO D 477 2.30 28.03 -35.23
CA PRO D 477 3.03 29.32 -35.04
C PRO D 477 2.62 30.44 -35.97
N LEU D 478 2.03 30.12 -37.13
CA LEU D 478 1.56 31.14 -38.06
C LEU D 478 0.16 31.65 -37.75
N ILE D 479 -0.58 30.97 -36.88
CA ILE D 479 -1.96 31.35 -36.53
C ILE D 479 -2.10 32.14 -35.23
N THR D 480 -1.29 31.82 -34.22
CA THR D 480 -1.46 32.42 -32.90
C THR D 480 -1.08 33.94 -32.77
N PRO D 481 -0.10 34.46 -33.54
CA PRO D 481 0.18 35.91 -33.44
C PRO D 481 -1.00 36.82 -33.84
N GLN D 482 -1.89 36.37 -34.72
CA GLN D 482 -3.09 37.18 -35.07
C GLN D 482 -3.96 37.65 -33.88
N LYS D 483 -3.91 36.92 -32.76
CA LYS D 483 -4.84 37.07 -31.64
C LYS D 483 -4.15 37.79 -30.48
N LYS D 484 -4.45 39.08 -30.36
CA LYS D 484 -3.82 39.95 -29.34
C LYS D 484 -4.10 39.45 -27.91
N GLU D 485 -5.35 39.04 -27.65
CA GLU D 485 -5.71 38.42 -26.32
C GLU D 485 -4.75 37.28 -25.89
N TRP D 486 -4.20 36.54 -26.86
CA TRP D 486 -3.27 35.46 -26.60
C TRP D 486 -1.78 35.81 -26.55
N ASN D 487 -1.37 36.91 -27.17
CA ASN D 487 0.04 37.07 -27.66
C ASN D 487 0.59 35.86 -28.47
C2 F6G E . -2.77 -20.42 -12.14
C4 F6G E . -2.24 -22.68 -12.04
C6 F6G E . -0.59 -21.15 -12.55
N4 F6G E . -2.71 -24.01 -11.86
N03 F6G E . -0.99 -22.43 -12.38
N1 F6G E . -1.47 -20.10 -12.43
C1' F6G E . -1.08 -18.79 -12.62
C2' F6G E . -0.42 -18.09 -11.41
C3' F6G E . 0.50 -17.29 -11.90
O3' F6G E . -0.02 -15.92 -12.10
C4' F6G E . 0.91 -17.97 -13.35
C5' F6G E . 2.15 -18.84 -13.39
O5' F6G E . 2.20 -19.68 -12.26
PA F6G E . 3.23 -21.01 -12.15
O1A F6G E . 2.97 -21.64 -10.79
O2A F6G E . 3.01 -22.01 -13.29
O3A F6G E . 4.76 -20.45 -12.06
PB F6G E . 6.07 -21.13 -12.70
O1B F6G E . 5.95 -22.64 -12.40
O2B F6G E . 7.14 -20.40 -11.96
O3B F6G E . 6.20 -20.90 -14.39
PG F6G E . 5.01 -21.16 -15.56
O3G F6G E . 5.52 -21.36 -16.97
O1G F6G E . 4.22 -22.44 -15.25
O2G F6G E . 4.12 -19.94 -15.57
O4' F6G E . -0.03 -18.72 -13.73
O2 F6G E . -3.62 -19.58 -11.96
N3 F6G E . -3.15 -21.69 -11.95
PG GTP F . -21.00 -23.35 -0.43
O1G GTP F . -20.15 -22.53 0.51
O2G GTP F . -22.21 -22.61 -0.82
O3G GTP F . -21.18 -24.77 -0.01
O3B GTP F . -20.27 -23.58 -1.87
PB GTP F . -18.71 -23.59 -2.29
O1B GTP F . -17.75 -23.34 -1.14
O2B GTP F . -18.46 -24.73 -3.22
O3A GTP F . -18.69 -22.37 -3.32
PA GTP F . -18.89 -20.86 -2.97
O1A GTP F . -18.92 -20.54 -1.47
O2A GTP F . -20.04 -20.19 -3.77
O5' GTP F . -17.66 -20.16 -3.72
C5' GTP F . -16.41 -20.00 -3.12
C4' GTP F . -16.11 -18.56 -2.78
O4' GTP F . -16.05 -17.79 -3.99
C3' GTP F . -17.14 -17.89 -1.91
O3' GTP F . -16.92 -18.36 -0.58
C2' GTP F . -16.90 -16.40 -2.24
O2' GTP F . -15.88 -15.82 -1.41
C1' GTP F . -16.27 -16.43 -3.62
N9 GTP F . -17.04 -15.83 -4.71
C8 GTP F . -16.52 -14.97 -5.59
N7 GTP F . -17.41 -14.59 -6.52
C5 GTP F . -18.56 -15.22 -6.18
C6 GTP F . -19.92 -15.24 -6.74
O6 GTP F . -20.17 -14.59 -7.74
N1 GTP F . -20.85 -16.02 -6.12
C2 GTP F . -20.51 -16.74 -5.02
N2 GTP F . -21.43 -17.50 -4.45
N3 GTP F . -19.29 -16.79 -4.45
C4 GTP F . -18.29 -16.05 -5.01
C2 F6G G . 16.40 -5.87 4.64
C4 F6G G . 17.06 -8.06 5.05
C6 F6G G . 18.44 -6.31 5.67
N4 F6G G . 16.81 -9.50 4.92
N03 F6G G . 18.23 -7.65 5.61
N1 F6G G . 17.55 -5.38 5.22
C1' F6G G . 17.77 -4.01 5.26
C2' F6G G . 18.60 -3.28 6.36
C3' F6G G . 19.30 -2.32 5.79
O3' F6G G . 18.61 -1.02 5.69
C4' F6G G . 19.48 -2.81 4.26
C5' F6G G . 20.90 -3.36 4.13
O5' F6G G . 21.07 -4.38 5.12
PA F6G G . 22.16 -5.58 4.84
O1A F6G G . 21.86 -6.62 5.87
O2A F6G G . 22.15 -6.03 3.43
O3A F6G G . 23.53 -4.78 5.07
PB F6G G . 24.81 -5.20 5.99
O1B F6G G . 24.40 -5.60 7.36
O2B F6G G . 25.60 -3.92 5.96
O3B F6G G . 25.49 -6.40 5.22
PG F6G G . 26.92 -6.36 4.46
O3G F6G G . 27.46 -7.74 4.78
O1G F6G G . 26.76 -6.25 2.95
O2G F6G G . 27.77 -5.28 5.09
O4' F6G G . 18.62 -3.75 4.04
O2 F6G G . 15.55 -5.10 4.20
N3 F6G G . 16.15 -7.17 4.57
C2 F6G H . 5.58 20.87 10.00
C4 F6G H . 5.14 23.18 9.90
C6 F6G H . 6.48 22.17 8.31
N4 F6G H . 4.47 24.35 10.44
N03 F6G H . 5.89 23.28 8.83
N1 F6G H . 6.34 20.95 8.87
C1' F6G H . 6.92 19.85 8.32
C2' F6G H . 6.13 19.22 7.11
C3' F6G H . 7.02 18.80 6.27
O3' F6G H . 7.56 17.44 6.55
C4' F6G H . 8.33 19.79 6.49
C5' F6G H . 8.46 20.96 5.51
O5' F6G H . 7.18 21.41 5.05
PA F6G H . 6.99 23.00 4.50
O1A F6G H . 8.02 23.91 5.18
O2A F6G H . 5.58 23.47 4.66
O3A F6G H . 7.17 23.05 2.87
PB F6G H . 8.34 23.97 2.24
O1B F6G H . 8.22 23.50 0.83
O2B F6G H . 7.91 25.43 2.47
O3B F6G H . 9.89 23.60 2.83
PG F6G H . 10.78 23.99 4.21
O3G F6G H . 11.11 22.77 5.11
O1G F6G H . 10.11 25.09 5.06
O2G F6G H . 12.08 24.58 3.74
O4' F6G H . 8.28 20.21 7.70
O2 F6G H . 5.35 19.82 10.61
N3 F6G H . 4.99 21.99 10.50
MG MG I . 27.61 -3.39 5.90
C2 F6G J . -1.44 8.84 -15.65
C4 F6G J . -2.19 11.03 -16.14
C6 F6G J . -2.04 9.46 -17.82
N4 F6G J . -2.45 12.43 -15.69
N03 F6G J . -2.36 10.74 -17.43
N1 F6G J . -1.60 8.48 -16.98
C1' F6G J . -1.26 7.21 -17.41
C2' F6G J . -1.91 6.51 -18.65
C3' F6G J . -0.95 5.92 -19.33
O3' F6G J . -0.72 4.53 -18.93
C4' F6G J . 0.44 6.70 -18.93
C5' F6G J . 0.80 7.61 -20.06
O5' F6G J . -0.34 8.41 -20.41
PA F6G J . -0.10 9.86 -21.13
O1A F6G J . 1.14 10.53 -20.60
O2A F6G J . -1.37 10.66 -20.97
O3A F6G J . 0.28 9.43 -22.63
PB F6G J . -0.40 9.91 -24.04
O1B F6G J . -1.90 10.03 -24.12
O2B F6G J . 0.23 8.95 -25.02
O3B F6G J . 0.22 11.41 -24.20
PG F6G J . 1.31 11.97 -25.31
O3G F6G J . 0.71 13.29 -25.58
O1G F6G J . 1.34 11.11 -26.54
O2G F6G J . 2.60 12.06 -24.60
O4' F6G J . 0.19 7.37 -17.84
O2 F6G J . -1.02 8.04 -14.78
N3 F6G J . -1.73 10.08 -15.27
MG MG K . 1.06 9.08 -26.96
C2 F6G L . -8.28 -16.16 0.62
C4 F6G L . -7.45 -18.22 1.26
C6 F6G L . -9.42 -18.09 0.05
N4 F6G L . -6.42 -19.00 1.98
N03 F6G L . -8.48 -18.86 0.66
N1 F6G L . -9.36 -16.73 0.00
C1' F6G L . -10.31 -15.95 -0.57
C2' F6G L . -11.22 -16.40 -1.76
C3' F6G L . -12.42 -15.89 -1.52
O3' F6G L . -12.80 -14.59 -2.14
C4' F6G L . -12.55 -15.69 0.11
C5' F6G L . -13.31 -16.86 0.71
O5' F6G L . -12.73 -18.04 0.28
PA F6G L . -12.82 -19.43 1.15
O1A F6G L . -12.66 -19.14 2.62
O2A F6G L . -11.83 -20.44 0.64
O3A F6G L . -14.38 -19.87 0.93
PB F6G L . -15.04 -21.18 0.32
O1B F6G L . -16.47 -20.81 -0.04
O2B F6G L . -14.28 -21.89 -0.68
O3B F6G L . -14.88 -22.14 1.62
PG F6G L . -16.05 -22.82 2.57
O3G F6G L . -15.40 -24.16 2.84
O1G F6G L . -17.38 -22.89 1.85
O2G F6G L . -16.10 -21.97 3.80
O4' F6G L . -11.34 -15.60 0.54
O2 F6G L . -8.14 -14.96 0.66
N3 F6G L . -7.34 -16.88 1.24
MG MG M . -18.20 -21.85 0.14
PG GTP N . -10.90 17.19 23.75
O1G GTP N . -10.81 16.23 24.85
O2G GTP N . -11.77 18.41 23.94
O3G GTP N . -11.21 16.38 22.51
O3B GTP N . -9.41 17.80 23.62
PB GTP N . -8.63 18.40 22.35
O1B GTP N . -8.05 19.73 22.59
O2B GTP N . -9.39 18.26 21.03
O3A GTP N . -7.32 17.45 22.44
PA GTP N . -7.40 15.87 22.26
O1A GTP N . -6.92 15.11 23.49
O2A GTP N . -8.71 15.47 21.72
O5' GTP N . -6.21 15.77 21.24
C5' GTP N . -6.35 15.77 19.81
C4' GTP N . -6.16 14.37 19.24
O4' GTP N . -4.83 13.87 19.42
C3' GTP N . -7.07 13.28 19.77
O3' GTP N . -8.35 13.36 19.14
C2' GTP N . -6.28 12.00 19.45
O2' GTP N . -6.77 11.42 18.28
C1' GTP N . -4.86 12.46 19.18
N9 GTP N . -3.84 11.84 20.07
C8 GTP N . -2.67 11.28 19.73
N7 GTP N . -2.04 10.84 20.82
C5 GTP N . -2.79 11.12 21.86
C6 GTP N . -2.70 10.93 23.31
O6 GTP N . -1.69 10.42 23.82
N1 GTP N . -3.72 11.36 24.05
C2 GTP N . -4.82 11.97 23.57
N2 GTP N . -5.79 12.39 24.42
N3 GTP N . -4.98 12.16 22.23
C4 GTP N . -3.98 11.78 21.37
C2 F6G O . 12.95 -6.99 18.78
C4 F6G O . 13.99 -8.87 19.73
C6 F6G O . 11.68 -8.64 19.80
N4 F6G O . 15.22 -9.57 20.01
N03 F6G O . 12.82 -9.35 20.09
N1 F6G O . 11.71 -7.46 19.15
C1' F6G O . 10.59 -6.77 18.85
C2' F6G O . 9.83 -7.34 17.62
C3' F6G O . 8.57 -7.21 17.86
O3' F6G O . 8.02 -5.91 17.48
C4' F6G O . 8.39 -7.23 19.50
C5' F6G O . 8.04 -8.62 20.04
O5' F6G O . 8.53 -9.68 19.21
PA F6G O . 8.70 -11.26 19.84
O1A F6G O . 9.09 -11.18 21.31
O2A F6G O . 9.78 -11.99 19.05
O3A F6G O . 7.34 -12.17 19.56
PB F6G O . 6.50 -12.70 20.84
O1B F6G O . 5.07 -13.05 20.54
O2B F6G O . 7.28 -13.93 21.32
O3B F6G O . 6.47 -11.38 21.88
PG F6G O . 6.91 -11.24 23.47
O3G F6G O . 6.03 -12.30 24.13
O1G F6G O . 6.67 -9.84 24.01
O2G F6G O . 8.39 -11.45 23.68
O4' F6G O . 9.52 -6.81 19.96
O2 F6G O . 13.14 -5.93 18.18
N3 F6G O . 14.06 -7.70 19.07
PG GTP P . 30.62 -2.52 6.61
O1G GTP P . 31.14 -1.13 6.43
O2G GTP P . 31.67 -3.58 6.53
O3G GTP P . 29.46 -2.86 5.70
O3B GTP P . 30.19 -2.55 8.16
PB GTP P . 28.89 -3.27 8.77
O1B GTP P . 29.18 -3.87 10.08
O2B GTP P . 28.23 -4.07 7.65
O3A GTP P . 28.01 -2.04 9.31
PA GTP P . 27.19 -1.09 8.26
O1A GTP P . 27.48 0.34 8.57
O2A GTP P . 27.21 -1.59 6.84
O5' GTP P . 25.72 -1.17 8.90
C5' GTP P . 24.70 -2.06 8.40
C4' GTP P . 23.57 -1.39 7.57
O4' GTP P . 22.88 -0.36 8.32
C3' GTP P . 24.05 -0.68 6.34
O3' GTP P . 24.27 -1.65 5.29
C2' GTP P . 22.93 0.32 6.08
O2' GTP P . 21.92 -0.14 5.17
C1' GTP P . 22.24 0.52 7.40
N9 GTP P . 22.26 1.83 8.02
C8 GTP P . 21.22 2.42 8.60
N7 GTP P . 21.56 3.63 9.14
C5 GTP P . 22.86 3.78 8.90
C6 GTP P . 23.83 4.82 9.20
O6 GTP P . 23.53 5.82 9.86
N1 GTP P . 25.07 4.60 8.77
C2 GTP P . 25.44 3.46 8.13
N2 GTP P . 26.70 3.33 7.78
N3 GTP P . 24.58 2.46 7.80
C4 GTP P . 23.31 2.58 8.18
C2 F6G Q . -6.65 13.15 10.42
C4 F6G Q . -7.56 15.18 9.73
C6 F6G Q . -6.91 14.91 11.93
N4 F6G Q . -8.16 15.93 8.61
N03 F6G Q . -7.43 15.73 10.96
N1 F6G Q . -6.51 13.62 11.71
C1' F6G Q . -6.01 12.78 12.67
C2' F6G Q . -5.33 13.21 14.03
C3' F6G Q . -5.78 12.40 14.95
O3' F6G Q . -5.05 11.15 14.98
C4' F6G Q . -7.26 11.95 14.48
C5' F6G Q . -8.35 12.75 15.21
O5' F6G Q . -8.10 14.11 14.99
PA F6G Q . -9.28 15.27 14.99
O1A F6G Q . -8.63 16.50 14.50
O2A F6G Q . -10.61 14.77 14.55
O3A F6G Q . -9.51 15.32 16.57
PB F6G Q . -9.52 16.47 17.62
O1B F6G Q . -9.51 15.75 18.94
O2B F6G Q . -8.41 17.46 17.39
O3B F6G Q . -10.89 17.29 17.39
PG F6G Q . -12.23 17.43 18.24
O3G F6G Q . -12.70 18.80 17.87
O1G F6G Q . -13.26 16.44 17.74
O2G F6G Q . -11.98 17.21 19.73
O4' F6G Q . -7.27 12.08 13.17
O2 F6G Q . -6.32 12.01 10.10
N3 F6G Q . -7.15 13.91 9.47
MG MG R . -10.32 16.45 20.58
C2 F6G S . -15.80 6.60 -16.75
C4 F6G S . -16.88 8.49 -17.64
C6 F6G S . -17.50 7.66 -15.56
N4 F6G S . -17.03 9.45 -18.71
N03 F6G S . -17.66 8.58 -16.57
N1 F6G S . -16.60 6.62 -15.63
C1' F6G S . -16.40 5.72 -14.57
C2' F6G S . -15.60 6.27 -13.32
C3' F6G S . -16.10 5.70 -12.28
O3' F6G S . -15.58 4.35 -11.95
C4' F6G S . -17.66 5.43 -12.67
C5' F6G S . -18.65 6.52 -12.23
O5' F6G S . -18.05 7.80 -12.31
PA F6G S . -19.05 9.17 -12.37
O1A F6G S . -18.20 10.43 -12.53
O2A F6G S . -20.16 9.12 -13.41
O3A F6G S . -19.62 9.20 -10.84
PB F6G S . -20.81 10.15 -10.35
O1B F6G S . -21.00 11.30 -11.36
O2B F6G S . -20.20 10.72 -9.12
O3B F6G S . -22.13 9.07 -10.28
PG F6G S . -22.53 8.12 -11.63
O3G F6G S . -23.99 7.77 -11.85
O1G F6G S . -22.26 8.94 -12.88
O2G F6G S . -21.74 6.80 -11.60
O4' F6G S . -17.69 5.22 -13.93
O2 F6G S . -14.95 5.75 -16.88
N3 F6G S . -15.96 7.50 -17.73
PG GTP T . 1.27 8.75 -30.16
O1G GTP T . 1.87 8.99 -28.80
O2G GTP T . 1.00 9.96 -30.98
O3G GTP T . 1.93 7.47 -30.64
O3B GTP T . -0.30 8.28 -30.01
PB GTP T . -1.42 8.71 -28.92
O1B GTP T . -0.82 9.46 -27.76
O2B GTP T . -2.66 9.15 -29.61
O3A GTP T . -1.87 7.21 -28.46
PA GTP T . -0.88 6.27 -27.67
O1A GTP T . 0.28 7.02 -27.14
O2A GTP T . -0.61 4.97 -28.31
O5' GTP T . -1.74 5.82 -26.38
C5' GTP T . -1.87 6.51 -25.12
C4' GTP T . -1.19 5.72 -23.99
O4' GTP T . -1.85 4.44 -23.85
C3' GTP T . 0.29 5.39 -24.23
O3' GTP T . 1.11 6.53 -23.91
C2' GTP T . 0.47 4.18 -23.35
O2' GTP T . 0.87 4.62 -22.07
C1' GTP T . -0.90 3.61 -23.10
N9 GTP T . -1.15 2.24 -23.48
C8 GTP T . -1.78 1.27 -22.76
N7 GTP T . -1.89 0.11 -23.46
C5 GTP T . -1.33 0.37 -24.64
C6 GTP T . -1.15 -0.40 -25.86
O6 GTP T . -1.54 -1.59 -25.92
N1 GTP T . -0.54 0.25 -26.86
C2 GTP T . -0.12 1.56 -26.78
N2 GTP T . 0.48 2.15 -27.82
N3 GTP T . -0.29 2.34 -25.70
C4 GTP T . -0.87 1.78 -24.66
#